data_4Z2E
#
_entry.id   4Z2E
#
_cell.length_a   94.190
_cell.length_b   96.620
_cell.length_c   275.210
_cell.angle_alpha   90.00
_cell.angle_beta   90.00
_cell.angle_gamma   90.00
#
_symmetry.space_group_name_H-M   'P 21 21 21'
#
loop_
_entity.id
_entity.type
_entity.pdbx_description
1 polymer 'DNA gyrase subunit A'
2 polymer 'DNA gyrase subunit B'
3 polymer 'Symmetrized E-site DNA'
4 polymer 'Symmetrized E-site DNA'
5 non-polymer Trovafloxacin
6 non-polymer 'MAGNESIUM ION'
7 water water
#
loop_
_entity_poly.entity_id
_entity_poly.type
_entity_poly.pdbx_seq_one_letter_code
_entity_poly.pdbx_strand_id
1 'polypeptide(L)'
;MQDKNLVNVNLTKEMKASFIDYAMSVIVARALPDVRDGLKPVHRRILYGMNELGVTPDKPHKKSARITGDVMGKYHPHGD
SSIYEAMVRMAQWWSYRYMLVDGHGNFGSMDGDSAAAQRYTEARMSKIALEMLRDINKNTVDFVDNYDANEREPLVLPAR
FPNLLVNGATGIAVGMATNIPPHNLGETIDAVKLVMDNPEVTTKDLMEVLPGPDFPTGALVMGKSGIHKAYETGKGSIVL
RSRTEIETTKTGRERIVVTEFPYMVNKTKVHEHIVRLVQEKRIEGITAVRDESNREGVRFVIEVKRDASANVILNNLFKM
TQMQTNFGFNMLAIQNGIPKILSLRQILDAYIEHQKEVVVRRTRFDKEKAEARAHILEGLLIALDHIDEVIRIIRASETD
AEAQAELMSKFKLSERQSQAILDMRLRRLTGLERDKIQSEYDDLLALIADLADILAKPERVSQIIKDELDEVKRKFSDKR
RTELMVGQILSLEHHHHHH
;
A,B
2 'polypeptide(L)'
;MGHHHHHHHHHHSSGHIDDDDKHMKSGLEISNLPGKLADCSSNNPAETELFIVEGDSAGGSAKSGRNREFQAILPIRGKI
LNVEKASMDKILANEEIRSLFTAMGTGFGAEFDVSKARYQKLVLMTDADVDGAHIRTLLLTLIYRYMKPILEAGYVYIAQ
PPIYGVKVGSEIKEYIQPGADQEIKLQEALARYSEGRTKPTIQRYKGLGEMDDHQLWETTMDPEHRLMARVSVDDAAEAD
KIFDMLMGDRVEPRREFIEENAVYSTLDV
;
C,D
3 'polydeoxyribonucleotide' (DC)(DG)(DT)(DA)(DT)(DT)(DA)(DC)(DG)(DT)(DT)(DG)(DT)(DA)(DT) E,G
4 'polydeoxyribonucleotide' (DG)(DA)(DT)(DC)(DA)(DT)(DA)(DC)(DA)(DA)(DC)(DG)(DT)(DA)(DA)(DT)(DA)(DC)(DG) F,H
#
loop_
_chem_comp.id
_chem_comp.type
_chem_comp.name
_chem_comp.formula
DA DNA linking 2'-DEOXYADENOSINE-5'-MONOPHOSPHATE 'C10 H14 N5 O6 P'
DC DNA linking 2'-DEOXYCYTIDINE-5'-MONOPHOSPHATE 'C9 H14 N3 O7 P'
DG DNA linking 2'-DEOXYGUANOSINE-5'-MONOPHOSPHATE 'C10 H14 N5 O7 P'
DT DNA linking THYMIDINE-5'-MONOPHOSPHATE 'C10 H15 N2 O8 P'
MG non-polymer 'MAGNESIUM ION' 'Mg 2'
TR6 non-polymer Trovafloxacin 'C20 H15 F3 N4 O3'
#
# COMPACT_ATOMS: atom_id res chain seq x y z
N GLN A 2 21.01 5.68 -37.98
CA GLN A 2 19.56 5.66 -37.81
C GLN A 2 19.07 4.25 -37.52
N ASP A 3 17.84 3.96 -37.95
CA ASP A 3 17.24 2.66 -37.73
C ASP A 3 17.43 1.75 -38.94
N LYS A 4 17.01 0.49 -38.80
CA LYS A 4 17.10 -0.48 -39.89
C LYS A 4 15.72 -0.85 -40.39
N ASN A 5 14.98 -1.58 -39.56
CA ASN A 5 13.61 -1.98 -39.91
C ASN A 5 12.58 -0.96 -39.44
N LEU A 6 12.19 -0.07 -40.34
CA LEU A 6 11.23 0.97 -40.02
C LEU A 6 9.93 0.80 -40.79
N VAL A 7 8.82 0.79 -40.07
CA VAL A 7 7.50 0.66 -40.67
C VAL A 7 6.85 2.03 -40.85
N ASN A 8 5.72 2.05 -41.53
CA ASN A 8 4.99 3.29 -41.76
C ASN A 8 3.56 3.21 -41.24
N VAL A 9 3.16 4.18 -40.42
CA VAL A 9 1.83 4.20 -39.84
C VAL A 9 1.06 5.45 -40.26
N ASN A 10 -0.16 5.25 -40.76
CA ASN A 10 -1.03 6.36 -41.12
C ASN A 10 -1.61 7.01 -39.86
N LEU A 11 -1.54 8.34 -39.82
CA LEU A 11 -2.00 9.10 -38.66
C LEU A 11 -3.46 8.82 -38.34
N THR A 12 -4.30 8.86 -39.37
CA THR A 12 -5.73 8.61 -39.20
C THR A 12 -5.98 7.16 -38.81
N LYS A 13 -5.13 6.26 -39.30
CA LYS A 13 -5.26 4.84 -39.02
C LYS A 13 -4.90 4.53 -37.58
N GLU A 14 -3.72 4.96 -37.16
CA GLU A 14 -3.22 4.70 -35.81
C GLU A 14 -4.09 5.37 -34.74
N MET A 15 -4.52 6.59 -35.03
CA MET A 15 -5.31 7.36 -34.07
C MET A 15 -6.66 6.70 -33.80
N LYS A 16 -7.29 6.21 -34.85
CA LYS A 16 -8.59 5.54 -34.71
C LYS A 16 -8.46 4.23 -33.96
N ALA A 17 -7.33 3.55 -34.14
CA ALA A 17 -7.07 2.28 -33.48
C ALA A 17 -6.81 2.48 -31.99
N SER A 18 -5.93 3.42 -31.67
CA SER A 18 -5.56 3.70 -30.29
C SER A 18 -6.74 4.22 -29.48
N PHE A 19 -7.55 5.06 -30.11
CA PHE A 19 -8.71 5.64 -29.43
C PHE A 19 -9.79 4.60 -29.22
N ILE A 20 -10.02 3.77 -30.23
CA ILE A 20 -11.02 2.71 -30.14
C ILE A 20 -10.67 1.73 -29.04
N ASP A 21 -9.37 1.56 -28.81
CA ASP A 21 -8.89 0.66 -27.75
C ASP A 21 -9.20 1.25 -26.38
N TYR A 22 -8.72 2.47 -26.14
CA TYR A 22 -8.95 3.16 -24.88
C TYR A 22 -10.45 3.38 -24.64
N ALA A 23 -11.19 3.55 -25.72
CA ALA A 23 -12.63 3.76 -25.64
C ALA A 23 -13.34 2.57 -24.98
N MET A 24 -13.25 1.42 -25.62
CA MET A 24 -13.90 0.20 -25.12
C MET A 24 -13.34 -0.20 -23.75
N SER A 25 -12.06 0.06 -23.54
CA SER A 25 -11.41 -0.27 -22.28
C SER A 25 -12.07 0.46 -21.11
N VAL A 26 -12.34 1.75 -21.30
CA VAL A 26 -12.95 2.56 -20.26
C VAL A 26 -14.43 2.22 -20.08
N ILE A 27 -15.10 1.93 -21.19
CA ILE A 27 -16.53 1.65 -21.19
C ILE A 27 -16.88 0.39 -20.41
N VAL A 28 -16.34 -0.74 -20.84
CA VAL A 28 -16.71 -2.04 -20.26
C VAL A 28 -15.71 -2.55 -19.23
N ALA A 29 -14.73 -1.72 -18.88
CA ALA A 29 -13.69 -2.16 -17.94
C ALA A 29 -13.16 -1.04 -17.05
N ARG A 30 -14.02 -0.08 -16.70
CA ARG A 30 -13.62 1.00 -15.80
C ARG A 30 -14.80 1.86 -15.35
N ALA A 31 -15.36 2.64 -16.27
CA ALA A 31 -16.41 3.59 -15.94
C ALA A 31 -17.73 2.91 -15.56
N LEU A 32 -18.49 2.50 -16.57
CA LEU A 32 -19.79 1.89 -16.36
C LEU A 32 -19.70 0.57 -15.59
N PRO A 33 -20.75 0.26 -14.82
CA PRO A 33 -20.83 -0.97 -14.02
C PRO A 33 -21.59 -2.09 -14.74
N ASP A 34 -21.59 -3.27 -14.14
CA ASP A 34 -22.34 -4.40 -14.69
C ASP A 34 -23.77 -4.35 -14.16
N VAL A 35 -24.73 -4.55 -15.05
CA VAL A 35 -26.15 -4.45 -14.72
C VAL A 35 -26.58 -5.51 -13.70
N ARG A 36 -25.80 -6.58 -13.59
CA ARG A 36 -26.15 -7.69 -12.71
C ARG A 36 -25.78 -7.43 -11.26
N ASP A 37 -24.50 -7.19 -10.99
CA ASP A 37 -24.04 -6.97 -9.62
C ASP A 37 -23.87 -5.49 -9.32
N GLY A 38 -24.13 -4.65 -10.31
CA GLY A 38 -24.04 -3.21 -10.15
C GLY A 38 -22.68 -2.73 -9.68
N LEU A 39 -21.64 -3.45 -10.10
CA LEU A 39 -20.28 -3.12 -9.68
C LEU A 39 -19.35 -2.82 -10.84
N LYS A 40 -18.37 -1.95 -10.59
CA LYS A 40 -17.29 -1.70 -11.54
C LYS A 40 -16.09 -2.54 -11.14
N PRO A 41 -15.16 -2.76 -12.10
CA PRO A 41 -13.98 -3.62 -11.91
C PRO A 41 -13.25 -3.39 -10.59
N VAL A 42 -12.98 -2.14 -10.25
CA VAL A 42 -12.24 -1.83 -9.03
C VAL A 42 -13.05 -2.11 -7.77
N HIS A 43 -14.37 -1.91 -7.86
CA HIS A 43 -15.25 -2.17 -6.73
C HIS A 43 -15.44 -3.67 -6.51
N ARG A 44 -15.47 -4.43 -7.60
CA ARG A 44 -15.64 -5.88 -7.53
C ARG A 44 -14.36 -6.56 -7.04
N ARG A 45 -13.22 -6.01 -7.44
CA ARG A 45 -11.92 -6.57 -7.05
C ARG A 45 -11.59 -6.28 -5.59
N ILE A 46 -12.09 -5.15 -5.09
CA ILE A 46 -11.92 -4.81 -3.68
C ILE A 46 -12.74 -5.74 -2.80
N LEU A 47 -13.99 -5.96 -3.19
CA LEU A 47 -14.89 -6.84 -2.45
C LEU A 47 -14.38 -8.28 -2.44
N TYR A 48 -14.08 -8.82 -3.61
CA TYR A 48 -13.55 -10.17 -3.73
C TYR A 48 -12.20 -10.28 -3.03
N GLY A 49 -11.36 -9.28 -3.24
CA GLY A 49 -10.04 -9.24 -2.62
C GLY A 49 -10.13 -9.26 -1.11
N MET A 50 -11.13 -8.56 -0.57
CA MET A 50 -11.35 -8.54 0.87
C MET A 50 -11.87 -9.89 1.35
N ASN A 51 -12.66 -10.55 0.51
CA ASN A 51 -13.22 -11.86 0.86
C ASN A 51 -12.12 -12.90 1.02
N GLU A 52 -11.11 -12.84 0.14
CA GLU A 52 -9.98 -13.75 0.21
C GLU A 52 -9.04 -13.37 1.34
N LEU A 53 -8.97 -12.08 1.65
CA LEU A 53 -8.14 -11.61 2.75
C LEU A 53 -8.70 -12.08 4.08
N GLY A 54 -9.97 -12.49 4.08
CA GLY A 54 -10.62 -13.01 5.26
C GLY A 54 -11.11 -11.92 6.20
N VAL A 55 -11.32 -10.72 5.66
CA VAL A 55 -11.80 -9.60 6.45
C VAL A 55 -13.31 -9.51 6.45
N THR A 56 -13.98 -10.62 6.76
CA THR A 56 -15.43 -10.66 6.83
C THR A 56 -15.93 -9.91 8.07
N PRO A 57 -17.25 -9.67 8.15
CA PRO A 57 -17.86 -8.99 9.29
C PRO A 57 -17.53 -9.68 10.62
N ASP A 58 -17.42 -11.01 10.58
CA ASP A 58 -17.09 -11.79 11.77
C ASP A 58 -15.67 -11.51 12.24
N LYS A 59 -14.73 -11.53 11.29
CA LYS A 59 -13.32 -11.30 11.59
C LYS A 59 -13.03 -9.83 11.87
N PRO A 60 -11.90 -9.54 12.50
CA PRO A 60 -11.49 -8.17 12.85
C PRO A 60 -11.05 -7.36 11.63
N HIS A 61 -10.77 -6.09 11.83
CA HIS A 61 -10.35 -5.21 10.76
C HIS A 61 -8.88 -5.42 10.42
N LYS A 62 -8.51 -5.03 9.19
CA LYS A 62 -7.13 -5.08 8.76
C LYS A 62 -6.72 -3.72 8.19
N LYS A 63 -5.43 -3.39 8.30
CA LYS A 63 -4.91 -2.12 7.80
C LYS A 63 -5.26 -1.91 6.32
N SER A 64 -5.62 -0.68 5.98
CA SER A 64 -6.03 -0.34 4.62
C SER A 64 -4.93 -0.63 3.60
N ALA A 65 -3.69 -0.38 3.97
CA ALA A 65 -2.55 -0.62 3.09
C ALA A 65 -2.43 -2.10 2.75
N ARG A 66 -2.84 -2.94 3.69
CA ARG A 66 -2.83 -4.39 3.48
C ARG A 66 -3.87 -4.82 2.46
N ILE A 67 -5.03 -4.17 2.50
CA ILE A 67 -6.13 -4.51 1.60
C ILE A 67 -5.85 -4.07 0.16
N THR A 68 -5.39 -2.83 0.01
CA THR A 68 -5.07 -2.30 -1.32
C THR A 68 -3.81 -2.95 -1.87
N GLY A 69 -2.96 -3.43 -0.98
CA GLY A 69 -1.72 -4.08 -1.38
C GLY A 69 -1.95 -5.41 -2.07
N ASP A 70 -2.98 -6.13 -1.63
CA ASP A 70 -3.29 -7.44 -2.21
C ASP A 70 -4.19 -7.31 -3.42
N VAL A 71 -5.11 -6.35 -3.38
CA VAL A 71 -6.02 -6.09 -4.48
C VAL A 71 -5.28 -5.54 -5.69
N MET A 72 -4.31 -4.67 -5.43
CA MET A 72 -3.50 -4.08 -6.49
C MET A 72 -2.46 -5.06 -7.01
N GLY A 73 -2.05 -5.99 -6.16
CA GLY A 73 -1.01 -6.94 -6.53
C GLY A 73 -1.54 -8.26 -7.04
N LYS A 74 -2.86 -8.40 -7.09
CA LYS A 74 -3.45 -9.66 -7.54
C LYS A 74 -4.61 -9.48 -8.54
N TYR A 75 -5.27 -8.33 -8.50
CA TYR A 75 -6.47 -8.14 -9.30
C TYR A 75 -6.50 -6.81 -10.05
N HIS A 76 -6.35 -5.72 -9.32
CA HIS A 76 -6.47 -4.38 -9.91
C HIS A 76 -5.11 -3.79 -10.24
N PRO A 77 -4.72 -3.84 -11.53
CA PRO A 77 -3.40 -3.41 -12.01
C PRO A 77 -3.31 -1.90 -12.21
N HIS A 78 -3.50 -1.14 -11.13
CA HIS A 78 -3.39 0.32 -11.21
C HIS A 78 -2.79 0.90 -9.94
N GLY A 79 -2.84 2.23 -9.82
CA GLY A 79 -2.28 2.91 -8.66
C GLY A 79 -2.92 2.51 -7.35
N ASP A 80 -2.15 2.61 -6.27
CA ASP A 80 -2.64 2.23 -4.95
C ASP A 80 -3.72 3.18 -4.45
N SER A 81 -3.53 4.47 -4.71
CA SER A 81 -4.47 5.49 -4.28
C SER A 81 -5.86 5.28 -4.88
N SER A 82 -5.90 4.96 -6.16
CA SER A 82 -7.17 4.76 -6.86
C SER A 82 -7.98 3.63 -6.23
N ILE A 83 -7.29 2.65 -5.66
CA ILE A 83 -7.95 1.55 -4.99
C ILE A 83 -8.41 1.94 -3.60
N TYR A 84 -7.58 2.71 -2.90
CA TYR A 84 -7.90 3.14 -1.54
C TYR A 84 -9.07 4.12 -1.53
N GLU A 85 -9.05 5.09 -2.46
CA GLU A 85 -10.12 6.06 -2.57
C GLU A 85 -11.45 5.39 -2.89
N ALA A 86 -11.39 4.40 -3.78
CA ALA A 86 -12.59 3.66 -4.16
C ALA A 86 -13.13 2.86 -2.97
N MET A 87 -12.22 2.43 -2.10
CA MET A 87 -12.60 1.68 -0.91
C MET A 87 -13.24 2.60 0.13
N VAL A 88 -12.59 3.73 0.40
CA VAL A 88 -13.07 4.68 1.39
C VAL A 88 -14.47 5.19 1.06
N ARG A 89 -14.75 5.35 -0.23
CA ARG A 89 -16.03 5.88 -0.68
C ARG A 89 -17.19 4.95 -0.33
N MET A 90 -16.98 3.65 -0.49
CA MET A 90 -18.01 2.67 -0.14
C MET A 90 -17.96 2.29 1.33
N ALA A 91 -17.51 3.23 2.16
CA ALA A 91 -17.49 3.06 3.61
C ALA A 91 -18.11 4.30 4.25
N GLN A 92 -18.55 5.23 3.40
CA GLN A 92 -19.15 6.47 3.86
C GLN A 92 -20.67 6.42 3.70
N TRP A 93 -21.38 6.77 4.76
CA TRP A 93 -22.84 6.67 4.77
C TRP A 93 -23.49 7.66 3.80
N TRP A 94 -22.75 8.70 3.43
CA TRP A 94 -23.29 9.73 2.55
C TRP A 94 -22.98 9.45 1.07
N SER A 95 -22.01 8.58 0.84
CA SER A 95 -21.61 8.23 -0.52
C SER A 95 -22.34 6.99 -1.00
N TYR A 96 -22.44 5.98 -0.13
CA TYR A 96 -23.12 4.74 -0.46
C TYR A 96 -24.39 4.58 0.38
N ARG A 97 -25.52 4.44 -0.31
CA ARG A 97 -26.83 4.28 0.33
C ARG A 97 -26.80 3.11 1.31
N TYR A 98 -26.06 2.07 0.94
CA TYR A 98 -25.82 0.94 1.83
C TYR A 98 -24.35 0.55 1.74
N MET A 99 -23.58 0.99 2.75
CA MET A 99 -22.13 0.82 2.76
C MET A 99 -21.70 -0.63 2.59
N LEU A 100 -20.60 -0.82 1.87
CA LEU A 100 -20.08 -2.16 1.60
C LEU A 100 -18.78 -2.38 2.37
N VAL A 101 -18.31 -1.34 3.05
CA VAL A 101 -17.06 -1.42 3.79
C VAL A 101 -17.17 -0.78 5.18
N ASP A 102 -16.82 -1.55 6.21
CA ASP A 102 -16.74 -1.03 7.55
C ASP A 102 -15.33 -0.58 7.86
N GLY A 103 -15.14 0.71 8.09
CA GLY A 103 -13.82 1.25 8.35
C GLY A 103 -13.62 1.63 9.81
N HIS A 104 -12.36 1.80 10.19
CA HIS A 104 -12.01 2.25 11.52
C HIS A 104 -10.95 3.34 11.44
N GLY A 105 -11.36 4.57 11.74
CA GLY A 105 -10.46 5.71 11.65
C GLY A 105 -11.04 6.80 10.77
N ASN A 106 -10.22 7.79 10.45
CA ASN A 106 -10.67 8.93 9.64
C ASN A 106 -10.92 8.56 8.18
N PHE A 107 -12.19 8.35 7.85
CA PHE A 107 -12.58 8.01 6.48
C PHE A 107 -13.21 9.21 5.77
N GLY A 108 -12.88 10.41 6.22
CA GLY A 108 -13.38 11.63 5.60
C GLY A 108 -14.72 12.06 6.15
N SER A 109 -15.11 13.29 5.85
CA SER A 109 -16.38 13.85 6.33
C SER A 109 -17.21 14.42 5.19
N MET A 110 -18.41 14.86 5.50
CA MET A 110 -19.32 15.44 4.51
C MET A 110 -18.80 16.77 4.00
N ASP A 111 -17.97 17.42 4.80
CA ASP A 111 -17.46 18.75 4.46
C ASP A 111 -16.34 18.70 3.42
N GLY A 112 -16.13 17.53 2.84
CA GLY A 112 -15.13 17.36 1.80
C GLY A 112 -13.78 16.95 2.36
N ASP A 113 -13.74 16.65 3.65
CA ASP A 113 -12.50 16.23 4.30
C ASP A 113 -12.04 14.88 3.76
N SER A 114 -10.74 14.76 3.50
CA SER A 114 -10.18 13.53 2.96
C SER A 114 -9.76 12.57 4.06
N ALA A 115 -10.11 11.30 3.89
CA ALA A 115 -9.76 10.26 4.87
C ALA A 115 -8.26 10.21 5.10
N ALA A 116 -7.87 9.80 6.30
CA ALA A 116 -6.46 9.70 6.66
C ALA A 116 -5.73 8.69 5.78
N ALA A 117 -4.40 8.74 5.80
CA ALA A 117 -3.58 7.85 4.98
C ALA A 117 -3.87 6.37 5.29
N GLN A 118 -3.47 5.50 4.36
CA GLN A 118 -3.73 4.07 4.48
C GLN A 118 -3.05 3.48 5.71
N ARG A 119 -1.95 4.11 6.14
CA ARG A 119 -1.20 3.65 7.30
C ARG A 119 -1.84 4.08 8.62
N TYR A 120 -3.12 4.41 8.57
CA TYR A 120 -3.87 4.79 9.76
C TYR A 120 -5.24 4.11 9.82
N THR A 121 -5.93 4.09 8.68
CA THR A 121 -7.27 3.53 8.62
C THR A 121 -7.27 2.04 8.32
N GLU A 122 -8.16 1.32 8.98
CA GLU A 122 -8.34 -0.12 8.72
C GLU A 122 -9.80 -0.38 8.38
N ALA A 123 -10.03 -1.35 7.51
CA ALA A 123 -11.38 -1.60 7.03
C ALA A 123 -11.73 -3.09 6.97
N ARG A 124 -12.97 -3.37 6.59
CA ARG A 124 -13.43 -4.73 6.39
C ARG A 124 -14.79 -4.73 5.72
N MET A 125 -15.25 -5.89 5.31
CA MET A 125 -16.56 -6.03 4.65
C MET A 125 -17.68 -5.63 5.59
N SER A 126 -18.69 -4.96 5.04
CA SER A 126 -19.90 -4.66 5.80
C SER A 126 -20.75 -5.92 5.89
N LYS A 127 -21.67 -5.94 6.84
CA LYS A 127 -22.53 -7.10 7.04
C LYS A 127 -23.37 -7.40 5.79
N ILE A 128 -23.78 -6.34 5.11
CA ILE A 128 -24.60 -6.48 3.91
C ILE A 128 -23.76 -6.86 2.69
N ALA A 129 -22.51 -6.41 2.67
CA ALA A 129 -21.60 -6.71 1.57
C ALA A 129 -21.37 -8.22 1.43
N LEU A 130 -21.58 -8.94 2.52
CA LEU A 130 -21.43 -10.39 2.53
C LEU A 130 -22.47 -11.05 1.63
N GLU A 131 -23.59 -10.35 1.43
CA GLU A 131 -24.65 -10.83 0.55
C GLU A 131 -24.19 -10.77 -0.90
N MET A 132 -23.22 -9.90 -1.17
CA MET A 132 -22.67 -9.75 -2.52
C MET A 132 -21.73 -10.90 -2.87
N LEU A 133 -21.35 -11.67 -1.86
CA LEU A 133 -20.39 -12.75 -2.06
C LEU A 133 -20.93 -14.11 -1.63
N ARG A 134 -22.20 -14.13 -1.21
CA ARG A 134 -22.80 -15.37 -0.71
C ARG A 134 -22.83 -16.45 -1.78
N ASP A 135 -22.28 -17.62 -1.42
CA ASP A 135 -22.21 -18.77 -2.33
C ASP A 135 -21.26 -18.49 -3.49
N ILE A 136 -20.23 -17.70 -3.22
CA ILE A 136 -19.22 -17.37 -4.22
C ILE A 136 -18.38 -18.60 -4.57
N ASN A 137 -18.24 -19.51 -3.61
CA ASN A 137 -17.41 -20.69 -3.79
C ASN A 137 -18.20 -21.96 -4.12
N LYS A 138 -19.45 -21.80 -4.52
CA LYS A 138 -20.27 -22.91 -4.96
C LYS A 138 -20.48 -22.85 -6.47
N ASN A 139 -19.58 -22.17 -7.16
CA ASN A 139 -19.63 -22.03 -8.61
C ASN A 139 -20.95 -21.43 -9.09
N THR A 140 -21.21 -20.19 -8.70
CA THR A 140 -22.38 -19.46 -9.15
C THR A 140 -21.95 -18.30 -10.03
N VAL A 141 -20.64 -18.12 -10.15
CA VAL A 141 -20.06 -17.05 -10.96
C VAL A 141 -18.83 -17.55 -11.70
N ASP A 142 -18.74 -17.23 -12.98
CA ASP A 142 -17.58 -17.62 -13.77
C ASP A 142 -16.34 -16.84 -13.35
N PHE A 143 -15.18 -17.44 -13.56
CA PHE A 143 -13.91 -16.82 -13.20
C PHE A 143 -13.02 -16.67 -14.42
N VAL A 144 -12.02 -15.77 -14.31
CA VAL A 144 -11.08 -15.54 -15.39
C VAL A 144 -9.70 -15.23 -14.84
N ASP A 145 -8.67 -15.42 -15.66
CA ASP A 145 -7.30 -15.14 -15.24
C ASP A 145 -7.12 -13.65 -14.96
N ASN A 146 -6.27 -13.33 -13.99
CA ASN A 146 -5.96 -11.94 -13.67
C ASN A 146 -5.04 -11.33 -14.71
N TYR A 147 -4.72 -10.05 -14.55
CA TYR A 147 -3.84 -9.36 -15.48
C TYR A 147 -2.49 -10.04 -15.57
N ASP A 148 -2.03 -10.60 -14.44
CA ASP A 148 -0.73 -11.26 -14.38
C ASP A 148 -0.81 -12.71 -14.86
N ALA A 149 -2.03 -13.21 -15.04
CA ALA A 149 -2.25 -14.58 -15.48
C ALA A 149 -1.71 -15.60 -14.47
N ASN A 150 -1.79 -15.25 -13.19
CA ASN A 150 -1.39 -16.16 -12.12
C ASN A 150 -2.31 -16.04 -10.91
N GLU A 151 -3.51 -15.53 -11.15
CA GLU A 151 -4.56 -15.43 -10.14
C GLU A 151 -5.91 -15.49 -10.82
N ARG A 152 -6.91 -16.06 -10.15
CA ARG A 152 -8.23 -16.22 -10.74
C ARG A 152 -9.29 -15.37 -10.05
N GLU A 153 -9.96 -14.51 -10.81
CA GLU A 153 -10.97 -13.62 -10.27
C GLU A 153 -12.33 -13.85 -10.92
N PRO A 154 -13.40 -13.40 -10.26
CA PRO A 154 -14.77 -13.53 -10.75
C PRO A 154 -15.16 -12.40 -11.69
N LEU A 155 -15.76 -12.74 -12.83
CA LEU A 155 -16.24 -11.73 -13.77
C LEU A 155 -17.34 -10.89 -13.11
N VAL A 156 -18.23 -11.56 -12.39
CA VAL A 156 -19.30 -10.91 -11.68
C VAL A 156 -19.35 -11.42 -10.25
N LEU A 157 -20.34 -10.99 -9.48
CA LEU A 157 -20.56 -11.51 -8.14
C LEU A 157 -21.98 -12.05 -8.04
N PRO A 158 -22.25 -12.87 -7.02
CA PRO A 158 -23.60 -13.39 -6.78
C PRO A 158 -24.59 -12.25 -6.61
N ALA A 159 -24.26 -11.31 -5.71
CA ALA A 159 -25.10 -10.13 -5.48
C ALA A 159 -26.53 -10.51 -5.09
N ARG A 160 -26.74 -10.79 -3.81
CA ARG A 160 -28.05 -11.21 -3.33
C ARG A 160 -28.98 -10.04 -3.02
N PHE A 161 -28.61 -8.86 -3.50
CA PHE A 161 -29.49 -7.70 -3.45
C PHE A 161 -29.18 -6.76 -4.61
N PRO A 162 -30.22 -6.18 -5.22
CA PRO A 162 -30.08 -5.29 -6.38
C PRO A 162 -29.20 -4.10 -6.09
N ASN A 163 -27.89 -4.30 -6.11
CA ASN A 163 -26.93 -3.26 -5.76
C ASN A 163 -26.95 -2.06 -6.71
N LEU A 164 -27.34 -2.30 -7.95
CA LEU A 164 -27.36 -1.23 -8.96
C LEU A 164 -28.36 -0.15 -8.58
N LEU A 165 -29.63 -0.52 -8.49
CA LEU A 165 -30.69 0.41 -8.12
C LEU A 165 -30.53 0.92 -6.69
N VAL A 166 -30.03 0.04 -5.81
CA VAL A 166 -29.91 0.36 -4.39
C VAL A 166 -28.80 1.37 -4.08
N ASN A 167 -27.65 1.22 -4.74
CA ASN A 167 -26.52 2.11 -4.51
C ASN A 167 -26.25 3.11 -5.62
N GLY A 168 -26.93 2.94 -6.76
CA GLY A 168 -26.78 3.84 -7.89
C GLY A 168 -25.46 3.65 -8.61
N ALA A 169 -25.19 4.53 -9.58
CA ALA A 169 -23.97 4.42 -10.38
C ALA A 169 -23.54 5.76 -10.98
N THR A 170 -22.24 5.86 -11.27
CA THR A 170 -21.66 7.06 -11.87
C THR A 170 -20.15 6.91 -12.05
N GLY A 171 -19.67 7.13 -13.27
CA GLY A 171 -20.55 7.48 -14.38
C GLY A 171 -19.84 7.94 -15.63
N ILE A 172 -18.72 8.65 -15.47
CA ILE A 172 -18.04 9.25 -16.60
C ILE A 172 -17.13 8.25 -17.33
N ALA A 173 -17.41 8.05 -18.62
CA ALA A 173 -16.61 7.16 -19.45
C ALA A 173 -16.10 7.88 -20.70
N VAL A 174 -16.29 7.24 -21.86
CA VAL A 174 -15.91 7.84 -23.14
C VAL A 174 -17.06 7.77 -24.13
N GLY A 175 -17.52 8.92 -24.59
CA GLY A 175 -18.64 8.99 -25.50
C GLY A 175 -19.97 8.75 -24.80
N MET A 176 -19.90 8.34 -23.54
CA MET A 176 -21.10 8.07 -22.75
C MET A 176 -20.87 8.37 -21.27
N ALA A 177 -21.93 8.23 -20.48
CA ALA A 177 -21.85 8.46 -19.05
C ALA A 177 -23.12 7.99 -18.35
N THR A 178 -22.97 7.24 -17.26
CA THR A 178 -24.12 6.71 -16.53
C THR A 178 -24.37 7.50 -15.25
N ASN A 179 -25.64 7.60 -14.87
CA ASN A 179 -26.03 8.29 -13.64
C ASN A 179 -27.30 7.69 -13.04
N ILE A 180 -27.12 6.85 -12.02
CA ILE A 180 -28.25 6.20 -11.36
C ILE A 180 -28.31 6.57 -9.89
N PRO A 181 -29.52 6.91 -9.39
CA PRO A 181 -29.72 7.32 -8.01
C PRO A 181 -29.89 6.12 -7.08
N PRO A 182 -29.53 6.28 -5.81
CA PRO A 182 -29.75 5.23 -4.81
C PRO A 182 -31.23 5.02 -4.54
N HIS A 183 -31.59 3.82 -4.10
CA HIS A 183 -32.98 3.52 -3.75
C HIS A 183 -33.03 2.81 -2.41
N ASN A 184 -34.22 2.78 -1.81
CA ASN A 184 -34.41 2.04 -0.57
C ASN A 184 -34.31 0.54 -0.83
N LEU A 185 -33.65 -0.18 0.08
CA LEU A 185 -33.43 -1.60 -0.07
C LEU A 185 -34.75 -2.35 -0.17
N GLY A 186 -35.56 -2.27 0.88
CA GLY A 186 -36.83 -2.96 0.95
C GLY A 186 -37.74 -2.65 -0.23
N GLU A 187 -37.75 -1.39 -0.65
CA GLU A 187 -38.55 -0.98 -1.79
C GLU A 187 -38.08 -1.63 -3.09
N THR A 188 -36.76 -1.68 -3.25
CA THR A 188 -36.17 -2.28 -4.44
C THR A 188 -36.46 -3.78 -4.49
N ILE A 189 -36.38 -4.42 -3.33
CA ILE A 189 -36.67 -5.85 -3.21
C ILE A 189 -38.14 -6.13 -3.51
N ASP A 190 -39.00 -5.22 -3.06
CA ASP A 190 -40.43 -5.33 -3.34
C ASP A 190 -40.69 -5.18 -4.83
N ALA A 191 -39.89 -4.33 -5.47
CA ALA A 191 -39.98 -4.13 -6.91
C ALA A 191 -39.58 -5.40 -7.65
N VAL A 192 -38.53 -6.05 -7.16
CA VAL A 192 -38.04 -7.29 -7.75
C VAL A 192 -39.10 -8.38 -7.64
N LYS A 193 -39.66 -8.53 -6.44
CA LYS A 193 -40.68 -9.54 -6.18
C LYS A 193 -41.94 -9.29 -7.00
N LEU A 194 -42.29 -8.02 -7.17
CA LEU A 194 -43.47 -7.64 -7.93
C LEU A 194 -43.35 -8.04 -9.40
N VAL A 195 -42.18 -7.78 -9.98
CA VAL A 195 -41.92 -8.09 -11.37
C VAL A 195 -41.79 -9.59 -11.62
N MET A 196 -41.62 -10.34 -10.52
CA MET A 196 -41.45 -11.78 -10.61
C MET A 196 -42.80 -12.49 -10.60
N ASP A 197 -43.73 -11.98 -9.80
CA ASP A 197 -45.04 -12.60 -9.67
C ASP A 197 -46.00 -12.16 -10.79
N ASN A 198 -45.89 -10.90 -11.20
CA ASN A 198 -46.73 -10.37 -12.26
C ASN A 198 -45.93 -9.72 -13.37
N PRO A 199 -45.58 -10.49 -14.41
CA PRO A 199 -44.78 -10.04 -15.54
C PRO A 199 -45.44 -8.90 -16.32
N GLU A 200 -46.77 -8.81 -16.23
CA GLU A 200 -47.52 -7.79 -16.97
C GLU A 200 -47.59 -6.48 -16.21
N VAL A 201 -46.76 -6.34 -15.17
CA VAL A 201 -46.74 -5.13 -14.37
C VAL A 201 -46.19 -3.94 -15.17
N THR A 202 -46.88 -2.81 -15.09
CA THR A 202 -46.44 -1.61 -15.78
C THR A 202 -45.61 -0.72 -14.85
N THR A 203 -44.95 0.28 -15.43
CA THR A 203 -44.08 1.18 -14.67
C THR A 203 -44.81 1.80 -13.49
N LYS A 204 -46.06 2.18 -13.71
CA LYS A 204 -46.88 2.78 -12.66
C LYS A 204 -47.10 1.79 -11.51
N ASP A 205 -47.42 0.56 -11.86
CA ASP A 205 -47.63 -0.49 -10.87
C ASP A 205 -46.39 -0.70 -10.01
N LEU A 206 -45.22 -0.62 -10.64
CA LEU A 206 -43.95 -0.80 -9.95
C LEU A 206 -43.63 0.39 -9.05
N MET A 207 -44.01 1.58 -9.50
CA MET A 207 -43.78 2.80 -8.72
C MET A 207 -44.64 2.81 -7.46
N GLU A 208 -45.64 1.94 -7.41
CA GLU A 208 -46.50 1.81 -6.24
C GLU A 208 -45.71 1.27 -5.06
N VAL A 209 -44.71 0.44 -5.35
CA VAL A 209 -43.84 -0.11 -4.31
C VAL A 209 -42.49 0.59 -4.32
N LEU A 210 -42.08 1.06 -5.49
CA LEU A 210 -40.84 1.80 -5.64
C LEU A 210 -41.13 3.23 -6.13
N PRO A 211 -41.56 4.11 -5.20
CA PRO A 211 -41.92 5.49 -5.49
C PRO A 211 -40.83 6.24 -6.25
N GLY A 212 -39.58 6.04 -5.85
CA GLY A 212 -38.46 6.69 -6.50
C GLY A 212 -37.18 6.63 -5.69
N PRO A 213 -36.21 7.49 -6.03
CA PRO A 213 -34.90 7.58 -5.38
C PRO A 213 -34.99 7.75 -3.87
N ASP A 214 -34.03 7.19 -3.15
CA ASP A 214 -33.94 7.33 -1.71
C ASP A 214 -32.50 7.60 -1.32
N PHE A 215 -32.08 8.86 -1.48
CA PHE A 215 -30.70 9.26 -1.23
C PHE A 215 -30.33 9.12 0.25
N PRO A 216 -29.04 8.85 0.52
CA PRO A 216 -28.52 8.61 1.87
C PRO A 216 -28.66 9.81 2.79
N THR A 217 -28.58 11.02 2.24
CA THR A 217 -28.69 12.23 3.05
C THR A 217 -30.14 12.61 3.33
N GLY A 218 -31.04 12.15 2.48
CA GLY A 218 -32.45 12.46 2.62
C GLY A 218 -32.90 13.50 1.62
N ALA A 219 -33.15 14.71 2.11
CA ALA A 219 -33.57 15.83 1.26
C ALA A 219 -34.93 15.59 0.62
N LEU A 220 -35.34 16.52 -0.25
CA LEU A 220 -36.64 16.44 -0.90
C LEU A 220 -36.53 16.27 -2.41
N VAL A 221 -37.56 15.67 -3.00
CA VAL A 221 -37.65 15.53 -4.45
C VAL A 221 -38.86 16.33 -4.95
N MET A 222 -38.63 17.19 -5.93
CA MET A 222 -39.70 18.04 -6.45
C MET A 222 -40.11 17.65 -7.88
N GLY A 223 -41.33 17.14 -8.02
CA GLY A 223 -41.84 16.73 -9.31
C GLY A 223 -41.54 15.28 -9.62
N LYS A 224 -42.57 14.44 -9.58
CA LYS A 224 -42.42 13.01 -9.83
C LYS A 224 -42.58 12.68 -11.31
N SER A 225 -42.84 13.70 -12.12
CA SER A 225 -43.01 13.51 -13.55
C SER A 225 -41.74 12.95 -14.18
N GLY A 226 -40.60 13.45 -13.74
CA GLY A 226 -39.31 12.99 -14.24
C GLY A 226 -38.98 11.60 -13.75
N ILE A 227 -39.52 11.24 -12.59
CA ILE A 227 -39.28 9.93 -12.01
C ILE A 227 -39.88 8.80 -12.85
N HIS A 228 -41.11 9.01 -13.31
CA HIS A 228 -41.77 8.04 -14.17
C HIS A 228 -41.10 7.99 -15.53
N LYS A 229 -40.63 9.14 -15.98
CA LYS A 229 -39.96 9.24 -17.28
C LYS A 229 -38.66 8.46 -17.27
N ALA A 230 -37.92 8.56 -16.17
CA ALA A 230 -36.64 7.87 -16.03
C ALA A 230 -36.82 6.35 -15.99
N TYR A 231 -37.81 5.89 -15.24
CA TYR A 231 -38.06 4.46 -15.09
C TYR A 231 -38.56 3.82 -16.37
N GLU A 232 -39.20 4.62 -17.23
CA GLU A 232 -39.81 4.10 -18.45
C GLU A 232 -38.91 4.28 -19.67
N THR A 233 -37.90 5.15 -19.54
CA THR A 233 -37.03 5.43 -20.68
C THR A 233 -35.55 5.37 -20.32
N GLY A 234 -35.24 5.29 -19.04
CA GLY A 234 -33.87 5.26 -18.59
C GLY A 234 -33.26 6.66 -18.51
N LYS A 235 -33.99 7.63 -19.06
CA LYS A 235 -33.56 9.02 -19.04
C LYS A 235 -34.63 9.90 -18.41
N GLY A 236 -34.19 10.94 -17.70
CA GLY A 236 -35.12 11.85 -17.07
C GLY A 236 -34.44 12.90 -16.20
N SER A 237 -35.18 13.95 -15.86
CA SER A 237 -34.67 15.01 -15.02
C SER A 237 -35.50 15.14 -13.74
N ILE A 238 -34.81 15.31 -12.61
CA ILE A 238 -35.49 15.44 -11.33
C ILE A 238 -34.93 16.63 -10.53
N VAL A 239 -35.76 17.19 -9.67
CA VAL A 239 -35.36 18.33 -8.85
C VAL A 239 -35.10 17.89 -7.41
N LEU A 240 -33.91 18.18 -6.91
CA LEU A 240 -33.55 17.84 -5.54
C LEU A 240 -33.39 19.09 -4.69
N ARG A 241 -34.16 19.16 -3.60
CA ARG A 241 -34.13 20.33 -2.72
C ARG A 241 -33.78 19.96 -1.30
N SER A 242 -33.04 20.84 -0.64
CA SER A 242 -32.61 20.62 0.74
C SER A 242 -33.79 20.75 1.70
N ARG A 243 -33.93 19.79 2.61
CA ARG A 243 -34.96 19.88 3.64
C ARG A 243 -34.63 21.01 4.60
N THR A 244 -35.58 21.94 4.74
CA THR A 244 -35.35 23.12 5.56
C THR A 244 -36.57 23.46 6.41
N GLU A 245 -36.41 24.46 7.27
CA GLU A 245 -37.48 24.93 8.13
C GLU A 245 -37.11 26.27 8.75
N ILE A 246 -38.10 27.12 8.96
CA ILE A 246 -37.86 28.45 9.51
C ILE A 246 -38.06 28.49 11.02
N GLU A 247 -37.03 28.91 11.74
CA GLU A 247 -37.11 29.06 13.18
C GLU A 247 -37.20 30.53 13.56
N THR A 248 -37.61 30.78 14.81
CA THR A 248 -37.64 32.13 15.35
C THR A 248 -36.59 32.24 16.45
N THR A 249 -35.63 33.14 16.26
CA THR A 249 -34.56 33.31 17.23
C THR A 249 -35.08 33.78 18.57
N LYS A 250 -34.22 33.75 19.58
CA LYS A 250 -34.61 34.18 20.93
C LYS A 250 -34.78 35.69 21.00
N THR A 251 -34.49 36.37 19.89
CA THR A 251 -34.66 37.81 19.81
C THR A 251 -35.97 38.17 19.12
N GLY A 252 -36.39 37.34 18.19
CA GLY A 252 -37.68 37.52 17.53
C GLY A 252 -37.63 37.65 16.02
N ARG A 253 -36.52 37.26 15.41
CA ARG A 253 -36.40 37.32 13.96
C ARG A 253 -36.22 35.92 13.35
N GLU A 254 -36.59 35.80 12.08
CA GLU A 254 -36.59 34.51 11.39
C GLU A 254 -35.21 33.85 11.34
N ARG A 255 -35.22 32.52 11.27
CA ARG A 255 -33.99 31.74 11.20
C ARG A 255 -34.13 30.60 10.21
N ILE A 256 -33.41 30.66 9.11
CA ILE A 256 -33.44 29.61 8.09
C ILE A 256 -32.54 28.45 8.51
N VAL A 257 -33.12 27.26 8.62
CA VAL A 257 -32.38 26.08 9.06
C VAL A 257 -32.39 24.98 8.01
N VAL A 258 -31.20 24.54 7.63
CA VAL A 258 -31.05 23.42 6.70
C VAL A 258 -30.67 22.17 7.47
N THR A 259 -31.30 21.05 7.14
CA THR A 259 -31.05 19.80 7.86
C THR A 259 -30.64 18.65 6.94
N GLU A 260 -30.97 18.79 5.65
CA GLU A 260 -30.65 17.75 4.68
C GLU A 260 -30.38 18.33 3.29
N PHE A 261 -29.11 18.61 3.01
CA PHE A 261 -28.72 19.10 1.69
C PHE A 261 -28.89 18.01 0.64
N PRO A 262 -28.84 18.40 -0.65
CA PRO A 262 -29.02 17.46 -1.75
C PRO A 262 -27.91 16.41 -1.79
N TYR A 263 -28.07 15.40 -2.64
CA TYR A 263 -27.07 14.36 -2.79
C TYR A 263 -25.80 14.90 -3.42
N MET A 264 -24.66 14.42 -2.93
CA MET A 264 -23.36 14.84 -3.46
C MET A 264 -23.16 16.35 -3.36
N VAL A 265 -23.71 16.95 -2.31
CA VAL A 265 -23.59 18.38 -2.09
C VAL A 265 -22.84 18.69 -0.80
N ASN A 266 -21.70 19.36 -0.93
CA ASN A 266 -20.90 19.72 0.24
C ASN A 266 -21.48 20.92 0.98
N LYS A 267 -21.67 20.76 2.28
CA LYS A 267 -22.23 21.82 3.11
C LYS A 267 -21.32 23.05 3.14
N THR A 268 -20.04 22.81 3.41
CA THR A 268 -19.06 23.90 3.48
C THR A 268 -18.94 24.64 2.16
N LYS A 269 -19.01 23.88 1.06
CA LYS A 269 -18.92 24.45 -0.28
C LYS A 269 -20.07 25.42 -0.53
N VAL A 270 -21.25 25.08 -0.01
CA VAL A 270 -22.42 25.94 -0.10
C VAL A 270 -22.31 27.07 0.90
N HIS A 271 -21.61 26.82 2.00
CA HIS A 271 -21.37 27.84 3.02
C HIS A 271 -20.50 28.96 2.45
N GLU A 272 -19.43 28.58 1.76
CA GLU A 272 -18.54 29.54 1.12
C GLU A 272 -19.26 30.26 -0.01
N HIS A 273 -20.16 29.55 -0.69
CA HIS A 273 -20.89 30.11 -1.81
C HIS A 273 -21.88 31.17 -1.36
N ILE A 274 -22.38 31.03 -0.14
CA ILE A 274 -23.33 31.98 0.42
C ILE A 274 -22.65 33.28 0.85
N VAL A 275 -21.51 33.15 1.52
CA VAL A 275 -20.74 34.31 1.95
C VAL A 275 -20.22 35.09 0.74
N ARG A 276 -19.89 34.35 -0.32
CA ARG A 276 -19.41 34.96 -1.55
C ARG A 276 -20.52 35.75 -2.23
N LEU A 277 -21.77 35.37 -1.95
CA LEU A 277 -22.92 36.04 -2.55
C LEU A 277 -23.45 37.15 -1.65
N VAL A 278 -23.28 36.98 -0.33
CA VAL A 278 -23.74 37.97 0.64
C VAL A 278 -22.80 39.16 0.70
N GLN A 279 -21.51 38.91 0.55
CA GLN A 279 -20.50 39.96 0.56
C GLN A 279 -20.37 40.59 -0.82
N GLU A 280 -21.16 40.08 -1.77
CA GLU A 280 -21.12 40.58 -3.14
C GLU A 280 -22.40 41.35 -3.46
N LYS A 281 -23.30 41.43 -2.47
CA LYS A 281 -24.56 42.14 -2.62
C LYS A 281 -25.50 41.45 -3.60
N ARG A 282 -25.17 40.21 -3.96
CA ARG A 282 -26.01 39.43 -4.86
C ARG A 282 -27.24 38.90 -4.11
N ILE A 283 -27.18 38.97 -2.78
CA ILE A 283 -28.28 38.54 -1.93
C ILE A 283 -28.21 39.25 -0.58
N GLU A 284 -29.20 40.10 -0.32
CA GLU A 284 -29.23 40.88 0.91
C GLU A 284 -30.34 40.41 1.85
N GLY A 285 -30.13 40.62 3.14
CA GLY A 285 -31.11 40.22 4.14
C GLY A 285 -30.57 39.20 5.13
N ILE A 286 -29.33 38.76 4.90
CA ILE A 286 -28.70 37.78 5.76
C ILE A 286 -27.99 38.44 6.94
N THR A 287 -28.28 37.96 8.15
CA THR A 287 -27.65 38.46 9.36
C THR A 287 -26.36 37.70 9.64
N ALA A 288 -26.41 36.39 9.44
CA ALA A 288 -25.26 35.52 9.68
C ALA A 288 -25.49 34.13 9.12
N VAL A 289 -24.41 33.43 8.81
CA VAL A 289 -24.48 32.06 8.33
C VAL A 289 -23.55 31.17 9.15
N ARG A 290 -24.13 30.47 10.12
CA ARG A 290 -23.35 29.63 11.03
C ARG A 290 -23.65 28.15 10.85
N ASP A 291 -22.61 27.34 10.87
CA ASP A 291 -22.76 25.89 10.80
C ASP A 291 -22.74 25.29 12.20
N GLU A 292 -23.89 24.81 12.66
CA GLU A 292 -24.01 24.23 13.99
C GLU A 292 -24.23 22.72 13.92
N SER A 293 -23.81 22.13 12.80
CA SER A 293 -23.95 20.69 12.61
C SER A 293 -23.01 19.93 13.54
N ASN A 294 -23.53 18.93 14.22
CA ASN A 294 -22.72 18.13 15.15
C ASN A 294 -22.52 16.70 14.66
N ARG A 295 -21.79 15.92 15.45
CA ARG A 295 -21.57 14.52 15.14
C ARG A 295 -22.81 13.69 15.47
N GLU A 296 -23.98 14.24 15.17
CA GLU A 296 -25.25 13.59 15.43
C GLU A 296 -26.38 14.30 14.72
N GLY A 297 -26.04 15.12 13.73
CA GLY A 297 -27.04 15.85 12.97
C GLY A 297 -26.46 17.03 12.21
N VAL A 298 -27.11 17.39 11.11
CA VAL A 298 -26.69 18.52 10.29
C VAL A 298 -27.55 19.73 10.57
N ARG A 299 -26.91 20.83 10.98
CA ARG A 299 -27.63 22.06 11.28
C ARG A 299 -26.94 23.28 10.67
N PHE A 300 -27.40 23.66 9.48
CA PHE A 300 -26.84 24.81 8.78
C PHE A 300 -27.80 25.99 8.88
N VAL A 301 -27.51 26.92 9.79
CA VAL A 301 -28.41 28.01 10.09
C VAL A 301 -28.05 29.31 9.35
N ILE A 302 -29.03 29.87 8.65
CA ILE A 302 -28.87 31.15 7.98
C ILE A 302 -29.90 32.14 8.53
N GLU A 303 -29.52 32.85 9.58
CA GLU A 303 -30.42 33.79 10.24
C GLU A 303 -30.64 35.04 9.40
N VAL A 304 -31.90 35.49 9.36
CA VAL A 304 -32.27 36.66 8.58
C VAL A 304 -32.47 37.89 9.47
N LYS A 305 -32.11 39.05 8.96
CA LYS A 305 -32.26 40.31 9.69
C LYS A 305 -33.72 40.73 9.77
N ARG A 306 -34.01 41.73 10.61
CA ARG A 306 -35.35 42.26 10.72
C ARG A 306 -35.74 42.98 9.43
N ASP A 307 -37.03 42.98 9.13
CA ASP A 307 -37.54 43.59 7.91
C ASP A 307 -36.99 42.89 6.67
N ALA A 308 -36.91 41.57 6.73
CA ALA A 308 -36.42 40.77 5.61
C ALA A 308 -37.07 39.40 5.61
N SER A 309 -37.71 39.05 4.49
CA SER A 309 -38.42 37.79 4.38
C SER A 309 -37.46 36.61 4.22
N ALA A 310 -37.59 35.64 5.11
CA ALA A 310 -36.77 34.43 5.05
C ALA A 310 -37.09 33.64 3.79
N ASN A 311 -38.37 33.61 3.43
CA ASN A 311 -38.82 32.91 2.23
C ASN A 311 -38.21 33.49 0.97
N VAL A 312 -38.15 34.82 0.91
CA VAL A 312 -37.56 35.51 -0.23
C VAL A 312 -36.07 35.17 -0.34
N ILE A 313 -35.40 35.12 0.81
CA ILE A 313 -33.98 34.78 0.85
C ILE A 313 -33.76 33.29 0.67
N LEU A 314 -34.76 32.51 1.10
CA LEU A 314 -34.67 31.05 1.01
C LEU A 314 -34.68 30.58 -0.45
N ASN A 315 -35.68 31.05 -1.20
CA ASN A 315 -35.80 30.70 -2.61
C ASN A 315 -34.62 31.21 -3.43
N ASN A 316 -34.10 32.36 -3.05
CA ASN A 316 -32.93 32.93 -3.71
C ASN A 316 -31.72 32.02 -3.55
N LEU A 317 -31.58 31.44 -2.36
CA LEU A 317 -30.51 30.49 -2.09
C LEU A 317 -30.74 29.20 -2.88
N PHE A 318 -32.00 28.82 -3.05
CA PHE A 318 -32.35 27.63 -3.81
C PHE A 318 -32.02 27.80 -5.29
N LYS A 319 -32.10 29.03 -5.77
CA LYS A 319 -31.92 29.30 -7.19
C LYS A 319 -30.51 29.75 -7.54
N MET A 320 -29.71 30.07 -6.52
CA MET A 320 -28.36 30.58 -6.77
C MET A 320 -27.28 29.67 -6.20
N THR A 321 -27.62 28.89 -5.19
CA THR A 321 -26.66 27.97 -4.59
C THR A 321 -26.97 26.52 -4.96
N GLN A 322 -26.11 25.61 -4.54
CA GLN A 322 -26.31 24.19 -4.80
C GLN A 322 -27.25 23.57 -3.78
N MET A 323 -27.93 24.41 -3.01
CA MET A 323 -28.87 23.96 -2.00
C MET A 323 -30.08 23.31 -2.66
N GLN A 324 -30.21 23.51 -3.96
CA GLN A 324 -31.24 22.87 -4.75
C GLN A 324 -30.72 22.61 -6.16
N THR A 325 -30.45 21.35 -6.48
CA THR A 325 -29.89 20.98 -7.77
C THR A 325 -30.82 20.10 -8.59
N ASN A 326 -30.28 19.55 -9.67
CA ASN A 326 -31.04 18.66 -10.54
C ASN A 326 -30.31 17.34 -10.77
N PHE A 327 -31.06 16.24 -10.77
CA PHE A 327 -30.47 14.92 -10.98
C PHE A 327 -30.80 14.40 -12.37
N GLY A 328 -29.76 14.22 -13.19
CA GLY A 328 -29.93 13.76 -14.55
C GLY A 328 -29.92 12.25 -14.69
N PHE A 329 -31.10 11.66 -14.70
CA PHE A 329 -31.26 10.22 -14.87
C PHE A 329 -30.68 9.76 -16.21
N ASN A 330 -29.60 8.98 -16.14
CA ASN A 330 -29.01 8.37 -17.33
C ASN A 330 -28.63 6.93 -17.04
N MET A 331 -29.64 6.12 -16.74
CA MET A 331 -29.44 4.74 -16.33
C MET A 331 -28.76 3.89 -17.40
N LEU A 332 -27.45 4.04 -17.52
CA LEU A 332 -26.67 3.27 -18.46
C LEU A 332 -25.84 2.21 -17.73
N ALA A 333 -25.88 0.98 -18.23
CA ALA A 333 -25.15 -0.11 -17.62
C ALA A 333 -24.67 -1.11 -18.66
N ILE A 334 -23.66 -1.90 -18.30
CA ILE A 334 -23.14 -2.93 -19.19
C ILE A 334 -23.97 -4.19 -19.09
N GLN A 335 -24.56 -4.60 -20.22
CA GLN A 335 -25.36 -5.81 -20.27
C GLN A 335 -25.02 -6.60 -21.53
N ASN A 336 -24.66 -7.87 -21.35
CA ASN A 336 -24.21 -8.70 -22.46
C ASN A 336 -22.97 -8.13 -23.13
N GLY A 337 -22.05 -7.60 -22.33
CA GLY A 337 -20.80 -7.07 -22.83
C GLY A 337 -20.94 -5.74 -23.52
N ILE A 338 -22.18 -5.30 -23.73
CA ILE A 338 -22.43 -4.03 -24.41
C ILE A 338 -23.09 -3.02 -23.48
N PRO A 339 -22.68 -1.74 -23.60
CA PRO A 339 -23.27 -0.67 -22.80
C PRO A 339 -24.68 -0.36 -23.31
N LYS A 340 -25.64 -0.29 -22.39
CA LYS A 340 -27.03 -0.08 -22.78
C LYS A 340 -27.75 0.89 -21.84
N ILE A 341 -28.66 1.67 -22.40
CA ILE A 341 -29.51 2.55 -21.61
C ILE A 341 -30.82 1.82 -21.27
N LEU A 342 -30.87 1.23 -20.08
CA LEU A 342 -32.00 0.40 -19.69
C LEU A 342 -33.03 1.14 -18.85
N SER A 343 -34.27 0.67 -18.91
CA SER A 343 -35.35 1.22 -18.08
C SER A 343 -35.36 0.51 -16.73
N LEU A 344 -36.38 0.80 -15.93
CA LEU A 344 -36.49 0.18 -14.61
C LEU A 344 -36.78 -1.32 -14.71
N ARG A 345 -37.69 -1.68 -15.61
CA ARG A 345 -38.06 -3.07 -15.82
C ARG A 345 -36.87 -3.86 -16.37
N GLN A 346 -36.11 -3.23 -17.26
CA GLN A 346 -34.96 -3.87 -17.88
C GLN A 346 -33.85 -4.15 -16.86
N ILE A 347 -33.68 -3.24 -15.91
CA ILE A 347 -32.69 -3.42 -14.85
C ILE A 347 -33.13 -4.52 -13.90
N LEU A 348 -34.42 -4.54 -13.57
CA LEU A 348 -34.98 -5.55 -12.68
C LEU A 348 -34.93 -6.93 -13.32
N ASP A 349 -35.44 -7.03 -14.55
CA ASP A 349 -35.46 -8.29 -15.27
C ASP A 349 -34.06 -8.84 -15.46
N ALA A 350 -33.07 -7.94 -15.48
CA ALA A 350 -31.68 -8.33 -15.60
C ALA A 350 -31.15 -8.89 -14.29
N TYR A 351 -31.67 -8.37 -13.17
CA TYR A 351 -31.27 -8.84 -11.85
C TYR A 351 -31.92 -10.18 -11.51
N ILE A 352 -33.20 -10.30 -11.84
CA ILE A 352 -33.95 -11.52 -11.57
C ILE A 352 -33.35 -12.70 -12.33
N GLU A 353 -32.94 -12.44 -13.56
CA GLU A 353 -32.33 -13.47 -14.39
C GLU A 353 -31.00 -13.93 -13.80
N HIS A 354 -30.14 -12.98 -13.49
CA HIS A 354 -28.85 -13.27 -12.87
C HIS A 354 -29.05 -13.94 -11.51
N GLN A 355 -30.19 -13.67 -10.88
CA GLN A 355 -30.50 -14.24 -9.59
C GLN A 355 -30.92 -15.70 -9.75
N LYS A 356 -31.62 -15.99 -10.84
CA LYS A 356 -32.04 -17.36 -11.13
C LYS A 356 -30.84 -18.25 -11.43
N GLU A 357 -29.90 -17.73 -12.21
CA GLU A 357 -28.72 -18.50 -12.60
C GLU A 357 -27.86 -18.85 -11.40
N VAL A 358 -27.70 -17.90 -10.49
CA VAL A 358 -26.91 -18.12 -9.28
C VAL A 358 -27.47 -19.23 -8.41
N VAL A 359 -28.80 -19.27 -8.28
CA VAL A 359 -29.46 -20.26 -7.44
C VAL A 359 -29.38 -21.65 -8.04
N VAL A 360 -29.55 -21.73 -9.36
CA VAL A 360 -29.48 -23.00 -10.08
C VAL A 360 -28.07 -23.59 -9.99
N ARG A 361 -27.08 -22.76 -10.28
CA ARG A 361 -25.68 -23.16 -10.20
C ARG A 361 -25.35 -23.71 -8.81
N ARG A 362 -25.87 -23.04 -7.78
CA ARG A 362 -25.62 -23.43 -6.40
C ARG A 362 -26.29 -24.77 -6.09
N THR A 363 -27.52 -24.93 -6.55
CA THR A 363 -28.26 -26.17 -6.35
C THR A 363 -27.54 -27.34 -6.99
N ARG A 364 -27.05 -27.12 -8.21
CA ARG A 364 -26.29 -28.13 -8.93
C ARG A 364 -25.02 -28.49 -8.17
N PHE A 365 -24.28 -27.46 -7.74
CA PHE A 365 -23.05 -27.64 -7.00
C PHE A 365 -23.28 -28.40 -5.71
N ASP A 366 -24.32 -28.01 -4.97
CA ASP A 366 -24.68 -28.68 -3.73
C ASP A 366 -25.06 -30.13 -4.01
N LYS A 367 -25.79 -30.34 -5.10
CA LYS A 367 -26.22 -31.69 -5.50
C LYS A 367 -25.02 -32.55 -5.87
N GLU A 368 -24.14 -32.02 -6.71
CA GLU A 368 -22.98 -32.75 -7.19
C GLU A 368 -22.04 -33.15 -6.06
N LYS A 369 -21.96 -32.31 -5.04
CA LYS A 369 -21.10 -32.58 -3.89
C LYS A 369 -21.80 -33.49 -2.89
N ALA A 370 -23.12 -33.32 -2.76
CA ALA A 370 -23.92 -34.13 -1.86
C ALA A 370 -23.91 -35.60 -2.27
N GLU A 371 -23.95 -35.84 -3.57
CA GLU A 371 -23.94 -37.21 -4.10
C GLU A 371 -22.53 -37.81 -4.08
N ALA A 372 -21.54 -37.00 -4.43
CA ALA A 372 -20.15 -37.43 -4.44
C ALA A 372 -19.72 -37.92 -3.06
N ARG A 373 -20.32 -37.35 -2.03
CA ARG A 373 -20.04 -37.75 -0.65
C ARG A 373 -20.77 -39.05 -0.32
N ALA A 374 -22.03 -39.14 -0.72
CA ALA A 374 -22.84 -40.33 -0.47
C ALA A 374 -22.24 -41.56 -1.13
N HIS A 375 -21.63 -41.36 -2.30
CA HIS A 375 -20.97 -42.45 -3.02
C HIS A 375 -19.84 -43.04 -2.18
N ILE A 376 -19.03 -42.15 -1.61
CA ILE A 376 -17.95 -42.56 -0.71
C ILE A 376 -18.51 -43.23 0.54
N LEU A 377 -19.61 -42.70 1.05
CA LEU A 377 -20.27 -43.26 2.23
C LEU A 377 -20.78 -44.67 1.97
N GLU A 378 -21.19 -44.93 0.74
CA GLU A 378 -21.62 -46.26 0.35
C GLU A 378 -20.44 -47.23 0.38
N GLY A 379 -19.28 -46.73 -0.02
CA GLY A 379 -18.06 -47.52 -0.02
C GLY A 379 -17.56 -47.80 1.39
N LEU A 380 -17.45 -46.73 2.18
CA LEU A 380 -17.00 -46.85 3.56
C LEU A 380 -17.94 -47.73 4.39
N LEU A 381 -19.21 -47.75 3.98
CA LEU A 381 -20.20 -48.56 4.68
C LEU A 381 -19.95 -50.04 4.44
N ILE A 382 -19.91 -50.44 3.18
CA ILE A 382 -19.63 -51.82 2.81
C ILE A 382 -18.29 -52.27 3.37
N ALA A 383 -17.35 -51.33 3.47
CA ALA A 383 -16.04 -51.61 4.05
C ALA A 383 -16.16 -51.92 5.54
N LEU A 384 -16.99 -51.13 6.23
CA LEU A 384 -17.21 -51.32 7.66
C LEU A 384 -18.05 -52.56 7.93
N ASP A 385 -18.71 -53.06 6.89
CA ASP A 385 -19.50 -54.28 7.00
C ASP A 385 -18.61 -55.50 6.79
N HIS A 386 -17.60 -55.33 5.94
CA HIS A 386 -16.67 -56.41 5.64
C HIS A 386 -15.26 -56.00 6.04
N ILE A 387 -15.12 -55.48 7.25
CA ILE A 387 -13.84 -54.99 7.76
C ILE A 387 -12.76 -56.06 7.76
N ASP A 388 -13.13 -57.29 8.11
CA ASP A 388 -12.18 -58.40 8.17
C ASP A 388 -11.62 -58.73 6.79
N GLU A 389 -12.52 -59.05 5.86
CA GLU A 389 -12.13 -59.38 4.49
C GLU A 389 -11.43 -58.21 3.82
N VAL A 390 -11.78 -57.01 4.25
CA VAL A 390 -11.15 -55.79 3.73
C VAL A 390 -9.73 -55.67 4.26
N ILE A 391 -9.56 -55.88 5.56
CA ILE A 391 -8.24 -55.81 6.18
C ILE A 391 -7.35 -56.96 5.71
N ARG A 392 -7.98 -58.07 5.35
CA ARG A 392 -7.24 -59.24 4.88
C ARG A 392 -6.69 -58.99 3.48
N ILE A 393 -7.50 -58.36 2.63
CA ILE A 393 -7.10 -58.06 1.26
C ILE A 393 -5.97 -57.04 1.25
N ILE A 394 -6.00 -56.12 2.20
CA ILE A 394 -4.98 -55.06 2.29
C ILE A 394 -3.65 -55.63 2.74
N ARG A 395 -3.64 -56.28 3.91
CA ARG A 395 -2.43 -56.84 4.49
C ARG A 395 -1.79 -57.88 3.58
N ALA A 396 -2.60 -58.57 2.79
CA ALA A 396 -2.10 -59.60 1.88
C ALA A 396 -1.60 -58.98 0.58
N SER A 397 -1.73 -57.66 0.46
CA SER A 397 -1.27 -56.96 -0.72
C SER A 397 0.07 -56.28 -0.47
N GLU A 398 0.93 -56.27 -1.49
CA GLU A 398 2.24 -55.64 -1.37
C GLU A 398 2.18 -54.17 -1.76
N THR A 399 1.60 -53.90 -2.93
CA THR A 399 1.44 -52.53 -3.43
C THR A 399 0.02 -52.05 -3.23
N ASP A 400 -0.14 -50.76 -2.96
CA ASP A 400 -1.46 -50.17 -2.76
C ASP A 400 -2.33 -50.30 -4.02
N ALA A 401 -1.68 -50.27 -5.18
CA ALA A 401 -2.38 -50.40 -6.45
C ALA A 401 -3.06 -51.76 -6.54
N GLU A 402 -2.37 -52.80 -6.10
CA GLU A 402 -2.92 -54.15 -6.11
C GLU A 402 -3.97 -54.31 -5.02
N ALA A 403 -3.72 -53.68 -3.86
CA ALA A 403 -4.66 -53.72 -2.75
C ALA A 403 -5.97 -53.04 -3.12
N GLN A 404 -5.87 -51.89 -3.75
CA GLN A 404 -7.04 -51.15 -4.23
C GLN A 404 -7.76 -51.92 -5.33
N ALA A 405 -6.99 -52.49 -6.24
CA ALA A 405 -7.55 -53.22 -7.37
C ALA A 405 -8.39 -54.40 -6.92
N GLU A 406 -7.94 -55.07 -5.86
CA GLU A 406 -8.65 -56.22 -5.32
C GLU A 406 -9.95 -55.79 -4.64
N LEU A 407 -9.88 -54.70 -3.86
CA LEU A 407 -11.05 -54.17 -3.17
C LEU A 407 -12.12 -53.75 -4.17
N MET A 408 -11.69 -53.12 -5.27
CA MET A 408 -12.62 -52.70 -6.32
C MET A 408 -13.29 -53.91 -6.96
N SER A 409 -12.53 -54.98 -7.15
CA SER A 409 -13.03 -56.18 -7.80
C SER A 409 -13.88 -57.02 -6.87
N LYS A 410 -13.45 -57.14 -5.62
CA LYS A 410 -14.14 -57.97 -4.64
C LYS A 410 -15.47 -57.36 -4.20
N PHE A 411 -15.43 -56.11 -3.76
CA PHE A 411 -16.64 -55.45 -3.25
C PHE A 411 -17.37 -54.64 -4.30
N LYS A 412 -16.86 -54.68 -5.53
CA LYS A 412 -17.44 -53.91 -6.63
C LYS A 412 -17.42 -52.42 -6.31
N LEU A 413 -16.22 -51.87 -6.15
CA LEU A 413 -16.07 -50.47 -5.75
C LEU A 413 -15.30 -49.68 -6.80
N SER A 414 -15.61 -48.39 -6.91
CA SER A 414 -14.91 -47.51 -7.83
C SER A 414 -13.53 -47.16 -7.28
N GLU A 415 -12.71 -46.53 -8.12
CA GLU A 415 -11.37 -46.13 -7.71
C GLU A 415 -11.42 -45.14 -6.57
N ARG A 416 -12.42 -44.26 -6.59
CA ARG A 416 -12.60 -43.28 -5.53
C ARG A 416 -13.01 -43.94 -4.23
N GLN A 417 -13.95 -44.88 -4.31
CA GLN A 417 -14.45 -45.60 -3.14
C GLN A 417 -13.35 -46.47 -2.53
N SER A 418 -12.51 -47.05 -3.38
CA SER A 418 -11.42 -47.90 -2.92
C SER A 418 -10.38 -47.13 -2.13
N GLN A 419 -10.01 -45.96 -2.64
CA GLN A 419 -9.04 -45.11 -1.96
C GLN A 419 -9.58 -44.61 -0.63
N ALA A 420 -10.88 -44.37 -0.57
CA ALA A 420 -11.53 -43.90 0.64
C ALA A 420 -11.41 -44.94 1.75
N ILE A 421 -11.54 -46.22 1.37
CA ILE A 421 -11.41 -47.31 2.32
C ILE A 421 -9.96 -47.46 2.78
N LEU A 422 -9.03 -47.19 1.88
CA LEU A 422 -7.61 -47.31 2.18
C LEU A 422 -7.11 -46.17 3.07
N ASP A 423 -7.81 -45.05 3.03
CA ASP A 423 -7.43 -43.88 3.82
C ASP A 423 -8.17 -43.84 5.15
N MET A 424 -8.94 -44.88 5.44
CA MET A 424 -9.70 -44.94 6.69
C MET A 424 -8.78 -45.06 7.91
N ARG A 425 -8.99 -44.19 8.89
CA ARG A 425 -8.27 -44.27 10.15
C ARG A 425 -8.83 -45.42 10.98
N LEU A 426 -7.95 -46.08 11.74
CA LEU A 426 -8.36 -47.22 12.55
C LEU A 426 -9.42 -46.83 13.57
N ARG A 427 -9.43 -45.56 13.97
CA ARG A 427 -10.42 -45.05 14.91
C ARG A 427 -11.82 -45.10 14.29
N ARG A 428 -11.88 -45.17 12.97
CA ARG A 428 -13.15 -45.25 12.26
C ARG A 428 -13.69 -46.67 12.27
N LEU A 429 -12.99 -47.57 12.96
CA LEU A 429 -13.39 -48.97 13.02
C LEU A 429 -14.03 -49.31 14.36
N THR A 430 -14.58 -48.31 15.04
CA THR A 430 -15.28 -48.53 16.30
C THR A 430 -16.71 -48.98 16.04
N GLY A 431 -17.46 -49.21 17.12
CA GLY A 431 -18.83 -49.68 17.00
C GLY A 431 -19.82 -48.57 16.65
N LEU A 432 -19.61 -47.40 17.23
CA LEU A 432 -20.53 -46.28 17.04
C LEU A 432 -20.24 -45.52 15.74
N GLU A 433 -19.17 -45.89 15.06
CA GLU A 433 -18.75 -45.19 13.85
C GLU A 433 -19.67 -45.46 12.67
N ARG A 434 -20.22 -46.67 12.60
CA ARG A 434 -21.12 -47.03 11.51
C ARG A 434 -22.43 -46.26 11.55
N ASP A 435 -23.09 -46.28 12.71
CA ASP A 435 -24.38 -45.62 12.88
C ASP A 435 -24.29 -44.13 12.58
N LYS A 436 -23.09 -43.57 12.77
CA LYS A 436 -22.84 -42.17 12.45
C LYS A 436 -22.80 -41.99 10.93
N ILE A 437 -22.10 -42.89 10.25
CA ILE A 437 -21.99 -42.82 8.80
C ILE A 437 -23.33 -43.11 8.12
N GLN A 438 -24.15 -43.93 8.78
CA GLN A 438 -25.48 -44.23 8.27
C GLN A 438 -26.40 -43.01 8.37
N SER A 439 -26.33 -42.34 9.51
CA SER A 439 -27.14 -41.13 9.74
C SER A 439 -26.79 -40.05 8.73
N GLU A 440 -25.49 -39.90 8.45
CA GLU A 440 -25.03 -38.92 7.47
C GLU A 440 -25.50 -39.30 6.07
N TYR A 441 -25.32 -40.57 5.72
CA TYR A 441 -25.71 -41.06 4.40
C TYR A 441 -27.20 -40.87 4.15
N ASP A 442 -28.01 -41.21 5.15
CA ASP A 442 -29.46 -41.04 5.06
C ASP A 442 -29.81 -39.57 4.80
N ASP A 443 -29.14 -38.67 5.51
CA ASP A 443 -29.38 -37.24 5.36
C ASP A 443 -28.98 -36.77 3.97
N LEU A 444 -27.97 -37.41 3.38
CA LEU A 444 -27.55 -37.09 2.04
C LEU A 444 -28.64 -37.43 1.04
N LEU A 445 -29.28 -38.57 1.24
CA LEU A 445 -30.36 -39.02 0.36
C LEU A 445 -31.51 -38.03 0.32
N ALA A 446 -31.82 -37.44 1.47
CA ALA A 446 -32.89 -36.46 1.57
C ALA A 446 -32.51 -35.17 0.85
N LEU A 447 -31.31 -34.67 1.13
CA LEU A 447 -30.82 -33.44 0.51
C LEU A 447 -30.71 -33.58 -1.01
N ILE A 448 -30.24 -34.74 -1.46
CA ILE A 448 -30.11 -35.02 -2.89
C ILE A 448 -31.48 -35.08 -3.56
N ALA A 449 -32.48 -35.52 -2.80
CA ALA A 449 -33.85 -35.58 -3.30
C ALA A 449 -34.43 -34.17 -3.42
N ASP A 450 -34.21 -33.37 -2.38
CA ASP A 450 -34.72 -32.00 -2.36
C ASP A 450 -34.06 -31.15 -3.45
N LEU A 451 -32.75 -31.25 -3.56
CA LEU A 451 -31.99 -30.48 -4.55
C LEU A 451 -32.34 -30.94 -5.97
N ALA A 452 -32.64 -32.22 -6.13
CA ALA A 452 -33.04 -32.75 -7.42
C ALA A 452 -34.38 -32.18 -7.85
N ASP A 453 -35.23 -31.86 -6.87
CA ASP A 453 -36.55 -31.31 -7.13
C ASP A 453 -36.46 -29.85 -7.54
N ILE A 454 -35.62 -29.09 -6.84
CA ILE A 454 -35.45 -27.66 -7.11
C ILE A 454 -34.98 -27.43 -8.55
N LEU A 455 -34.03 -28.25 -8.98
CA LEU A 455 -33.52 -28.17 -10.34
C LEU A 455 -34.55 -28.69 -11.34
N ALA A 456 -35.52 -29.45 -10.83
CA ALA A 456 -36.57 -30.01 -11.66
C ALA A 456 -37.77 -29.06 -11.77
N LYS A 457 -37.91 -28.19 -10.77
CA LYS A 457 -39.03 -27.26 -10.74
C LYS A 457 -38.57 -25.80 -10.67
N PRO A 458 -38.78 -25.06 -11.76
CA PRO A 458 -38.44 -23.63 -11.81
C PRO A 458 -39.28 -22.83 -10.83
N GLU A 459 -40.42 -23.39 -10.43
CA GLU A 459 -41.31 -22.74 -9.48
C GLU A 459 -40.64 -22.61 -8.11
N ARG A 460 -39.80 -23.57 -7.77
CA ARG A 460 -39.11 -23.57 -6.49
C ARG A 460 -37.95 -22.58 -6.48
N VAL A 461 -37.22 -22.50 -7.59
CA VAL A 461 -36.07 -21.61 -7.70
C VAL A 461 -36.46 -20.15 -7.50
N SER A 462 -37.59 -19.76 -8.09
CA SER A 462 -38.11 -18.42 -7.91
C SER A 462 -38.49 -18.19 -6.46
N GLN A 463 -39.21 -19.15 -5.89
CA GLN A 463 -39.63 -19.08 -4.49
C GLN A 463 -38.42 -19.00 -3.57
N ILE A 464 -37.35 -19.68 -3.94
CA ILE A 464 -36.12 -19.65 -3.16
C ILE A 464 -35.48 -18.25 -3.24
N ILE A 465 -35.58 -17.63 -4.41
CA ILE A 465 -35.08 -16.28 -4.60
C ILE A 465 -35.92 -15.29 -3.81
N LYS A 466 -37.24 -15.44 -3.89
CA LYS A 466 -38.16 -14.56 -3.19
C LYS A 466 -37.97 -14.63 -1.67
N ASP A 467 -37.92 -15.85 -1.15
CA ASP A 467 -37.72 -16.08 0.28
C ASP A 467 -36.39 -15.50 0.75
N GLU A 468 -35.34 -15.73 -0.02
CA GLU A 468 -34.01 -15.25 0.33
C GLU A 468 -33.94 -13.72 0.29
N LEU A 469 -34.69 -13.12 -0.63
CA LEU A 469 -34.74 -11.67 -0.72
C LEU A 469 -35.43 -11.07 0.50
N ASP A 470 -36.51 -11.70 0.93
CA ASP A 470 -37.25 -11.26 2.11
C ASP A 470 -36.35 -11.23 3.33
N GLU A 471 -35.39 -12.16 3.37
CA GLU A 471 -34.45 -12.24 4.49
C GLU A 471 -33.43 -11.09 4.44
N VAL A 472 -33.00 -10.74 3.23
CA VAL A 472 -32.08 -9.63 3.05
C VAL A 472 -32.70 -8.32 3.52
N LYS A 473 -33.92 -8.07 3.04
CA LYS A 473 -34.66 -6.87 3.44
C LYS A 473 -34.96 -6.90 4.93
N ARG A 474 -35.35 -8.07 5.43
CA ARG A 474 -35.70 -8.22 6.84
C ARG A 474 -34.53 -7.87 7.77
N LYS A 475 -33.31 -7.96 7.24
CA LYS A 475 -32.12 -7.77 8.05
C LYS A 475 -31.38 -6.46 7.78
N PHE A 476 -31.52 -5.91 6.57
CA PHE A 476 -30.73 -4.75 6.19
C PHE A 476 -31.54 -3.53 5.72
N SER A 477 -32.84 -3.71 5.51
CA SER A 477 -33.69 -2.64 5.00
C SER A 477 -33.70 -1.42 5.92
N ASP A 478 -33.84 -0.24 5.32
CA ASP A 478 -33.92 1.00 6.07
C ASP A 478 -35.30 1.63 5.94
N LYS A 479 -35.52 2.70 6.69
CA LYS A 479 -36.70 3.52 6.50
C LYS A 479 -36.37 4.58 5.46
N ARG A 480 -37.37 5.00 4.69
CA ARG A 480 -37.12 5.96 3.62
C ARG A 480 -36.63 7.30 4.16
N ARG A 481 -35.67 7.88 3.47
CA ARG A 481 -35.03 9.12 3.93
C ARG A 481 -35.40 10.30 3.04
N THR A 482 -35.45 10.07 1.74
CA THR A 482 -35.80 11.11 0.78
C THR A 482 -37.32 11.18 0.59
N GLU A 483 -37.90 12.33 0.95
CA GLU A 483 -39.33 12.53 0.81
C GLU A 483 -39.69 13.05 -0.58
N LEU A 484 -40.42 12.24 -1.34
CA LEU A 484 -40.85 12.63 -2.68
C LEU A 484 -42.16 13.41 -2.61
N MET A 485 -42.20 14.56 -3.27
CA MET A 485 -43.38 15.40 -3.24
C MET A 485 -43.61 16.14 -4.56
N VAL A 486 -44.85 16.58 -4.77
CA VAL A 486 -45.21 17.29 -5.99
C VAL A 486 -45.25 18.80 -5.75
N LYS B 22 -23.61 36.97 25.63
CA LYS B 22 -23.40 35.80 24.78
C LYS B 22 -22.75 36.19 23.46
N HIS B 23 -21.42 36.21 23.45
CA HIS B 23 -20.67 36.58 22.25
C HIS B 23 -20.45 35.39 21.33
N MET B 24 -20.28 35.66 20.05
CA MET B 24 -20.07 34.60 19.06
C MET B 24 -19.59 35.18 17.74
N LYS B 25 -19.86 34.46 16.65
CA LYS B 25 -19.49 34.92 15.31
C LYS B 25 -20.70 34.95 14.40
N SER B 26 -20.47 35.23 13.12
CA SER B 26 -21.56 35.33 12.15
C SER B 26 -21.08 35.08 10.73
N GLY B 27 -19.92 34.46 10.58
CA GLY B 27 -19.36 34.19 9.27
C GLY B 27 -19.15 35.46 8.47
N LEU B 28 -19.03 35.32 7.16
CA LEU B 28 -18.89 36.47 6.26
C LEU B 28 -17.62 37.29 6.49
N GLU B 29 -16.99 37.10 7.64
CA GLU B 29 -15.80 37.85 8.00
C GLU B 29 -14.60 37.40 7.17
N ILE B 30 -13.66 38.32 6.95
CA ILE B 30 -12.46 38.02 6.19
C ILE B 30 -11.52 37.14 7.00
N SER B 31 -11.27 37.54 8.25
CA SER B 31 -10.42 36.79 9.16
C SER B 31 -8.96 36.74 8.69
N ASN B 32 -8.75 36.26 7.47
CA ASN B 32 -7.41 36.13 6.91
C ASN B 32 -6.56 35.12 7.67
N LEU B 33 -7.23 34.21 8.38
CA LEU B 33 -6.54 33.16 9.12
C LEU B 33 -5.95 32.13 8.16
N PRO B 34 -5.11 31.22 8.69
CA PRO B 34 -4.46 30.17 7.90
C PRO B 34 -5.46 29.33 7.11
N GLY B 35 -5.00 28.70 6.03
CA GLY B 35 -5.83 27.87 5.19
C GLY B 35 -6.48 26.73 5.97
N LYS B 36 -5.70 26.09 6.84
CA LYS B 36 -6.23 25.06 7.72
C LYS B 36 -6.96 25.73 8.88
N LEU B 37 -6.75 25.21 10.09
CA LEU B 37 -7.31 25.81 11.29
C LEU B 37 -8.83 25.82 11.28
N ALA B 38 -9.44 24.73 11.75
CA ALA B 38 -10.89 24.67 11.88
C ALA B 38 -11.34 25.52 13.07
N ASP B 39 -11.29 26.83 12.89
CA ASP B 39 -11.63 27.77 13.95
C ASP B 39 -13.06 27.57 14.45
N CYS B 40 -13.29 27.84 15.73
CA CYS B 40 -14.59 27.64 16.35
C CYS B 40 -15.60 28.71 15.98
N SER B 41 -16.69 28.78 16.74
CA SER B 41 -17.76 29.74 16.46
C SER B 41 -17.70 30.93 17.42
N SER B 42 -17.34 30.66 18.67
CA SER B 42 -17.24 31.70 19.67
C SER B 42 -16.04 32.61 19.42
N ASN B 43 -16.04 33.77 20.07
CA ASN B 43 -14.94 34.72 19.92
C ASN B 43 -14.38 35.17 21.27
N ASN B 44 -14.67 34.40 22.30
CA ASN B 44 -14.21 34.72 23.65
C ASN B 44 -12.96 33.94 24.05
N PRO B 45 -11.80 34.61 24.03
CA PRO B 45 -10.52 34.01 24.39
C PRO B 45 -10.43 33.66 25.88
N ALA B 46 -11.49 33.07 26.41
CA ALA B 46 -11.53 32.68 27.82
C ALA B 46 -12.28 31.36 27.97
N GLU B 47 -12.79 30.85 26.85
CA GLU B 47 -13.52 29.59 26.85
C GLU B 47 -13.10 28.73 25.66
N THR B 48 -12.80 29.39 24.53
CA THR B 48 -12.40 28.69 23.32
C THR B 48 -11.09 27.92 23.52
N GLU B 49 -10.88 26.90 22.68
CA GLU B 49 -9.69 26.07 22.79
C GLU B 49 -9.04 25.89 21.42
N LEU B 50 -7.71 25.93 21.39
CA LEU B 50 -6.96 25.73 20.15
C LEU B 50 -6.17 24.42 20.22
N PHE B 51 -6.60 23.44 19.43
CA PHE B 51 -5.96 22.13 19.42
C PHE B 51 -4.90 22.01 18.32
N ILE B 52 -3.64 21.91 18.73
CA ILE B 52 -2.54 21.72 17.80
C ILE B 52 -2.28 20.24 17.58
N VAL B 53 -2.96 19.66 16.59
CA VAL B 53 -2.81 18.24 16.29
C VAL B 53 -1.68 17.98 15.31
N GLU B 54 -1.39 16.70 15.08
CA GLU B 54 -0.32 16.31 14.16
C GLU B 54 -0.91 15.67 12.91
N GLY B 55 -0.78 16.36 11.77
CA GLY B 55 -1.25 15.84 10.50
C GLY B 55 -2.76 15.91 10.34
N ASP B 56 -3.22 15.88 9.10
CA ASP B 56 -4.63 15.96 8.80
C ASP B 56 -5.35 14.65 9.08
N SER B 57 -4.58 13.59 9.30
CA SER B 57 -5.14 12.30 9.65
C SER B 57 -5.85 12.39 11.00
N ALA B 58 -5.23 13.13 11.92
CA ALA B 58 -5.81 13.35 13.25
C ALA B 58 -6.67 14.60 13.24
N GLY B 59 -6.27 15.60 12.46
CA GLY B 59 -7.00 16.85 12.35
C GLY B 59 -8.43 16.64 11.89
N GLY B 60 -8.61 15.80 10.88
CA GLY B 60 -9.93 15.49 10.38
C GLY B 60 -10.80 14.81 11.43
N SER B 61 -10.17 13.93 12.20
CA SER B 61 -10.87 13.24 13.29
C SER B 61 -11.20 14.22 14.41
N ALA B 62 -10.39 15.27 14.53
CA ALA B 62 -10.63 16.30 15.52
C ALA B 62 -11.59 17.35 14.98
N LYS B 63 -11.35 17.80 13.75
CA LYS B 63 -12.19 18.80 13.10
C LYS B 63 -13.65 18.35 13.04
N SER B 64 -13.85 17.04 12.89
CA SER B 64 -15.18 16.46 12.91
C SER B 64 -15.45 15.83 14.27
N GLY B 65 -16.27 16.49 15.08
CA GLY B 65 -16.54 16.04 16.43
C GLY B 65 -15.65 16.77 17.41
N ARG B 66 -15.81 18.09 17.47
CA ARG B 66 -14.98 18.94 18.32
C ARG B 66 -15.81 20.01 19.00
N ASN B 67 -17.12 19.96 18.79
CA ASN B 67 -18.01 21.02 19.25
C ASN B 67 -17.57 22.34 18.62
N ARG B 68 -17.85 22.48 17.34
CA ARG B 68 -17.41 23.66 16.58
C ARG B 68 -17.98 24.96 17.13
N GLU B 69 -17.69 25.23 18.41
CA GLU B 69 -18.18 26.43 19.07
C GLU B 69 -17.10 27.02 19.98
N PHE B 70 -16.24 26.16 20.52
CA PHE B 70 -15.20 26.62 21.43
C PHE B 70 -13.90 25.82 21.28
N GLN B 71 -13.84 24.99 20.25
CA GLN B 71 -12.64 24.19 20.00
C GLN B 71 -12.20 24.26 18.55
N ALA B 72 -11.04 24.85 18.31
CA ALA B 72 -10.50 24.98 16.96
C ALA B 72 -9.31 24.06 16.75
N ILE B 73 -9.31 23.36 15.62
CA ILE B 73 -8.24 22.41 15.30
C ILE B 73 -7.25 23.01 14.31
N LEU B 74 -5.97 23.06 14.70
CA LEU B 74 -4.93 23.58 13.83
C LEU B 74 -3.87 22.52 13.58
N PRO B 75 -3.94 21.85 12.42
CA PRO B 75 -3.04 20.75 12.05
C PRO B 75 -1.63 21.22 11.76
N ILE B 76 -0.66 20.63 12.45
CA ILE B 76 0.76 20.89 12.17
C ILE B 76 1.32 19.72 11.36
N ARG B 77 1.97 20.03 10.24
CA ARG B 77 2.46 19.00 9.34
C ARG B 77 3.95 18.70 9.52
N GLY B 78 4.24 17.48 9.97
CA GLY B 78 5.61 17.05 10.15
C GLY B 78 6.19 17.44 11.49
N LYS B 79 7.51 17.59 11.53
CA LYS B 79 8.20 17.98 12.75
C LYS B 79 8.49 19.48 12.74
N ILE B 80 8.07 20.17 13.81
CA ILE B 80 8.31 21.60 13.93
C ILE B 80 9.79 21.89 14.12
N LEU B 81 10.25 22.97 13.50
CA LEU B 81 11.67 23.33 13.52
C LEU B 81 12.19 23.53 14.94
N ASN B 82 13.35 22.94 15.22
CA ASN B 82 14.01 23.13 16.51
C ASN B 82 14.59 24.53 16.60
N VAL B 83 13.89 25.41 17.31
CA VAL B 83 14.28 26.81 17.43
C VAL B 83 15.64 26.99 18.11
N GLU B 84 16.02 26.02 18.93
CA GLU B 84 17.30 26.10 19.64
C GLU B 84 18.49 25.86 18.72
N LYS B 85 18.24 25.25 17.58
CA LYS B 85 19.30 24.95 16.62
C LYS B 85 19.04 25.60 15.27
N ALA B 86 18.06 26.50 15.23
CA ALA B 86 17.69 27.18 13.99
C ALA B 86 17.96 28.68 14.07
N SER B 87 18.52 29.23 13.00
CA SER B 87 18.75 30.67 12.92
C SER B 87 17.42 31.41 12.90
N MET B 88 17.43 32.64 13.42
CA MET B 88 16.21 33.44 13.49
C MET B 88 15.68 33.74 12.09
N ASP B 89 16.57 33.79 11.11
CA ASP B 89 16.20 34.02 9.72
C ASP B 89 15.45 32.81 9.17
N LYS B 90 15.66 31.67 9.81
CA LYS B 90 14.99 30.43 9.39
C LYS B 90 13.66 30.29 10.11
N ILE B 91 13.57 30.84 11.32
CA ILE B 91 12.34 30.79 12.10
C ILE B 91 11.28 31.70 11.50
N LEU B 92 11.71 32.83 10.97
CA LEU B 92 10.78 33.79 10.35
C LEU B 92 10.35 33.32 8.96
N ALA B 93 11.02 32.28 8.47
CA ALA B 93 10.72 31.73 7.15
C ALA B 93 9.83 30.50 7.24
N ASN B 94 9.83 29.86 8.40
CA ASN B 94 9.01 28.67 8.63
C ASN B 94 7.51 28.97 8.53
N GLU B 95 6.82 28.20 7.69
CA GLU B 95 5.39 28.41 7.45
C GLU B 95 4.53 27.82 8.57
N GLU B 96 4.92 26.65 9.05
CA GLU B 96 4.17 25.96 10.10
C GLU B 96 4.09 26.79 11.38
N ILE B 97 5.22 27.35 11.78
CA ILE B 97 5.28 28.19 12.97
C ILE B 97 4.51 29.49 12.73
N ARG B 98 4.61 30.01 11.51
CA ARG B 98 3.91 31.23 11.15
C ARG B 98 2.40 31.05 11.21
N SER B 99 1.94 29.87 10.82
CA SER B 99 0.52 29.55 10.87
C SER B 99 0.05 29.37 12.32
N LEU B 100 1.00 29.14 13.22
CA LEU B 100 0.70 28.97 14.63
C LEU B 100 0.54 30.33 15.32
N PHE B 101 1.47 31.23 15.05
CA PHE B 101 1.40 32.58 15.61
C PHE B 101 0.25 33.37 15.00
N THR B 102 -0.12 33.03 13.77
CA THR B 102 -1.23 33.68 13.10
C THR B 102 -2.56 33.25 13.70
N ALA B 103 -2.61 32.02 14.19
CA ALA B 103 -3.82 31.47 14.80
C ALA B 103 -4.06 32.09 16.17
N MET B 104 -2.98 32.27 16.93
CA MET B 104 -3.06 32.87 18.25
C MET B 104 -3.32 34.37 18.17
N GLY B 105 -2.71 35.01 17.17
CA GLY B 105 -2.84 36.45 16.99
C GLY B 105 -2.22 37.21 18.13
N THR B 106 -1.18 36.63 18.72
CA THR B 106 -0.51 37.24 19.86
C THR B 106 0.55 38.25 19.41
N GLY B 107 1.38 37.85 18.46
CA GLY B 107 2.48 38.68 18.00
C GLY B 107 3.79 37.94 18.12
N PHE B 108 4.84 38.50 17.52
CA PHE B 108 6.15 37.84 17.54
C PHE B 108 7.23 38.74 18.13
N GLY B 109 7.87 38.26 19.19
CA GLY B 109 8.98 38.96 19.81
C GLY B 109 8.60 40.31 20.40
N ALA B 110 8.89 41.37 19.64
CA ALA B 110 8.64 42.73 20.10
C ALA B 110 7.19 43.15 19.86
N GLU B 111 6.30 42.17 19.74
CA GLU B 111 4.89 42.44 19.51
C GLU B 111 4.02 41.41 20.23
N PHE B 112 4.66 40.48 20.93
CA PHE B 112 3.96 39.43 21.65
C PHE B 112 3.08 40.01 22.76
N ASP B 113 1.78 40.07 22.50
CA ASP B 113 0.82 40.56 23.49
C ASP B 113 -0.05 39.41 23.99
N VAL B 114 0.19 38.98 25.21
CA VAL B 114 -0.58 37.90 25.81
C VAL B 114 -2.03 38.33 26.04
N SER B 115 -2.25 39.63 26.17
CA SER B 115 -3.57 40.17 26.41
C SER B 115 -4.34 40.40 25.11
N LYS B 116 -3.90 39.71 24.06
CA LYS B 116 -4.56 39.81 22.76
C LYS B 116 -4.63 38.45 22.07
N ALA B 117 -4.35 37.40 22.83
CA ALA B 117 -4.39 36.04 22.31
C ALA B 117 -5.82 35.61 22.03
N ARG B 118 -6.01 34.86 20.94
CA ARG B 118 -7.34 34.41 20.54
C ARG B 118 -7.83 33.23 21.36
N TYR B 119 -6.90 32.58 22.07
CA TYR B 119 -7.24 31.39 22.84
C TYR B 119 -6.55 31.36 24.20
N GLN B 120 -7.33 31.11 25.25
CA GLN B 120 -6.80 31.03 26.60
C GLN B 120 -6.46 29.59 26.96
N LYS B 121 -6.73 28.68 26.02
CA LYS B 121 -6.46 27.26 26.24
C LYS B 121 -5.80 26.64 25.02
N LEU B 122 -4.48 26.47 25.09
CA LEU B 122 -3.72 25.88 23.99
C LEU B 122 -3.39 24.41 24.29
N VAL B 123 -4.19 23.51 23.72
CA VAL B 123 -4.04 22.08 24.02
C VAL B 123 -3.20 21.36 22.98
N LEU B 124 -2.00 20.95 23.39
CA LEU B 124 -1.14 20.12 22.55
C LEU B 124 -1.69 18.70 22.51
N MET B 125 -2.09 18.26 21.32
CA MET B 125 -2.65 16.92 21.16
C MET B 125 -1.87 16.14 20.10
N THR B 126 -0.70 15.66 20.46
CA THR B 126 0.13 14.88 19.54
C THR B 126 -0.18 13.39 19.64
N ASP B 127 0.30 12.62 18.68
CA ASP B 127 0.06 11.18 18.63
C ASP B 127 0.63 10.49 19.86
N ALA B 128 0.07 9.33 20.20
CA ALA B 128 0.47 8.59 21.39
C ALA B 128 1.72 7.76 21.17
N ASP B 129 2.32 7.88 19.99
CA ASP B 129 3.55 7.15 19.70
C ASP B 129 4.79 7.94 20.15
N VAL B 130 5.96 7.31 20.06
CA VAL B 130 7.20 7.93 20.47
C VAL B 130 7.48 9.22 19.69
N ASP B 131 7.11 9.22 18.41
CA ASP B 131 7.30 10.38 17.56
C ASP B 131 6.44 11.56 18.02
N GLY B 132 5.24 11.25 18.51
CA GLY B 132 4.35 12.26 19.04
C GLY B 132 4.99 12.95 20.23
N ALA B 133 5.75 12.18 21.00
CA ALA B 133 6.47 12.72 22.15
C ALA B 133 7.59 13.66 21.70
N HIS B 134 8.09 13.44 20.48
CA HIS B 134 9.14 14.28 19.93
C HIS B 134 8.59 15.61 19.42
N ILE B 135 7.52 15.52 18.64
CA ILE B 135 6.84 16.72 18.14
C ILE B 135 6.33 17.53 19.32
N ARG B 136 5.92 16.83 20.38
CA ARG B 136 5.48 17.46 21.61
C ARG B 136 6.64 18.22 22.25
N THR B 137 7.84 17.71 22.06
CA THR B 137 9.04 18.34 22.61
C THR B 137 9.43 19.57 21.78
N LEU B 138 9.27 19.47 20.47
CA LEU B 138 9.60 20.56 19.56
C LEU B 138 8.66 21.75 19.77
N LEU B 139 7.42 21.46 20.12
CA LEU B 139 6.43 22.50 20.35
C LEU B 139 6.72 23.26 21.64
N LEU B 140 6.94 22.52 22.72
CA LEU B 140 7.19 23.12 24.03
C LEU B 140 8.39 24.07 24.02
N THR B 141 9.39 23.75 23.21
CA THR B 141 10.55 24.62 23.07
C THR B 141 10.14 25.92 22.38
N LEU B 142 9.33 25.81 21.34
CA LEU B 142 8.81 26.98 20.65
C LEU B 142 7.92 27.79 21.59
N ILE B 143 7.06 27.11 22.34
CA ILE B 143 6.15 27.76 23.26
C ILE B 143 6.89 28.35 24.46
N TYR B 144 8.11 27.90 24.69
CA TYR B 144 8.90 28.38 25.82
C TYR B 144 9.94 29.40 25.39
N ARG B 145 10.32 29.35 24.12
CA ARG B 145 11.36 30.23 23.59
C ARG B 145 10.79 31.48 22.92
N TYR B 146 9.62 31.34 22.29
CA TYR B 146 9.02 32.44 21.55
C TYR B 146 7.56 32.68 21.88
N MET B 147 7.08 32.02 22.93
CA MET B 147 5.71 32.22 23.41
C MET B 147 5.65 32.06 24.93
N LYS B 148 6.71 32.49 25.60
CA LYS B 148 6.84 32.34 27.06
C LYS B 148 5.64 32.86 27.85
N PRO B 149 5.21 34.11 27.57
CA PRO B 149 4.08 34.73 28.28
C PRO B 149 2.83 33.86 28.29
N ILE B 150 2.61 33.12 27.21
CA ILE B 150 1.46 32.24 27.12
C ILE B 150 1.57 31.08 28.10
N LEU B 151 2.77 30.54 28.24
CA LEU B 151 3.02 29.43 29.14
C LEU B 151 3.01 29.89 30.60
N GLU B 152 3.57 31.08 30.84
CA GLU B 152 3.61 31.65 32.18
C GLU B 152 2.22 32.07 32.64
N ALA B 153 1.29 32.16 31.69
CA ALA B 153 -0.08 32.55 31.99
C ALA B 153 -0.96 31.32 32.22
N GLY B 154 -0.38 30.14 32.01
CA GLY B 154 -1.10 28.90 32.19
C GLY B 154 -2.14 28.67 31.11
N TYR B 155 -1.71 28.71 29.86
CA TYR B 155 -2.60 28.48 28.73
C TYR B 155 -2.28 27.18 28.02
N VAL B 156 -0.99 26.84 27.97
CA VAL B 156 -0.53 25.65 27.27
C VAL B 156 -0.78 24.38 28.08
N TYR B 157 -1.67 23.53 27.56
CA TYR B 157 -1.98 22.27 28.21
C TYR B 157 -1.62 21.08 27.32
N ILE B 158 -1.46 19.91 27.92
CA ILE B 158 -1.13 18.70 27.18
C ILE B 158 -2.24 17.66 27.34
N ALA B 159 -2.83 17.25 26.23
CA ALA B 159 -3.90 16.26 26.23
C ALA B 159 -3.40 14.92 26.77
N GLN B 160 -4.25 14.22 27.50
CA GLN B 160 -3.90 12.92 28.08
C GLN B 160 -4.84 11.83 27.57
N PRO B 161 -4.60 11.35 26.34
CA PRO B 161 -5.41 10.30 25.71
C PRO B 161 -5.34 8.99 26.48
N PRO B 162 -6.47 8.28 26.59
CA PRO B 162 -6.54 7.00 27.31
C PRO B 162 -5.88 5.87 26.52
N GLY B 209 -4.19 10.63 18.15
CA GLY B 209 -4.26 9.31 17.55
C GLY B 209 -5.44 9.16 16.61
N GLU B 210 -5.23 8.45 15.51
CA GLU B 210 -6.28 8.24 14.52
C GLU B 210 -7.39 7.35 15.06
N MET B 211 -8.20 7.89 15.95
CA MET B 211 -9.33 7.16 16.51
C MET B 211 -10.63 7.58 15.82
N ASP B 212 -11.73 6.93 16.19
CA ASP B 212 -13.04 7.26 15.63
C ASP B 212 -13.47 8.65 16.08
N ASP B 213 -14.42 9.23 15.36
CA ASP B 213 -14.91 10.57 15.65
C ASP B 213 -15.50 10.65 17.05
N HIS B 214 -16.46 9.77 17.34
CA HIS B 214 -17.09 9.71 18.65
C HIS B 214 -16.10 9.26 19.71
N GLN B 215 -15.03 8.60 19.28
CA GLN B 215 -14.01 8.10 20.19
C GLN B 215 -13.10 9.22 20.70
N LEU B 216 -12.65 10.06 19.78
CA LEU B 216 -11.73 11.15 20.12
C LEU B 216 -12.36 12.16 21.08
N TRP B 217 -13.64 12.46 20.85
CA TRP B 217 -14.35 13.41 21.69
C TRP B 217 -14.70 12.84 23.05
N GLU B 218 -15.20 11.60 23.05
CA GLU B 218 -15.66 10.96 24.28
C GLU B 218 -14.51 10.59 25.22
N THR B 219 -13.28 10.72 24.75
CA THR B 219 -12.12 10.30 25.53
C THR B 219 -11.16 11.44 25.87
N THR B 220 -10.93 12.33 24.90
CA THR B 220 -9.90 13.35 25.07
C THR B 220 -10.39 14.79 24.87
N MET B 221 -11.49 14.95 24.15
CA MET B 221 -11.96 16.30 23.80
C MET B 221 -13.12 16.80 24.66
N ASP B 222 -13.91 15.90 25.22
CA ASP B 222 -15.04 16.28 26.06
C ASP B 222 -14.57 16.64 27.47
N PRO B 223 -14.68 17.93 27.84
CA PRO B 223 -14.24 18.46 29.13
C PRO B 223 -14.91 17.78 30.32
N GLU B 224 -16.02 17.10 30.08
CA GLU B 224 -16.77 16.46 31.16
C GLU B 224 -16.20 15.07 31.51
N HIS B 225 -15.27 14.60 30.68
CA HIS B 225 -14.68 13.28 30.89
C HIS B 225 -13.19 13.26 30.57
N ARG B 226 -12.74 14.25 29.81
CA ARG B 226 -11.34 14.30 29.39
C ARG B 226 -10.41 14.64 30.56
N LEU B 227 -9.16 14.20 30.45
CA LEU B 227 -8.16 14.49 31.46
C LEU B 227 -7.01 15.28 30.84
N MET B 228 -6.85 16.53 31.26
CA MET B 228 -5.81 17.39 30.73
C MET B 228 -4.74 17.68 31.78
N ALA B 229 -3.56 18.11 31.32
CA ALA B 229 -2.47 18.44 32.21
C ALA B 229 -1.95 19.85 31.96
N ARG B 230 -1.88 20.65 33.02
CA ARG B 230 -1.40 22.02 32.92
C ARG B 230 0.12 22.09 33.01
N VAL B 231 0.74 22.61 31.96
CA VAL B 231 2.20 22.76 31.93
C VAL B 231 2.64 23.92 32.79
N SER B 232 3.27 23.61 33.92
CA SER B 232 3.71 24.64 34.85
C SER B 232 5.23 24.68 34.95
N VAL B 233 5.79 25.88 35.04
CA VAL B 233 7.23 26.06 35.14
C VAL B 233 7.66 26.36 36.57
N ASP B 234 8.52 25.51 37.11
CA ASP B 234 9.02 25.69 38.48
C ASP B 234 10.16 26.70 38.50
N ASP B 235 11.36 26.25 38.16
CA ASP B 235 12.52 27.12 38.13
C ASP B 235 12.94 27.43 36.69
N ALA B 236 12.91 28.71 36.35
CA ALA B 236 13.28 29.14 34.99
C ALA B 236 14.73 28.85 34.69
N ALA B 237 15.55 28.80 35.73
CA ALA B 237 16.97 28.48 35.58
C ALA B 237 17.14 27.04 35.14
N GLU B 238 16.49 26.13 35.84
CA GLU B 238 16.54 24.71 35.50
C GLU B 238 15.85 24.46 34.16
N ALA B 239 14.86 25.28 33.85
CA ALA B 239 14.13 25.17 32.58
C ALA B 239 15.02 25.55 31.41
N ASP B 240 15.71 26.69 31.54
CA ASP B 240 16.59 27.18 30.49
C ASP B 240 17.74 26.20 30.22
N LYS B 241 18.12 25.45 31.25
CA LYS B 241 19.21 24.50 31.13
C LYS B 241 18.76 23.21 30.44
N ILE B 242 17.53 22.79 30.75
CA ILE B 242 16.97 21.57 30.19
C ILE B 242 16.82 21.66 28.67
N PHE B 243 16.39 22.82 28.19
CA PHE B 243 16.22 23.04 26.76
C PHE B 243 17.58 23.21 26.07
N ASP B 244 18.54 23.79 26.78
CA ASP B 244 19.87 24.00 26.25
C ASP B 244 20.63 22.69 26.14
N MET B 245 20.16 21.68 26.86
CA MET B 245 20.80 20.37 26.87
C MET B 245 20.10 19.38 25.94
N LEU B 246 18.78 19.26 26.09
CA LEU B 246 18.00 18.30 25.32
C LEU B 246 17.85 18.71 23.85
N MET B 247 17.68 20.01 23.62
CA MET B 247 17.48 20.51 22.26
C MET B 247 18.55 21.52 21.84
N GLY B 248 19.56 21.70 22.71
CA GLY B 248 20.66 22.59 22.41
C GLY B 248 21.53 22.03 21.28
N ASP B 249 22.40 22.88 20.75
CA ASP B 249 23.29 22.46 19.66
C ASP B 249 24.35 21.47 20.15
N ARG B 250 24.50 21.37 21.46
CA ARG B 250 25.47 20.47 22.06
C ARG B 250 24.97 19.03 22.03
N VAL B 251 25.78 18.14 21.46
CA VAL B 251 25.41 16.73 21.34
C VAL B 251 26.03 15.90 22.48
N GLU B 252 27.18 16.34 22.97
CA GLU B 252 27.87 15.65 24.05
C GLU B 252 27.04 15.63 25.32
N PRO B 253 26.58 16.80 25.78
CA PRO B 253 25.73 16.87 26.98
C PRO B 253 24.43 16.08 26.82
N ARG B 254 23.91 16.03 25.60
CA ARG B 254 22.67 15.30 25.34
C ARG B 254 22.91 13.80 25.34
N ARG B 255 24.03 13.38 24.74
CA ARG B 255 24.39 11.97 24.70
C ARG B 255 24.73 11.46 26.10
N GLU B 256 25.28 12.35 26.91
CA GLU B 256 25.65 12.01 28.29
C GLU B 256 24.41 11.97 29.17
N PHE B 257 23.41 12.76 28.83
CA PHE B 257 22.14 12.76 29.56
C PHE B 257 21.37 11.47 29.29
N ILE B 258 21.26 11.11 28.02
CA ILE B 258 20.56 9.89 27.63
C ILE B 258 21.25 8.66 28.20
N GLU B 259 22.56 8.74 28.37
CA GLU B 259 23.33 7.63 28.89
C GLU B 259 23.19 7.49 30.40
N GLU B 260 22.76 8.58 31.05
CA GLU B 260 22.64 8.59 32.50
C GLU B 260 21.20 8.46 32.97
N ASN B 261 20.25 8.81 32.10
CA ASN B 261 18.84 8.76 32.45
C ASN B 261 18.01 7.90 31.50
N ALA B 262 18.48 6.67 31.28
CA ALA B 262 17.76 5.74 30.41
C ALA B 262 17.87 4.31 30.93
N VAL B 263 16.72 3.67 31.13
CA VAL B 263 16.67 2.31 31.63
C VAL B 263 16.23 1.33 30.55
N TYR B 264 17.20 0.72 29.87
CA TYR B 264 16.91 -0.24 28.82
C TYR B 264 16.31 -1.52 29.40
N GLN C 2 -13.51 24.84 29.91
CA GLN C 2 -13.37 24.60 31.35
C GLN C 2 -13.39 23.10 31.65
N ASP C 3 -12.29 22.59 32.21
CA ASP C 3 -12.16 21.17 32.48
C ASP C 3 -12.66 20.80 33.88
N LYS C 4 -12.91 19.52 34.09
CA LYS C 4 -13.36 19.02 35.38
C LYS C 4 -12.21 18.36 36.14
N ASN C 5 -11.56 17.40 35.49
CA ASN C 5 -10.42 16.71 36.09
C ASN C 5 -9.10 17.11 35.45
N LEU C 6 -8.55 18.23 35.89
CA LEU C 6 -7.28 18.73 35.36
C LEU C 6 -6.13 18.38 36.29
N VAL C 7 -4.97 18.10 35.71
CA VAL C 7 -3.78 17.77 36.49
C VAL C 7 -2.64 18.70 36.13
N ASN C 8 -1.66 18.82 37.04
CA ASN C 8 -0.51 19.67 36.81
C ASN C 8 0.73 18.88 36.41
N VAL C 9 1.42 19.35 35.38
CA VAL C 9 2.62 18.67 34.91
C VAL C 9 3.75 19.68 34.68
N ASN C 10 4.85 19.48 35.40
CA ASN C 10 6.02 20.36 35.27
C ASN C 10 6.59 20.33 33.85
N LEU C 11 7.04 21.49 33.38
CA LEU C 11 7.60 21.60 32.04
C LEU C 11 8.88 20.77 31.91
N THR C 12 9.75 20.87 32.92
CA THR C 12 11.02 20.17 32.91
C THR C 12 10.82 18.66 33.00
N LYS C 13 9.83 18.24 33.77
CA LYS C 13 9.55 16.83 33.98
C LYS C 13 9.06 16.15 32.70
N GLU C 14 8.12 16.82 32.03
CA GLU C 14 7.55 16.27 30.79
C GLU C 14 8.55 16.30 29.66
N MET C 15 9.42 17.31 29.66
CA MET C 15 10.47 17.43 28.65
C MET C 15 11.47 16.29 28.74
N LYS C 16 11.92 16.01 29.95
CA LYS C 16 12.89 14.94 30.18
C LYS C 16 12.28 13.58 29.91
N ALA C 17 11.01 13.42 30.26
CA ALA C 17 10.31 12.15 30.05
C ALA C 17 10.02 11.92 28.57
N SER C 18 9.47 12.94 27.92
CA SER C 18 9.11 12.84 26.50
C SER C 18 10.33 12.65 25.61
N PHE C 19 11.44 13.30 25.98
CA PHE C 19 12.65 13.23 25.17
C PHE C 19 13.35 11.88 25.28
N ILE C 20 13.43 11.36 26.50
CA ILE C 20 14.06 10.07 26.75
C ILE C 20 13.28 8.95 26.06
N ASP C 21 11.98 9.16 25.92
CA ASP C 21 11.11 8.18 25.28
C ASP C 21 11.39 8.11 23.79
N TYR C 22 11.59 9.27 23.17
CA TYR C 22 11.87 9.34 21.73
C TYR C 22 13.32 9.01 21.44
N ALA C 23 14.20 9.28 22.40
CA ALA C 23 15.63 9.01 22.24
C ALA C 23 15.90 7.50 22.18
N MET C 24 15.47 6.79 23.22
CA MET C 24 15.68 5.36 23.32
C MET C 24 14.94 4.60 22.22
N SER C 25 13.77 5.13 21.85
CA SER C 25 12.96 4.51 20.82
C SER C 25 13.60 4.64 19.44
N VAL C 26 14.34 5.73 19.24
CA VAL C 26 15.01 5.96 17.97
C VAL C 26 16.40 5.31 17.96
N ILE C 27 16.94 5.08 19.16
CA ILE C 27 18.27 4.51 19.29
C ILE C 27 18.25 2.99 19.18
N VAL C 28 17.45 2.36 20.03
CA VAL C 28 17.41 0.90 20.11
C VAL C 28 16.23 0.28 19.36
N ALA C 29 15.76 0.96 18.31
CA ALA C 29 14.65 0.44 17.52
C ALA C 29 14.31 1.29 16.30
N ARG C 30 15.33 1.77 15.59
CA ARG C 30 15.09 2.58 14.40
C ARG C 30 16.35 2.87 13.59
N ALA C 31 17.29 3.57 14.21
CA ALA C 31 18.47 4.06 13.49
C ALA C 31 19.67 3.11 13.57
N LEU C 32 19.80 2.42 14.70
CA LEU C 32 20.97 1.56 14.93
C LEU C 32 20.67 0.09 14.67
N PRO C 33 21.62 -0.61 14.03
CA PRO C 33 21.50 -2.03 13.70
C PRO C 33 21.96 -2.93 14.84
N ASP C 34 21.46 -4.15 14.88
CA ASP C 34 21.87 -5.13 15.88
C ASP C 34 23.25 -5.66 15.51
N VAL C 35 24.13 -5.75 16.50
CA VAL C 35 25.49 -6.23 16.28
C VAL C 35 25.47 -7.69 15.83
N ARG C 36 24.35 -8.36 16.06
CA ARG C 36 24.19 -9.75 15.69
C ARG C 36 23.96 -9.91 14.18
N ASP C 37 22.77 -9.55 13.73
CA ASP C 37 22.40 -9.73 12.33
C ASP C 37 22.66 -8.49 11.48
N GLY C 38 23.17 -7.45 12.10
CA GLY C 38 23.53 -6.22 11.40
C GLY C 38 22.36 -5.58 10.66
N LEU C 39 21.17 -5.66 11.25
CA LEU C 39 19.98 -5.11 10.62
C LEU C 39 19.24 -4.14 11.54
N LYS C 40 18.56 -3.17 10.93
CA LYS C 40 17.67 -2.29 11.65
C LYS C 40 16.26 -2.87 11.61
N PRO C 41 15.36 -2.36 12.46
CA PRO C 41 13.99 -2.88 12.57
C PRO C 41 13.27 -2.98 11.22
N VAL C 42 13.46 -1.99 10.36
CA VAL C 42 12.79 -1.96 9.06
C VAL C 42 13.30 -3.06 8.12
N HIS C 43 14.62 -3.13 7.94
CA HIS C 43 15.22 -4.10 7.03
C HIS C 43 14.93 -5.53 7.49
N ARG C 44 14.91 -5.72 8.81
CA ARG C 44 14.65 -7.04 9.37
C ARG C 44 13.20 -7.45 9.16
N ARG C 45 12.30 -6.46 9.12
CA ARG C 45 10.89 -6.72 8.89
C ARG C 45 10.61 -6.98 7.42
N ILE C 46 11.30 -6.27 6.55
CA ILE C 46 11.15 -6.46 5.11
C ILE C 46 11.59 -7.86 4.70
N LEU C 47 12.69 -8.32 5.28
CA LEU C 47 13.20 -9.66 5.00
C LEU C 47 12.23 -10.72 5.48
N TYR C 48 11.90 -10.67 6.76
CA TYR C 48 10.96 -11.63 7.35
C TYR C 48 9.59 -11.53 6.67
N GLY C 49 9.24 -10.32 6.25
CA GLY C 49 8.00 -10.10 5.52
C GLY C 49 8.02 -10.82 4.20
N MET C 50 9.05 -10.57 3.41
CA MET C 50 9.25 -11.26 2.13
C MET C 50 9.27 -12.77 2.32
N ASN C 51 9.89 -13.21 3.40
CA ASN C 51 9.99 -14.63 3.73
C ASN C 51 8.62 -15.27 3.89
N GLU C 52 7.77 -14.64 4.70
CA GLU C 52 6.44 -15.16 4.97
C GLU C 52 5.55 -15.11 3.73
N LEU C 53 5.69 -14.05 2.96
CA LEU C 53 4.90 -13.89 1.73
C LEU C 53 5.28 -14.92 0.68
N GLY C 54 6.49 -15.46 0.79
CA GLY C 54 6.95 -16.49 -0.11
C GLY C 54 7.58 -15.95 -1.38
N VAL C 55 8.37 -14.90 -1.25
CA VAL C 55 9.10 -14.34 -2.37
C VAL C 55 10.56 -14.79 -2.32
N THR C 56 10.76 -16.09 -2.15
CA THR C 56 12.10 -16.67 -2.11
C THR C 56 12.77 -16.61 -3.47
N PRO C 57 14.10 -16.74 -3.50
CA PRO C 57 14.91 -16.64 -4.73
C PRO C 57 14.47 -17.63 -5.81
N ASP C 58 13.83 -18.72 -5.41
CA ASP C 58 13.38 -19.72 -6.36
C ASP C 58 12.00 -19.40 -6.92
N LYS C 59 11.15 -18.80 -6.08
CA LYS C 59 9.81 -18.42 -6.49
C LYS C 59 9.83 -17.11 -7.28
N PRO C 60 8.73 -16.82 -8.00
CA PRO C 60 8.62 -15.63 -8.84
C PRO C 60 8.48 -14.34 -8.03
N HIS C 61 8.63 -13.20 -8.69
CA HIS C 61 8.55 -11.91 -8.03
C HIS C 61 7.13 -11.54 -7.66
N LYS C 62 7.00 -10.60 -6.74
CA LYS C 62 5.70 -10.05 -6.36
C LYS C 62 5.79 -8.53 -6.34
N LYS C 63 4.72 -7.86 -6.75
CA LYS C 63 4.69 -6.41 -6.80
C LYS C 63 5.02 -5.80 -5.43
N SER C 64 5.83 -4.74 -5.44
CA SER C 64 6.27 -4.10 -4.21
C SER C 64 5.12 -3.67 -3.32
N ALA C 65 4.02 -3.26 -3.94
CA ALA C 65 2.82 -2.88 -3.20
C ALA C 65 2.29 -4.07 -2.41
N ARG C 66 2.48 -5.27 -2.96
CA ARG C 66 2.10 -6.50 -2.29
C ARG C 66 3.01 -6.74 -1.09
N ILE C 67 4.30 -6.51 -1.28
CA ILE C 67 5.28 -6.70 -0.21
C ILE C 67 5.14 -5.61 0.85
N THR C 68 5.14 -4.36 0.41
CA THR C 68 5.01 -3.22 1.32
C THR C 68 3.70 -3.27 2.08
N GLY C 69 2.65 -3.75 1.41
CA GLY C 69 1.34 -3.87 2.02
C GLY C 69 1.34 -4.77 3.23
N ASP C 70 2.13 -5.84 3.16
CA ASP C 70 2.19 -6.83 4.24
C ASP C 70 3.15 -6.44 5.35
N VAL C 71 4.34 -5.98 4.96
CA VAL C 71 5.36 -5.58 5.92
C VAL C 71 4.86 -4.44 6.80
N MET C 72 3.91 -3.67 6.29
CA MET C 72 3.33 -2.55 7.03
C MET C 72 2.19 -3.00 7.93
N GLY C 73 1.28 -3.78 7.38
CA GLY C 73 0.08 -4.19 8.10
C GLY C 73 0.29 -5.36 9.05
N LYS C 74 1.55 -5.76 9.24
CA LYS C 74 1.84 -6.91 10.10
C LYS C 74 3.00 -6.66 11.05
N TYR C 75 4.02 -5.94 10.58
CA TYR C 75 5.24 -5.77 11.37
C TYR C 75 5.64 -4.31 11.55
N HIS C 76 5.89 -3.62 10.43
CA HIS C 76 6.35 -2.23 10.48
C HIS C 76 5.20 -1.26 10.43
N PRO C 77 4.86 -0.66 11.60
CA PRO C 77 3.73 0.26 11.72
C PRO C 77 4.08 1.67 11.27
N HIS C 78 4.56 1.81 10.04
CA HIS C 78 4.93 3.12 9.52
C HIS C 78 4.42 3.35 8.11
N GLY C 79 5.17 4.12 7.33
CA GLY C 79 4.72 4.51 5.99
C GLY C 79 5.17 3.58 4.88
N ASP C 80 4.51 3.68 3.74
CA ASP C 80 4.86 2.89 2.56
C ASP C 80 6.21 3.32 2.03
N SER C 81 6.38 4.63 1.86
CA SER C 81 7.60 5.20 1.31
C SER C 81 8.81 4.89 2.18
N SER C 82 8.61 4.87 3.50
CA SER C 82 9.68 4.58 4.43
C SER C 82 10.18 3.15 4.26
N ILE C 83 9.25 2.24 4.00
CA ILE C 83 9.57 0.83 3.82
C ILE C 83 10.12 0.57 2.41
N TYR C 84 9.38 1.01 1.41
CA TYR C 84 9.75 0.79 0.01
C TYR C 84 11.10 1.43 -0.32
N GLU C 85 11.42 2.52 0.36
CA GLU C 85 12.71 3.18 0.18
C GLU C 85 13.84 2.31 0.73
N ALA C 86 13.56 1.62 1.83
CA ALA C 86 14.54 0.72 2.41
C ALA C 86 14.76 -0.49 1.51
N MET C 87 13.67 -1.05 1.01
CA MET C 87 13.72 -2.21 0.12
C MET C 87 14.53 -1.90 -1.13
N VAL C 88 14.34 -0.70 -1.68
CA VAL C 88 15.05 -0.28 -2.88
C VAL C 88 16.56 -0.20 -2.63
N ARG C 89 16.94 0.21 -1.43
CA ARG C 89 18.34 0.30 -1.05
C ARG C 89 18.99 -1.07 -0.96
N MET C 90 18.20 -2.07 -0.58
CA MET C 90 18.69 -3.43 -0.44
C MET C 90 18.75 -4.14 -1.79
N ALA C 91 18.50 -3.40 -2.86
CA ALA C 91 18.47 -3.97 -4.20
C ALA C 91 19.42 -3.24 -5.15
N GLN C 92 20.11 -2.23 -4.63
CA GLN C 92 21.03 -1.44 -5.44
C GLN C 92 22.47 -1.85 -5.19
N TRP C 93 23.19 -2.20 -6.25
CA TRP C 93 24.56 -2.69 -6.14
C TRP C 93 25.50 -1.62 -5.60
N TRP C 94 25.10 -0.35 -5.73
CA TRP C 94 25.91 0.76 -5.25
C TRP C 94 25.61 1.06 -3.78
N SER C 95 24.49 0.56 -3.30
CA SER C 95 24.08 0.76 -1.91
C SER C 95 24.66 -0.30 -1.00
N TYR C 96 24.35 -1.56 -1.29
CA TYR C 96 24.86 -2.68 -0.51
C TYR C 96 25.96 -3.42 -1.26
N ARG C 97 27.04 -3.73 -0.56
CA ARG C 97 28.13 -4.51 -1.12
C ARG C 97 27.62 -5.89 -1.54
N TYR C 98 26.64 -6.39 -0.79
CA TYR C 98 25.97 -7.64 -1.13
C TYR C 98 24.46 -7.48 -0.95
N MET C 99 23.77 -7.28 -2.06
CA MET C 99 22.33 -7.01 -2.06
C MET C 99 21.53 -8.08 -1.36
N LEU C 100 20.45 -7.67 -0.70
CA LEU C 100 19.57 -8.58 0.02
C LEU C 100 18.22 -8.69 -0.68
N VAL C 101 18.09 -8.01 -1.82
CA VAL C 101 16.83 -8.00 -2.56
C VAL C 101 17.05 -8.07 -4.06
N ASP C 102 16.27 -8.91 -4.72
CA ASP C 102 16.31 -9.01 -6.18
C ASP C 102 15.04 -8.40 -6.76
N GLY C 103 15.16 -7.17 -7.24
CA GLY C 103 14.02 -6.44 -7.77
C GLY C 103 14.04 -6.29 -9.27
N HIS C 104 12.85 -6.27 -9.87
CA HIS C 104 12.71 -6.08 -11.31
C HIS C 104 12.07 -4.73 -11.61
N GLY C 105 12.60 -4.02 -12.60
CA GLY C 105 12.09 -2.72 -12.96
C GLY C 105 13.01 -1.60 -12.49
N ASN C 106 12.51 -0.37 -12.55
CA ASN C 106 13.29 0.79 -12.14
C ASN C 106 13.50 0.87 -10.63
N PHE C 107 14.72 0.60 -10.20
CA PHE C 107 15.07 0.70 -8.78
C PHE C 107 16.11 1.79 -8.55
N GLY C 108 16.03 2.84 -9.35
CA GLY C 108 16.93 3.97 -9.22
C GLY C 108 18.23 3.79 -9.96
N SER C 109 19.05 4.84 -9.97
CA SER C 109 20.35 4.80 -10.62
C SER C 109 21.43 5.36 -9.72
N MET C 110 22.68 5.30 -10.17
CA MET C 110 23.81 5.85 -9.41
C MET C 110 23.89 7.37 -9.63
N ASP C 111 23.02 7.87 -10.50
CA ASP C 111 22.98 9.30 -10.79
C ASP C 111 22.02 10.02 -9.85
N GLY C 112 21.42 9.26 -8.93
CA GLY C 112 20.52 9.83 -7.95
C GLY C 112 19.06 9.63 -8.29
N ASP C 113 18.80 9.11 -9.48
CA ASP C 113 17.43 8.86 -9.93
C ASP C 113 16.70 7.93 -8.97
N SER C 114 15.50 8.35 -8.56
CA SER C 114 14.71 7.57 -7.61
C SER C 114 14.10 6.34 -8.28
N ALA C 115 13.63 5.41 -7.47
CA ALA C 115 12.95 4.22 -7.98
C ALA C 115 11.58 4.60 -8.54
N ALA C 116 10.91 3.64 -9.17
CA ALA C 116 9.58 3.87 -9.69
C ALA C 116 8.55 3.53 -8.62
N ALA C 117 7.27 3.73 -8.93
CA ALA C 117 6.19 3.43 -7.99
C ALA C 117 6.14 1.94 -7.70
N GLN C 118 5.57 1.59 -6.55
CA GLN C 118 5.45 0.20 -6.13
C GLN C 118 4.48 -0.55 -7.04
N ARG C 119 3.77 0.20 -7.88
CA ARG C 119 2.81 -0.38 -8.80
C ARG C 119 3.47 -0.81 -10.11
N TYR C 120 4.77 -0.59 -10.22
CA TYR C 120 5.51 -0.94 -11.42
C TYR C 120 6.66 -1.90 -11.15
N THR C 121 7.20 -1.85 -9.94
CA THR C 121 8.34 -2.68 -9.59
C THR C 121 7.95 -3.84 -8.67
N GLU C 122 8.38 -5.03 -9.02
CA GLU C 122 8.20 -6.20 -8.17
C GLU C 122 9.57 -6.72 -7.77
N ALA C 123 9.62 -7.50 -6.70
CA ALA C 123 10.90 -7.98 -6.17
C ALA C 123 10.77 -9.26 -5.36
N ARG C 124 11.89 -9.70 -4.80
CA ARG C 124 11.94 -10.89 -3.98
C ARG C 124 13.28 -10.97 -3.25
N MET C 125 13.40 -11.95 -2.36
CA MET C 125 14.62 -12.13 -1.59
C MET C 125 15.82 -12.39 -2.49
N SER C 126 17.01 -12.07 -2.00
CA SER C 126 18.24 -12.39 -2.71
C SER C 126 18.69 -13.79 -2.32
N LYS C 127 19.53 -14.40 -3.16
CA LYS C 127 20.05 -15.73 -2.87
C LYS C 127 20.83 -15.73 -1.56
N ILE C 128 21.82 -14.84 -1.47
CA ILE C 128 22.60 -14.69 -0.25
C ILE C 128 21.71 -14.21 0.90
N ALA C 129 20.66 -13.48 0.56
CA ALA C 129 19.72 -12.98 1.56
C ALA C 129 19.03 -14.14 2.29
N LEU C 130 18.88 -15.26 1.60
CA LEU C 130 18.27 -16.45 2.17
C LEU C 130 19.10 -16.99 3.34
N GLU C 131 20.39 -16.70 3.31
CA GLU C 131 21.29 -17.12 4.38
C GLU C 131 20.92 -16.40 5.68
N MET C 132 20.36 -15.21 5.55
CA MET C 132 19.92 -14.43 6.69
C MET C 132 18.74 -15.08 7.40
N LEU C 133 18.04 -15.97 6.69
CA LEU C 133 16.83 -16.59 7.22
C LEU C 133 16.96 -18.09 7.40
N ARG C 134 18.16 -18.63 7.15
CA ARG C 134 18.36 -20.07 7.24
C ARG C 134 18.04 -20.63 8.63
N ASP C 135 17.19 -21.65 8.64
CA ASP C 135 16.79 -22.30 9.89
C ASP C 135 16.05 -21.35 10.82
N ILE C 136 15.29 -20.42 10.25
CA ILE C 136 14.49 -19.50 11.05
C ILE C 136 13.26 -20.22 11.58
N ASN C 137 12.98 -21.39 11.01
CA ASN C 137 11.82 -22.19 11.40
C ASN C 137 12.18 -23.35 12.32
N LYS C 138 13.42 -23.35 12.81
CA LYS C 138 13.89 -24.41 13.69
C LYS C 138 14.22 -23.87 15.08
N ASN C 139 13.49 -22.86 15.51
CA ASN C 139 13.69 -22.24 16.81
C ASN C 139 15.13 -21.76 17.01
N THR C 140 15.65 -21.06 16.00
CA THR C 140 17.00 -20.53 16.08
C THR C 140 17.00 -19.11 16.64
N VAL C 141 15.86 -18.43 16.49
CA VAL C 141 15.74 -17.05 16.95
C VAL C 141 14.50 -16.85 17.81
N ASP C 142 14.57 -15.86 18.70
CA ASP C 142 13.45 -15.54 19.57
C ASP C 142 12.41 -14.69 18.85
N PHE C 143 11.14 -14.93 19.15
CA PHE C 143 10.06 -14.17 18.52
C PHE C 143 9.28 -13.34 19.53
N VAL C 144 8.64 -12.28 19.06
CA VAL C 144 7.86 -11.40 19.91
C VAL C 144 6.58 -10.99 19.19
N ASP C 145 5.64 -10.41 19.93
CA ASP C 145 4.40 -9.91 19.35
C ASP C 145 4.65 -8.58 18.63
N ASN C 146 3.89 -8.33 17.57
CA ASN C 146 4.02 -7.09 16.83
C ASN C 146 3.28 -5.93 17.51
N TYR C 147 3.32 -4.76 16.87
CA TYR C 147 2.69 -3.57 17.44
C TYR C 147 1.20 -3.75 17.66
N ASP C 148 0.56 -4.52 16.78
CA ASP C 148 -0.88 -4.77 16.87
C ASP C 148 -1.18 -5.89 17.86
N ALA C 149 -0.14 -6.61 18.25
CA ALA C 149 -0.29 -7.75 19.17
C ALA C 149 -1.12 -8.86 18.54
N ASN C 150 -1.21 -8.86 17.21
CA ASN C 150 -1.97 -9.87 16.49
C ASN C 150 -1.07 -10.70 15.57
N GLU C 151 0.23 -10.47 15.67
CA GLU C 151 1.22 -11.21 14.89
C GLU C 151 2.50 -11.38 15.68
N ARG C 152 3.40 -12.22 15.19
CA ARG C 152 4.70 -12.42 15.83
C ARG C 152 5.84 -12.24 14.83
N GLU C 153 6.92 -11.63 15.30
CA GLU C 153 8.09 -11.39 14.47
C GLU C 153 9.37 -11.76 15.21
N PRO C 154 10.42 -12.10 14.45
CA PRO C 154 11.73 -12.42 15.04
C PRO C 154 12.41 -11.18 15.58
N LEU C 155 13.02 -11.29 16.76
CA LEU C 155 13.75 -10.19 17.36
C LEU C 155 15.12 -10.05 16.68
N VAL C 156 15.48 -11.06 15.90
CA VAL C 156 16.74 -11.09 15.18
C VAL C 156 16.79 -12.29 14.25
N LEU C 157 17.38 -12.10 13.08
CA LEU C 157 17.52 -13.20 12.12
C LEU C 157 18.76 -14.02 12.42
N PRO C 158 18.79 -15.27 11.93
CA PRO C 158 19.95 -16.15 12.09
C PRO C 158 21.22 -15.50 11.55
N ALA C 159 21.16 -15.01 10.31
CA ALA C 159 22.30 -14.34 9.68
C ALA C 159 23.50 -15.28 9.58
N ARG C 160 23.49 -16.16 8.59
CA ARG C 160 24.56 -17.13 8.42
C ARG C 160 25.81 -16.51 7.78
N PHE C 161 25.83 -15.19 7.71
CA PHE C 161 27.02 -14.46 7.27
C PHE C 161 27.07 -13.10 7.97
N PRO C 162 28.28 -12.66 8.33
CA PRO C 162 28.51 -11.40 9.06
C PRO C 162 27.96 -10.19 8.31
N ASN C 163 26.64 -10.04 8.33
CA ASN C 163 25.97 -8.98 7.59
C ASN C 163 26.42 -7.57 7.98
N LEU C 164 26.76 -7.37 9.25
CA LEU C 164 27.14 -6.05 9.74
C LEU C 164 28.43 -5.56 9.10
N LEU C 165 29.47 -6.38 9.13
CA LEU C 165 30.78 -6.00 8.60
C LEU C 165 30.83 -6.10 7.08
N VAL C 166 29.93 -6.89 6.50
CA VAL C 166 29.92 -7.11 5.06
C VAL C 166 29.22 -5.99 4.29
N ASN C 167 28.05 -5.58 4.78
CA ASN C 167 27.29 -4.52 4.13
C ASN C 167 27.54 -3.14 4.71
N GLY C 168 27.79 -3.08 6.03
CA GLY C 168 28.03 -1.82 6.70
C GLY C 168 26.84 -1.41 7.56
N ALA C 169 26.83 -0.15 7.98
CA ALA C 169 25.74 0.35 8.82
C ALA C 169 25.67 1.88 8.83
N THR C 170 24.45 2.41 8.97
CA THR C 170 24.25 3.85 9.01
C THR C 170 22.78 4.18 9.33
N GLY C 171 22.57 5.20 10.16
CA GLY C 171 23.68 5.96 10.73
C GLY C 171 23.24 6.98 11.76
N ILE C 172 22.40 7.91 11.34
CA ILE C 172 21.98 9.02 12.21
C ILE C 172 20.89 8.61 13.21
N ALA C 173 21.17 8.82 14.48
CA ALA C 173 20.22 8.52 15.54
C ALA C 173 19.92 9.75 16.39
N VAL C 174 20.05 9.62 17.70
CA VAL C 174 19.82 10.74 18.61
C VAL C 174 20.91 10.79 19.68
N GLY C 175 21.75 11.82 19.61
CA GLY C 175 22.86 11.96 20.54
C GLY C 175 24.01 11.05 20.16
N MET C 176 23.81 10.27 19.11
CA MET C 176 24.83 9.34 18.63
C MET C 176 24.57 9.00 17.17
N ALA C 177 25.62 8.55 16.48
CA ALA C 177 25.51 8.18 15.07
C ALA C 177 26.55 7.14 14.71
N THR C 178 26.11 6.07 14.04
CA THR C 178 27.00 5.00 13.65
C THR C 178 27.37 5.09 12.16
N ASN C 179 28.56 4.63 11.83
CA ASN C 179 29.02 4.62 10.44
C ASN C 179 30.02 3.50 10.18
N ILE C 180 29.54 2.41 9.60
CA ILE C 180 30.38 1.25 9.32
C ILE C 180 30.44 0.96 7.82
N PRO C 181 31.64 0.87 7.26
CA PRO C 181 31.84 0.59 5.84
C PRO C 181 31.71 -0.91 5.52
N PRO C 182 31.44 -1.24 4.26
CA PRO C 182 31.29 -2.63 3.80
C PRO C 182 32.63 -3.36 3.75
N HIS C 183 32.57 -4.69 3.68
CA HIS C 183 33.76 -5.50 3.52
C HIS C 183 33.48 -6.66 2.57
N ASN C 184 34.53 -7.30 2.08
CA ASN C 184 34.38 -8.48 1.24
C ASN C 184 33.80 -9.65 2.04
N LEU C 185 32.89 -10.39 1.43
CA LEU C 185 32.27 -11.52 2.09
C LEU C 185 33.32 -12.56 2.48
N GLY C 186 34.20 -12.87 1.53
CA GLY C 186 35.26 -13.83 1.78
C GLY C 186 36.23 -13.38 2.84
N GLU C 187 36.66 -12.13 2.75
CA GLU C 187 37.60 -11.55 3.71
C GLU C 187 37.04 -11.60 5.13
N THR C 188 35.77 -11.27 5.27
CA THR C 188 35.12 -11.24 6.57
C THR C 188 35.02 -12.66 7.15
N ILE C 189 34.61 -13.60 6.33
CA ILE C 189 34.48 -14.99 6.74
C ILE C 189 35.83 -15.55 7.20
N ASP C 190 36.91 -15.04 6.59
CA ASP C 190 38.25 -15.44 6.97
C ASP C 190 38.58 -14.96 8.38
N ALA C 191 38.14 -13.74 8.70
CA ALA C 191 38.39 -13.14 10.01
C ALA C 191 37.64 -13.90 11.10
N VAL C 192 36.38 -14.24 10.83
CA VAL C 192 35.55 -14.95 11.79
C VAL C 192 36.15 -16.31 12.15
N LYS C 193 36.70 -16.98 11.15
CA LYS C 193 37.32 -18.29 11.36
C LYS C 193 38.65 -18.17 12.10
N LEU C 194 39.48 -17.23 11.66
CA LEU C 194 40.78 -17.00 12.28
C LEU C 194 40.63 -16.62 13.75
N VAL C 195 39.47 -16.09 14.10
CA VAL C 195 39.17 -15.73 15.48
C VAL C 195 38.75 -16.97 16.27
N MET C 196 38.01 -17.86 15.61
CA MET C 196 37.56 -19.10 16.22
C MET C 196 38.73 -20.05 16.44
N ASP C 197 39.79 -19.86 15.66
CA ASP C 197 40.98 -20.70 15.76
C ASP C 197 41.95 -20.20 16.82
N ASN C 198 42.35 -18.93 16.69
CA ASN C 198 43.29 -18.34 17.63
C ASN C 198 42.71 -17.09 18.31
N PRO C 199 41.99 -17.30 19.42
CA PRO C 199 41.39 -16.22 20.22
C PRO C 199 42.43 -15.21 20.69
N GLU C 200 43.68 -15.61 20.74
CA GLU C 200 44.75 -14.73 21.19
C GLU C 200 45.30 -13.88 20.04
N VAL C 201 44.51 -13.77 18.98
CA VAL C 201 44.90 -12.99 17.80
C VAL C 201 44.99 -11.51 18.13
N THR C 202 45.73 -10.78 17.31
CA THR C 202 45.89 -9.33 17.48
C THR C 202 45.17 -8.58 16.35
N THR C 203 45.14 -7.26 16.47
CA THR C 203 44.51 -6.43 15.44
C THR C 203 45.25 -6.56 14.11
N LYS C 204 46.58 -6.51 14.18
CA LYS C 204 47.42 -6.64 13.00
C LYS C 204 47.22 -8.00 12.34
N ASP C 205 46.97 -9.02 13.15
CA ASP C 205 46.74 -10.37 12.66
C ASP C 205 45.44 -10.44 11.88
N LEU C 206 44.39 -9.84 12.42
CA LEU C 206 43.08 -9.84 11.79
C LEU C 206 43.12 -9.11 10.45
N MET C 207 43.95 -8.08 10.36
CA MET C 207 44.06 -7.29 9.14
C MET C 207 44.83 -8.03 8.06
N GLU C 208 45.43 -9.16 8.43
CA GLU C 208 46.16 -10.00 7.48
C GLU C 208 45.19 -10.74 6.57
N VAL C 209 44.02 -11.07 7.12
CA VAL C 209 42.98 -11.75 6.35
C VAL C 209 41.95 -10.75 5.83
N LEU C 210 41.87 -9.61 6.50
CA LEU C 210 40.97 -8.54 6.10
C LEU C 210 41.72 -7.22 6.04
N PRO C 211 42.15 -6.82 4.82
CA PRO C 211 42.91 -5.59 4.60
C PRO C 211 42.15 -4.37 5.08
N GLY C 212 40.87 -4.30 4.75
CA GLY C 212 40.03 -3.17 5.15
C GLY C 212 38.68 -3.23 4.47
N PRO C 213 38.04 -2.07 4.30
CA PRO C 213 36.74 -1.96 3.64
C PRO C 213 36.80 -2.41 2.18
N ASP C 214 35.65 -2.77 1.63
CA ASP C 214 35.55 -3.13 0.22
C ASP C 214 34.25 -2.59 -0.35
N PHE C 215 34.24 -1.29 -0.65
CA PHE C 215 33.04 -0.61 -1.11
C PHE C 215 32.56 -1.13 -2.46
N PRO C 216 31.23 -1.23 -2.64
CA PRO C 216 30.59 -1.77 -3.83
C PRO C 216 30.86 -0.95 -5.08
N THR C 217 31.42 0.24 -4.92
CA THR C 217 31.76 1.09 -6.05
C THR C 217 33.21 0.89 -6.46
N GLY C 218 34.00 0.31 -5.56
CA GLY C 218 35.41 0.07 -5.81
C GLY C 218 36.28 1.21 -5.31
N ALA C 219 36.84 1.96 -6.25
CA ALA C 219 37.70 3.10 -5.93
C ALA C 219 38.93 2.68 -5.14
N LEU C 220 39.54 3.62 -4.43
CA LEU C 220 40.73 3.34 -3.66
C LEU C 220 40.70 4.01 -2.28
N VAL C 221 41.43 3.43 -1.34
CA VAL C 221 41.51 3.97 0.02
C VAL C 221 42.95 4.33 0.35
N MET C 222 43.25 5.63 0.36
CA MET C 222 44.60 6.11 0.63
C MET C 222 44.93 6.03 2.12
N GLY C 223 46.03 5.35 2.44
CA GLY C 223 46.46 5.21 3.81
C GLY C 223 45.90 3.95 4.47
N LYS C 224 46.57 3.49 5.51
CA LYS C 224 46.14 2.30 6.23
C LYS C 224 46.16 2.51 7.74
N SER C 225 46.77 3.61 8.16
CA SER C 225 46.90 3.93 9.58
C SER C 225 45.52 4.14 10.21
N GLY C 226 44.59 4.70 9.45
CA GLY C 226 43.25 4.93 9.93
C GLY C 226 42.44 3.64 10.04
N ILE C 227 42.75 2.69 9.17
CA ILE C 227 42.06 1.40 9.18
C ILE C 227 42.40 0.60 10.42
N HIS C 228 43.63 0.77 10.92
CA HIS C 228 44.07 0.08 12.12
C HIS C 228 43.39 0.66 13.36
N LYS C 229 43.44 1.98 13.49
CA LYS C 229 42.83 2.66 14.63
C LYS C 229 41.32 2.43 14.64
N ALA C 230 40.75 2.21 13.46
CA ALA C 230 39.31 1.95 13.35
C ALA C 230 38.96 0.57 13.89
N TYR C 231 39.72 -0.44 13.47
CA TYR C 231 39.47 -1.81 13.90
C TYR C 231 39.85 -2.04 15.36
N GLU C 232 40.72 -1.19 15.88
CA GLU C 232 41.21 -1.34 17.24
C GLU C 232 40.32 -0.63 18.26
N THR C 233 40.05 0.65 18.03
CA THR C 233 39.26 1.45 18.96
C THR C 233 37.78 1.48 18.60
N GLY C 234 37.48 1.29 17.32
CA GLY C 234 36.12 1.35 16.83
C GLY C 234 35.82 2.70 16.20
N LYS C 235 36.82 3.56 16.19
CA LYS C 235 36.69 4.90 15.61
C LYS C 235 37.95 5.29 14.86
N GLY C 236 37.78 6.00 13.74
CA GLY C 236 38.90 6.43 12.93
C GLY C 236 38.46 7.09 11.65
N SER C 237 39.43 7.49 10.83
CA SER C 237 39.13 8.16 9.57
C SER C 237 39.94 7.58 8.41
N ILE C 238 39.38 7.67 7.22
CA ILE C 238 40.06 7.17 6.03
C ILE C 238 39.74 8.04 4.82
N VAL C 239 40.64 8.04 3.84
CA VAL C 239 40.47 8.84 2.63
C VAL C 239 40.16 7.97 1.42
N LEU C 240 39.10 8.30 0.71
CA LEU C 240 38.69 7.53 -0.46
C LEU C 240 38.91 8.32 -1.75
N ARG C 241 39.71 7.76 -2.65
CA ARG C 241 40.01 8.40 -3.93
C ARG C 241 39.31 7.69 -5.08
N SER C 242 39.06 8.41 -6.17
CA SER C 242 38.40 7.86 -7.34
C SER C 242 39.41 7.25 -8.30
N ARG C 243 39.00 6.19 -8.99
CA ARG C 243 39.86 5.52 -9.96
C ARG C 243 39.82 6.25 -11.30
N THR C 244 40.92 6.93 -11.63
CA THR C 244 41.01 7.68 -12.88
C THR C 244 42.12 7.15 -13.76
N GLU C 245 42.15 7.62 -15.01
CA GLU C 245 43.16 7.19 -15.97
C GLU C 245 43.19 8.12 -17.18
N ILE C 256 41.45 12.94 -19.30
CA ILE C 256 41.20 12.50 -17.94
C ILE C 256 39.82 11.86 -17.82
N VAL C 257 39.79 10.57 -17.51
CA VAL C 257 38.54 9.83 -17.39
C VAL C 257 38.41 9.18 -16.01
N VAL C 258 37.27 9.39 -15.37
CA VAL C 258 36.99 8.80 -14.07
C VAL C 258 36.21 7.50 -14.24
N THR C 259 36.73 6.41 -13.69
CA THR C 259 36.13 5.10 -13.85
C THR C 259 35.32 4.67 -12.62
N GLU C 260 35.79 5.04 -11.44
CA GLU C 260 35.12 4.66 -10.20
C GLU C 260 35.10 5.79 -9.18
N PHE C 261 33.90 6.12 -8.70
CA PHE C 261 33.74 7.15 -7.69
C PHE C 261 33.68 6.53 -6.29
N PRO C 262 34.07 7.31 -5.28
CA PRO C 262 34.03 6.88 -3.87
C PRO C 262 32.61 6.55 -3.41
N TYR C 263 32.50 6.00 -2.20
CA TYR C 263 31.21 5.57 -1.66
C TYR C 263 30.27 6.74 -1.39
N MET C 264 28.98 6.53 -1.67
CA MET C 264 27.95 7.53 -1.42
C MET C 264 28.20 8.83 -2.16
N VAL C 265 28.81 8.72 -3.34
CA VAL C 265 29.11 9.90 -4.15
C VAL C 265 28.35 9.87 -5.47
N ASN C 266 27.60 10.92 -5.75
CA ASN C 266 26.82 11.01 -6.97
C ASN C 266 27.65 11.55 -8.14
N LYS C 267 27.67 10.80 -9.24
CA LYS C 267 28.42 11.21 -10.42
C LYS C 267 27.86 12.49 -11.02
N THR C 268 26.53 12.59 -11.05
CA THR C 268 25.86 13.78 -11.56
C THR C 268 26.19 14.99 -10.70
N LYS C 269 26.12 14.83 -9.38
CA LYS C 269 26.41 15.90 -8.44
C LYS C 269 27.84 16.39 -8.60
N VAL C 270 28.77 15.46 -8.78
CA VAL C 270 30.16 15.80 -9.01
C VAL C 270 30.30 16.54 -10.33
N HIS C 271 29.49 16.14 -11.31
CA HIS C 271 29.47 16.78 -12.61
C HIS C 271 28.98 18.22 -12.48
N GLU C 272 27.86 18.38 -11.78
CA GLU C 272 27.26 19.71 -11.58
C GLU C 272 28.20 20.62 -10.80
N HIS C 273 28.91 20.05 -9.82
CA HIS C 273 29.83 20.83 -9.00
C HIS C 273 31.10 21.16 -9.78
N ILE C 274 31.43 20.33 -10.76
CA ILE C 274 32.59 20.56 -11.60
C ILE C 274 32.32 21.72 -12.56
N VAL C 275 31.09 21.78 -13.05
CA VAL C 275 30.67 22.86 -13.94
C VAL C 275 30.65 24.20 -13.20
N ARG C 276 30.22 24.16 -11.95
CA ARG C 276 30.18 25.35 -11.11
C ARG C 276 31.58 25.86 -10.81
N LEU C 277 32.49 24.92 -10.55
CA LEU C 277 33.88 25.26 -10.26
C LEU C 277 34.59 25.72 -11.53
N VAL C 278 34.05 25.34 -12.69
CA VAL C 278 34.62 25.72 -13.97
C VAL C 278 34.22 27.14 -14.34
N GLN C 279 33.02 27.54 -13.93
CA GLN C 279 32.51 28.88 -14.20
C GLN C 279 32.75 29.81 -13.00
N GLU C 280 33.89 29.62 -12.34
CA GLU C 280 34.24 30.44 -11.18
C GLU C 280 35.72 30.77 -11.17
N LYS C 281 36.42 30.36 -12.23
CA LYS C 281 37.85 30.61 -12.36
C LYS C 281 38.65 29.94 -11.25
N ARG C 282 38.05 28.93 -10.61
CA ARG C 282 38.72 28.20 -9.54
C ARG C 282 39.51 27.02 -10.12
N ILE C 283 39.55 26.94 -11.44
CA ILE C 283 40.27 25.87 -12.12
C ILE C 283 40.26 26.07 -13.63
N GLU C 284 41.46 26.16 -14.22
CA GLU C 284 41.59 26.30 -15.66
C GLU C 284 41.63 24.92 -16.31
N GLY C 285 42.04 24.88 -17.57
CA GLY C 285 42.19 23.62 -18.29
C GLY C 285 40.87 22.92 -18.61
N ILE C 286 39.85 23.18 -17.80
CA ILE C 286 38.55 22.55 -17.95
C ILE C 286 37.92 22.89 -19.30
N THR C 287 38.41 22.24 -20.36
CA THR C 287 37.88 22.42 -21.69
C THR C 287 36.50 21.77 -21.80
N ALA C 288 36.37 20.58 -21.24
CA ALA C 288 35.12 19.85 -21.26
C ALA C 288 35.00 18.92 -20.05
N VAL C 289 33.79 18.44 -19.80
CA VAL C 289 33.55 17.52 -18.68
C VAL C 289 32.26 16.74 -18.92
N ARG C 290 32.34 15.72 -19.76
CA ARG C 290 31.16 14.94 -20.14
C ARG C 290 31.02 13.66 -19.31
N ASP C 291 29.87 13.02 -19.43
CA ASP C 291 29.60 11.77 -18.72
C ASP C 291 29.19 10.69 -19.70
N GLU C 292 30.18 9.98 -20.24
CA GLU C 292 29.93 8.93 -21.22
C GLU C 292 29.83 7.56 -20.57
N SER C 293 29.01 7.46 -19.52
CA SER C 293 28.80 6.20 -18.82
C SER C 293 27.66 5.41 -19.46
N ASN C 294 27.86 4.10 -19.60
CA ASN C 294 26.86 3.24 -20.23
C ASN C 294 26.12 2.36 -19.24
N ARG C 295 25.41 1.36 -19.76
CA ARG C 295 24.65 0.44 -18.93
C ARG C 295 25.52 -0.73 -18.44
N GLU C 296 26.82 -0.63 -18.69
CA GLU C 296 27.75 -1.66 -18.26
C GLU C 296 29.07 -1.04 -17.83
N GLY C 297 29.34 0.17 -18.32
CA GLY C 297 30.56 0.87 -17.99
C GLY C 297 30.31 2.33 -17.65
N VAL C 298 31.04 2.83 -16.66
CA VAL C 298 30.91 4.22 -16.24
C VAL C 298 32.17 5.01 -16.57
N ARG C 299 32.01 6.06 -17.38
CA ARG C 299 33.14 6.88 -17.82
C ARG C 299 32.88 8.36 -17.60
N PHE C 300 33.68 8.97 -16.73
CA PHE C 300 33.58 10.40 -16.47
C PHE C 300 34.75 11.13 -17.11
N VAL C 301 34.49 11.79 -18.24
CA VAL C 301 35.53 12.50 -18.97
C VAL C 301 35.66 13.94 -18.51
N ILE C 302 36.85 14.32 -18.05
CA ILE C 302 37.11 15.67 -17.58
C ILE C 302 37.97 16.44 -18.59
N ARG C 306 44.70 23.51 -24.50
CA ARG C 306 45.77 22.71 -23.92
C ARG C 306 46.56 23.51 -22.88
N ASP C 307 47.71 22.98 -22.48
CA ASP C 307 48.56 23.63 -21.49
C ASP C 307 47.85 23.79 -20.15
N ALA C 308 47.71 22.68 -19.42
CA ALA C 308 47.03 22.69 -18.13
C ALA C 308 47.63 21.65 -17.18
N SER C 309 48.49 20.79 -17.74
CA SER C 309 49.17 19.75 -16.96
C SER C 309 48.24 18.63 -16.49
N ALA C 310 46.97 18.97 -16.28
CA ALA C 310 45.97 17.99 -15.83
C ALA C 310 46.24 17.49 -14.41
N ASN C 311 47.47 17.03 -14.18
CA ASN C 311 47.87 16.53 -12.88
C ASN C 311 47.73 17.58 -11.79
N VAL C 312 47.79 18.85 -12.19
CA VAL C 312 47.58 19.96 -11.27
C VAL C 312 46.10 20.27 -11.12
N ILE C 313 45.36 20.11 -12.22
CA ILE C 313 43.91 20.34 -12.21
C ILE C 313 43.20 19.14 -11.60
N LEU C 314 43.69 17.94 -11.91
CA LEU C 314 43.12 16.72 -11.36
C LEU C 314 43.37 16.63 -9.86
N ASN C 315 44.56 17.05 -9.44
CA ASN C 315 44.90 17.07 -8.03
C ASN C 315 44.04 18.06 -7.26
N ASN C 316 43.65 19.14 -7.93
CA ASN C 316 42.78 20.14 -7.33
C ASN C 316 41.33 19.67 -7.26
N LEU C 317 40.90 18.94 -8.29
CA LEU C 317 39.54 18.42 -8.36
C LEU C 317 39.27 17.46 -7.22
N PHE C 318 40.28 16.68 -6.84
CA PHE C 318 40.15 15.71 -5.77
C PHE C 318 40.19 16.39 -4.40
N LYS C 319 40.86 17.54 -4.34
CA LYS C 319 41.03 18.26 -3.09
C LYS C 319 39.94 19.31 -2.88
N MET C 320 39.23 19.66 -3.94
CA MET C 320 38.19 20.68 -3.87
C MET C 320 36.79 20.09 -4.04
N THR C 321 36.62 19.22 -5.03
CA THR C 321 35.31 18.63 -5.30
C THR C 321 35.01 17.48 -4.34
N GLN C 322 34.34 16.45 -4.86
CA GLN C 322 33.98 15.30 -4.05
C GLN C 322 34.63 14.02 -4.59
N MET C 323 35.58 14.19 -5.51
CA MET C 323 36.28 13.06 -6.11
C MET C 323 37.08 12.32 -5.05
N GLN C 324 37.37 12.99 -3.95
CA GLN C 324 38.08 12.39 -2.83
C GLN C 324 37.42 12.78 -1.52
N THR C 325 36.71 11.82 -0.92
CA THR C 325 36.00 12.08 0.33
C THR C 325 36.68 11.39 1.51
N ASN C 326 36.28 11.77 2.72
CA ASN C 326 36.83 11.17 3.93
C ASN C 326 35.77 10.37 4.67
N PHE C 327 36.11 9.13 5.00
CA PHE C 327 35.19 8.24 5.70
C PHE C 327 35.55 8.10 7.16
N GLY C 328 34.63 8.50 8.05
CA GLY C 328 34.86 8.44 9.48
C GLY C 328 34.31 7.19 10.13
N PHE C 329 35.21 6.32 10.59
CA PHE C 329 34.81 5.10 11.28
C PHE C 329 34.13 5.40 12.60
N ASN C 330 32.94 4.85 12.80
CA ASN C 330 32.22 5.00 14.06
C ASN C 330 31.35 3.77 14.30
N MET C 331 32.00 2.62 14.46
CA MET C 331 31.31 1.34 14.61
C MET C 331 30.44 1.29 15.85
N LEU C 332 29.21 1.79 15.73
CA LEU C 332 28.24 1.75 16.81
C LEU C 332 27.11 0.80 16.47
N ALA C 333 26.76 -0.06 17.43
CA ALA C 333 25.68 -1.02 17.23
C ALA C 333 24.99 -1.35 18.54
N ILE C 334 23.90 -2.12 18.47
CA ILE C 334 23.17 -2.50 19.67
C ILE C 334 23.53 -3.91 20.12
N GLN C 335 24.24 -4.00 21.24
CA GLN C 335 24.62 -5.29 21.80
C GLN C 335 24.08 -5.43 23.22
N ASN C 336 23.23 -6.42 23.43
CA ASN C 336 22.60 -6.65 24.72
C ASN C 336 21.66 -5.53 25.13
N GLY C 337 20.97 -4.96 24.16
CA GLY C 337 19.97 -3.93 24.42
C GLY C 337 20.54 -2.53 24.54
N ILE C 338 21.86 -2.42 24.64
CA ILE C 338 22.51 -1.13 24.80
C ILE C 338 23.44 -0.81 23.64
N PRO C 339 23.46 0.46 23.21
CA PRO C 339 24.34 0.93 22.13
C PRO C 339 25.78 1.05 22.61
N LYS C 340 26.70 0.42 21.90
CA LYS C 340 28.10 0.43 22.30
C LYS C 340 29.04 0.63 21.12
N ILE C 341 30.11 1.39 21.34
CA ILE C 341 31.14 1.59 20.32
C ILE C 341 32.06 0.37 20.30
N LEU C 342 31.81 -0.52 19.35
CA LEU C 342 32.53 -1.79 19.29
C LEU C 342 33.74 -1.74 18.36
N SER C 343 34.72 -2.59 18.66
CA SER C 343 35.89 -2.74 17.78
C SER C 343 35.65 -3.90 16.82
N LEU C 344 36.63 -4.20 15.99
CA LEU C 344 36.52 -5.30 15.04
C LEU C 344 36.39 -6.64 15.75
N ARG C 345 37.22 -6.84 16.77
CA ARG C 345 37.19 -8.07 17.55
C ARG C 345 35.88 -8.21 18.31
N GLN C 346 35.41 -7.09 18.87
CA GLN C 346 34.15 -7.08 19.62
C GLN C 346 32.97 -7.45 18.73
N ILE C 347 33.03 -7.03 17.47
CA ILE C 347 31.96 -7.32 16.51
C ILE C 347 32.01 -8.78 16.06
N LEU C 348 33.23 -9.31 15.90
CA LEU C 348 33.41 -10.69 15.50
C LEU C 348 32.99 -11.65 16.60
N ASP C 349 33.33 -11.31 17.84
CA ASP C 349 32.94 -12.11 19.00
C ASP C 349 31.42 -12.13 19.14
N ALA C 350 30.80 -10.97 18.97
CA ALA C 350 29.35 -10.85 19.09
C ALA C 350 28.63 -11.65 18.01
N TYR C 351 29.29 -11.81 16.87
CA TYR C 351 28.71 -12.58 15.77
C TYR C 351 28.95 -14.07 15.94
N ILE C 352 30.17 -14.43 16.31
CA ILE C 352 30.53 -15.84 16.53
C ILE C 352 29.65 -16.47 17.62
N GLU C 353 29.37 -15.70 18.67
CA GLU C 353 28.53 -16.16 19.75
C GLU C 353 27.09 -16.36 19.28
N HIS C 354 26.61 -15.44 18.45
CA HIS C 354 25.27 -15.52 17.89
C HIS C 354 25.17 -16.71 16.94
N GLN C 355 26.28 -17.02 16.27
CA GLN C 355 26.31 -18.13 15.33
C GLN C 355 26.29 -19.46 16.06
N LYS C 356 26.86 -19.48 17.25
CA LYS C 356 26.88 -20.68 18.08
C LYS C 356 25.51 -20.95 18.67
N GLU C 357 24.81 -19.88 19.04
CA GLU C 357 23.48 -19.99 19.64
C GLU C 357 22.48 -20.57 18.65
N VAL C 358 22.62 -20.21 17.37
CA VAL C 358 21.71 -20.68 16.34
C VAL C 358 21.92 -22.15 16.01
N VAL C 359 23.17 -22.55 15.83
CA VAL C 359 23.51 -23.93 15.53
C VAL C 359 23.05 -24.86 16.65
N VAL C 360 23.33 -24.47 17.89
CA VAL C 360 22.89 -25.22 19.05
C VAL C 360 21.37 -25.31 19.10
N ARG C 361 20.72 -24.14 18.96
CA ARG C 361 19.27 -24.07 18.93
C ARG C 361 18.69 -24.93 17.81
N ARG C 362 19.28 -24.84 16.63
CA ARG C 362 18.86 -25.64 15.48
C ARG C 362 19.03 -27.13 15.77
N THR C 363 20.21 -27.49 16.28
CA THR C 363 20.53 -28.87 16.61
C THR C 363 19.57 -29.45 17.64
N ARG C 364 19.21 -28.64 18.64
CA ARG C 364 18.25 -29.04 19.65
C ARG C 364 16.87 -29.27 19.01
N PHE C 365 16.56 -28.45 18.01
CA PHE C 365 15.28 -28.52 17.32
C PHE C 365 15.15 -29.82 16.54
N ASP C 366 16.18 -30.15 15.76
CA ASP C 366 16.21 -31.40 15.02
C ASP C 366 16.23 -32.57 15.99
N LYS C 367 16.96 -32.39 17.09
CA LYS C 367 17.08 -33.39 18.14
C LYS C 367 15.72 -33.75 18.74
N GLU C 368 14.98 -32.74 19.18
CA GLU C 368 13.69 -32.95 19.81
C GLU C 368 12.66 -33.51 18.83
N LYS C 369 12.76 -33.11 17.58
CA LYS C 369 11.83 -33.57 16.55
C LYS C 369 12.06 -35.04 16.21
N ALA C 370 13.32 -35.41 16.00
CA ALA C 370 13.68 -36.78 15.66
C ALA C 370 13.28 -37.76 16.75
N GLU C 371 13.56 -37.40 18.00
CA GLU C 371 13.21 -38.25 19.14
C GLU C 371 11.71 -38.42 19.25
N ALA C 372 10.96 -37.34 19.00
CA ALA C 372 9.51 -37.38 19.04
C ALA C 372 8.97 -38.29 17.94
N ARG C 373 9.57 -38.20 16.76
CA ARG C 373 9.17 -39.03 15.63
C ARG C 373 9.42 -40.51 15.92
N ALA C 374 10.58 -40.80 16.50
CA ALA C 374 10.95 -42.17 16.83
C ALA C 374 9.99 -42.78 17.86
N HIS C 375 9.54 -41.96 18.80
CA HIS C 375 8.62 -42.41 19.84
C HIS C 375 7.30 -42.89 19.25
N ILE C 376 6.75 -42.10 18.33
CA ILE C 376 5.51 -42.45 17.65
C ILE C 376 5.75 -43.60 16.67
N LEU C 377 6.98 -43.67 16.15
CA LEU C 377 7.36 -44.74 15.24
C LEU C 377 7.43 -46.08 15.97
N GLU C 378 7.90 -46.04 17.21
CA GLU C 378 7.98 -47.24 18.04
C GLU C 378 6.59 -47.83 18.30
N GLY C 379 5.63 -46.95 18.55
CA GLY C 379 4.26 -47.36 18.81
C GLY C 379 3.62 -47.99 17.58
N LEU C 380 3.85 -47.38 16.43
CA LEU C 380 3.30 -47.88 15.17
C LEU C 380 3.81 -49.29 14.87
N LEU C 381 5.10 -49.53 15.10
CA LEU C 381 5.66 -50.86 14.93
C LEU C 381 5.01 -51.85 15.88
N ILE C 382 4.86 -51.45 17.14
CA ILE C 382 4.20 -52.28 18.13
C ILE C 382 2.77 -52.60 17.71
N ALA C 383 2.12 -51.61 17.10
CA ALA C 383 0.75 -51.79 16.62
C ALA C 383 0.71 -52.73 15.42
N LEU C 384 1.61 -52.52 14.48
CA LEU C 384 1.66 -53.32 13.26
C LEU C 384 1.99 -54.78 13.55
N ASP C 385 2.76 -55.01 14.62
CA ASP C 385 3.11 -56.37 15.04
C ASP C 385 1.89 -57.07 15.64
N HIS C 386 1.00 -56.28 16.24
CA HIS C 386 -0.19 -56.82 16.87
C HIS C 386 -1.44 -56.20 16.26
N ILE C 387 -1.42 -56.02 14.94
CA ILE C 387 -2.52 -55.39 14.22
C ILE C 387 -3.84 -56.12 14.43
N ASP C 388 -3.77 -57.43 14.69
CA ASP C 388 -4.97 -58.22 14.91
C ASP C 388 -5.69 -57.82 16.19
N GLU C 389 -4.95 -57.78 17.30
CA GLU C 389 -5.54 -57.44 18.59
C GLU C 389 -5.82 -55.95 18.71
N VAL C 390 -5.00 -55.13 18.05
CA VAL C 390 -5.20 -53.70 18.03
C VAL C 390 -6.55 -53.36 17.39
N ILE C 391 -6.86 -54.04 16.29
CA ILE C 391 -8.14 -53.88 15.62
C ILE C 391 -9.25 -54.45 16.49
N ARG C 392 -8.93 -55.52 17.22
CA ARG C 392 -9.89 -56.17 18.11
C ARG C 392 -10.26 -55.24 19.27
N ILE C 393 -9.28 -54.50 19.76
CA ILE C 393 -9.50 -53.55 20.85
C ILE C 393 -10.33 -52.36 20.38
N ILE C 394 -9.97 -51.82 19.23
CA ILE C 394 -10.66 -50.66 18.67
C ILE C 394 -12.08 -51.01 18.25
N ARG C 395 -12.24 -52.17 17.61
CA ARG C 395 -13.54 -52.60 17.10
C ARG C 395 -14.52 -52.88 18.23
N ALA C 396 -13.99 -53.32 19.37
CA ALA C 396 -14.82 -53.60 20.54
C ALA C 396 -14.89 -52.40 21.46
N SER C 397 -14.16 -51.34 21.11
CA SER C 397 -14.11 -50.13 21.90
C SER C 397 -15.46 -49.43 21.93
N GLU C 398 -15.84 -48.92 23.10
CA GLU C 398 -17.10 -48.21 23.26
C GLU C 398 -16.96 -46.77 22.76
N THR C 399 -15.81 -46.17 23.05
CA THR C 399 -15.53 -44.81 22.61
C THR C 399 -14.07 -44.70 22.18
N ASP C 400 -13.74 -43.62 21.49
CA ASP C 400 -12.36 -43.37 21.08
C ASP C 400 -11.49 -43.14 22.31
N ALA C 401 -12.10 -42.59 23.36
CA ALA C 401 -11.42 -42.38 24.63
C ALA C 401 -11.12 -43.72 25.29
N GLU C 402 -12.09 -44.64 25.21
CA GLU C 402 -11.91 -45.98 25.78
C GLU C 402 -10.94 -46.79 24.93
N ALA C 403 -11.00 -46.61 23.62
CA ALA C 403 -10.12 -47.33 22.70
C ALA C 403 -8.66 -46.96 22.94
N GLN C 404 -8.41 -45.70 23.29
CA GLN C 404 -7.06 -45.24 23.58
C GLN C 404 -6.57 -45.75 24.92
N ALA C 405 -7.47 -45.80 25.89
CA ALA C 405 -7.13 -46.26 27.24
C ALA C 405 -6.71 -47.73 27.23
N GLU C 406 -7.45 -48.54 26.49
CA GLU C 406 -7.16 -49.97 26.39
C GLU C 406 -5.83 -50.22 25.71
N LEU C 407 -5.58 -49.52 24.60
CA LEU C 407 -4.35 -49.68 23.85
C LEU C 407 -3.13 -49.27 24.69
N MET C 408 -3.32 -48.27 25.54
CA MET C 408 -2.25 -47.80 26.42
C MET C 408 -1.97 -48.78 27.54
N SER C 409 -3.03 -49.46 28.01
CA SER C 409 -2.91 -50.42 29.09
C SER C 409 -2.39 -51.76 28.60
N LYS C 410 -2.79 -52.15 27.39
CA LYS C 410 -2.40 -53.42 26.81
C LYS C 410 -0.94 -53.42 26.38
N PHE C 411 -0.62 -52.62 25.38
CA PHE C 411 0.72 -52.61 24.79
C PHE C 411 1.64 -51.61 25.48
N LYS C 412 1.18 -51.03 26.58
CA LYS C 412 1.97 -50.06 27.33
C LYS C 412 2.40 -48.88 26.47
N LEU C 413 1.43 -48.19 25.88
CA LEU C 413 1.71 -47.07 25.01
C LEU C 413 1.31 -45.74 25.64
N SER C 414 1.99 -44.67 25.26
CA SER C 414 1.67 -43.33 25.74
C SER C 414 0.40 -42.82 25.08
N GLU C 415 -0.04 -41.63 25.51
CA GLU C 415 -1.22 -41.01 24.94
C GLU C 415 -0.99 -40.70 23.46
N ARG C 416 0.16 -40.08 23.17
CA ARG C 416 0.52 -39.72 21.80
C ARG C 416 0.62 -40.93 20.90
N GLN C 417 1.33 -41.96 21.37
CA GLN C 417 1.51 -43.19 20.61
C GLN C 417 0.18 -43.86 20.28
N SER C 418 -0.70 -43.91 21.28
CA SER C 418 -2.02 -44.50 21.12
C SER C 418 -2.83 -43.72 20.07
N GLN C 419 -2.75 -42.40 20.13
CA GLN C 419 -3.43 -41.55 19.17
C GLN C 419 -2.86 -41.76 17.76
N ALA C 420 -1.54 -41.88 17.68
CA ALA C 420 -0.86 -42.09 16.41
C ALA C 420 -1.30 -43.40 15.77
N ILE C 421 -1.73 -44.34 16.61
CA ILE C 421 -2.20 -45.64 16.13
C ILE C 421 -3.65 -45.57 15.68
N LEU C 422 -4.47 -44.85 16.44
CA LEU C 422 -5.87 -44.67 16.11
C LEU C 422 -6.04 -43.90 14.81
N ASP C 423 -5.07 -43.03 14.52
CA ASP C 423 -5.10 -42.23 13.31
C ASP C 423 -4.29 -42.87 12.19
N MET C 424 -4.24 -44.20 12.19
CA MET C 424 -3.53 -44.94 11.16
C MET C 424 -4.46 -45.31 10.01
N ARG C 425 -4.08 -44.91 8.80
CA ARG C 425 -4.83 -45.26 7.61
C ARG C 425 -4.65 -46.75 7.30
N LEU C 426 -5.72 -47.38 6.82
CA LEU C 426 -5.71 -48.81 6.54
C LEU C 426 -4.65 -49.20 5.50
N ARG C 427 -4.39 -48.30 4.56
CA ARG C 427 -3.41 -48.54 3.51
C ARG C 427 -1.99 -48.59 4.08
N ARG C 428 -1.86 -48.32 5.36
CA ARG C 428 -0.58 -48.39 6.05
C ARG C 428 -0.42 -49.72 6.78
N LEU C 429 -1.45 -50.56 6.69
CA LEU C 429 -1.43 -51.87 7.35
C LEU C 429 -0.99 -52.96 6.38
N THR C 430 -0.30 -52.57 5.32
CA THR C 430 0.22 -53.51 4.35
C THR C 430 1.51 -54.14 4.85
N GLY C 431 2.06 -55.07 4.07
CA GLY C 431 3.28 -55.76 4.45
C GLY C 431 4.52 -54.90 4.38
N LEU C 432 4.73 -54.29 3.21
CA LEU C 432 5.93 -53.48 2.97
C LEU C 432 5.98 -52.24 3.83
N GLU C 433 4.87 -51.92 4.48
CA GLU C 433 4.78 -50.73 5.33
C GLU C 433 5.63 -50.85 6.58
N ARG C 434 5.55 -52.00 7.24
CA ARG C 434 6.31 -52.26 8.46
C ARG C 434 7.81 -52.08 8.25
N ASP C 435 8.34 -52.74 7.23
CA ASP C 435 9.77 -52.65 6.93
C ASP C 435 10.15 -51.22 6.54
N LYS C 436 9.17 -50.46 6.05
CA LYS C 436 9.41 -49.07 5.67
C LYS C 436 9.57 -48.19 6.89
N ILE C 437 8.83 -48.49 7.95
CA ILE C 437 8.88 -47.71 9.18
C ILE C 437 10.15 -48.01 9.96
N GLN C 438 10.55 -49.29 9.96
CA GLN C 438 11.78 -49.72 10.61
C GLN C 438 12.99 -49.02 9.99
N SER C 439 12.99 -48.91 8.67
CA SER C 439 14.07 -48.26 7.94
C SER C 439 14.18 -46.79 8.36
N GLU C 440 13.03 -46.12 8.46
CA GLU C 440 13.00 -44.73 8.89
C GLU C 440 13.40 -44.62 10.35
N TYR C 441 12.93 -45.56 11.16
CA TYR C 441 13.20 -45.55 12.59
C TYR C 441 14.69 -45.73 12.89
N ASP C 442 15.28 -46.75 12.29
CA ASP C 442 16.69 -47.06 12.50
C ASP C 442 17.60 -45.91 12.11
N ASP C 443 17.19 -45.15 11.09
CA ASP C 443 17.95 -44.00 10.64
C ASP C 443 17.90 -42.87 11.67
N LEU C 444 16.77 -42.76 12.36
CA LEU C 444 16.59 -41.70 13.35
C LEU C 444 17.51 -41.90 14.56
N LEU C 445 17.66 -43.15 14.99
CA LEU C 445 18.54 -43.48 16.11
C LEU C 445 19.96 -42.99 15.86
N ALA C 446 20.41 -43.08 14.61
CA ALA C 446 21.72 -42.58 14.24
C ALA C 446 21.71 -41.05 14.25
N LEU C 447 20.61 -40.47 13.78
CA LEU C 447 20.44 -39.03 13.76
C LEU C 447 20.41 -38.45 15.17
N ILE C 448 19.52 -38.98 16.00
CA ILE C 448 19.40 -38.56 17.39
C ILE C 448 20.73 -38.74 18.13
N ALA C 449 21.45 -39.80 17.79
CA ALA C 449 22.74 -40.08 18.40
C ALA C 449 23.80 -39.11 17.87
N ASP C 450 23.62 -38.66 16.64
CA ASP C 450 24.54 -37.72 16.03
C ASP C 450 24.34 -36.31 16.58
N LEU C 451 23.08 -35.89 16.66
CA LEU C 451 22.74 -34.57 17.19
C LEU C 451 23.10 -34.48 18.67
N ALA C 452 23.03 -35.60 19.37
CA ALA C 452 23.37 -35.65 20.79
C ALA C 452 24.85 -35.35 20.98
N ASP C 453 25.68 -35.89 20.09
CA ASP C 453 27.13 -35.70 20.19
C ASP C 453 27.49 -34.25 19.86
N ILE C 454 26.73 -33.65 18.96
CA ILE C 454 26.97 -32.26 18.55
C ILE C 454 26.70 -31.30 19.71
N LEU C 455 25.68 -31.59 20.49
CA LEU C 455 25.33 -30.77 21.65
C LEU C 455 26.26 -31.06 22.82
N ALA C 456 26.76 -32.29 22.86
CA ALA C 456 27.66 -32.71 23.94
C ALA C 456 29.08 -32.22 23.68
N LYS C 457 29.41 -32.05 22.40
CA LYS C 457 30.75 -31.60 22.00
C LYS C 457 30.70 -30.22 21.35
N PRO C 458 31.13 -29.19 22.09
CA PRO C 458 31.17 -27.81 21.58
C PRO C 458 32.10 -27.68 20.37
N GLU C 459 33.07 -28.59 20.27
CA GLU C 459 34.04 -28.55 19.19
C GLU C 459 33.40 -28.72 17.82
N ARG C 460 32.33 -29.52 17.77
CA ARG C 460 31.63 -29.78 16.52
C ARG C 460 30.79 -28.58 16.09
N VAL C 461 30.13 -27.95 17.06
CA VAL C 461 29.31 -26.78 16.79
C VAL C 461 30.16 -25.66 16.18
N SER C 462 31.41 -25.57 16.62
CA SER C 462 32.35 -24.61 16.08
C SER C 462 32.74 -24.99 14.66
N GLN C 463 32.89 -26.29 14.42
CA GLN C 463 33.25 -26.79 13.11
C GLN C 463 32.09 -26.62 12.12
N ILE C 464 30.88 -26.91 12.58
CA ILE C 464 29.68 -26.77 11.77
C ILE C 464 29.52 -25.33 11.29
N ILE C 465 29.86 -24.38 12.17
CA ILE C 465 29.78 -22.96 11.83
C ILE C 465 30.83 -22.61 10.76
N LYS C 466 32.06 -23.06 10.98
CA LYS C 466 33.14 -22.83 10.03
C LYS C 466 32.81 -23.41 8.66
N ASP C 467 32.45 -24.69 8.63
CA ASP C 467 32.15 -25.37 7.38
C ASP C 467 31.01 -24.71 6.61
N GLU C 468 29.98 -24.29 7.33
CA GLU C 468 28.83 -23.64 6.70
C GLU C 468 29.15 -22.21 6.26
N LEU C 469 30.17 -21.62 6.87
CA LEU C 469 30.62 -20.28 6.48
C LEU C 469 31.41 -20.34 5.18
N ASP C 470 32.32 -21.31 5.08
CA ASP C 470 33.11 -21.50 3.87
C ASP C 470 32.22 -21.82 2.69
N GLU C 471 31.06 -22.42 2.98
CA GLU C 471 30.09 -22.74 1.94
C GLU C 471 29.47 -21.47 1.39
N VAL C 472 29.23 -20.51 2.27
CA VAL C 472 28.69 -19.21 1.88
C VAL C 472 29.73 -18.40 1.12
N LYS C 473 30.97 -18.47 1.59
CA LYS C 473 32.08 -17.78 0.95
C LYS C 473 32.34 -18.36 -0.44
N ARG C 474 32.03 -19.65 -0.60
CA ARG C 474 32.27 -20.34 -1.86
C ARG C 474 31.16 -20.04 -2.86
N LYS C 475 29.98 -19.70 -2.34
CA LYS C 475 28.80 -19.51 -3.20
C LYS C 475 28.47 -18.05 -3.49
N PHE C 476 28.89 -17.14 -2.61
CA PHE C 476 28.46 -15.75 -2.73
C PHE C 476 29.56 -14.69 -2.67
N SER C 477 30.76 -15.10 -2.27
CA SER C 477 31.87 -14.16 -2.17
C SER C 477 32.32 -13.66 -3.55
N ASP C 478 32.75 -12.40 -3.60
CA ASP C 478 33.18 -11.81 -4.86
C ASP C 478 34.66 -11.44 -4.80
N LYS C 479 35.15 -10.85 -5.89
CA LYS C 479 36.53 -10.35 -5.93
C LYS C 479 36.59 -8.98 -5.28
N ARG C 480 37.73 -8.66 -4.67
CA ARG C 480 37.89 -7.38 -4.00
C ARG C 480 37.75 -6.21 -4.98
N ARG C 481 36.86 -5.28 -4.66
CA ARG C 481 36.57 -4.16 -5.54
C ARG C 481 37.43 -2.93 -5.22
N THR C 482 37.62 -2.68 -3.92
CA THR C 482 38.39 -1.52 -3.49
C THR C 482 39.86 -1.86 -3.31
N GLU C 483 40.72 -1.19 -4.09
CA GLU C 483 42.15 -1.38 -4.00
C GLU C 483 42.76 -0.45 -2.96
N LEU C 484 43.41 -1.02 -1.95
CA LEU C 484 44.03 -0.24 -0.90
C LEU C 484 45.39 0.30 -1.34
N MET C 485 45.72 1.51 -0.91
CA MET C 485 46.98 2.14 -1.28
C MET C 485 47.68 2.74 -0.07
N VAL C 486 48.89 3.27 -0.29
CA VAL C 486 49.67 3.88 0.78
C VAL C 486 50.32 5.17 0.32
N MET D 24 29.16 16.97 -31.22
CA MET D 24 28.88 16.77 -29.80
C MET D 24 29.00 18.07 -29.02
N LYS D 25 28.22 18.19 -27.95
CA LYS D 25 28.24 19.37 -27.12
C LYS D 25 29.48 19.40 -26.22
N SER D 26 29.53 20.38 -25.31
CA SER D 26 30.65 20.51 -24.41
C SER D 26 30.19 20.76 -22.98
N GLY D 27 28.88 20.92 -22.81
CA GLY D 27 28.31 21.16 -21.49
C GLY D 27 28.60 22.56 -20.98
N LEU D 28 28.46 22.73 -19.67
CA LEU D 28 28.73 24.02 -19.03
C LEU D 28 27.76 25.12 -19.48
N GLU D 29 26.76 24.73 -20.26
CA GLU D 29 25.78 25.69 -20.76
C GLU D 29 24.66 25.91 -19.74
N ILE D 30 23.42 25.85 -20.22
CA ILE D 30 22.27 26.05 -19.35
C ILE D 30 20.98 25.59 -20.02
N PRO D 34 14.90 22.18 -19.61
CA PRO D 34 13.90 21.86 -18.57
C PRO D 34 14.53 21.17 -17.37
N GLY D 35 13.82 21.17 -16.24
CA GLY D 35 14.29 20.49 -15.05
C GLY D 35 14.50 19.01 -15.30
N LYS D 36 13.53 18.39 -15.94
CA LYS D 36 13.65 17.00 -16.36
C LYS D 36 14.36 16.94 -17.71
N LEU D 37 13.97 15.98 -18.54
CA LEU D 37 14.52 15.87 -19.89
C LEU D 37 16.01 15.60 -19.89
N ALA D 38 16.39 14.33 -19.83
CA ALA D 38 17.80 13.94 -19.88
C ALA D 38 18.33 14.10 -21.30
N ASP D 39 19.00 15.22 -21.57
CA ASP D 39 19.51 15.51 -22.91
C ASP D 39 20.73 14.67 -23.25
N CYS D 40 20.98 14.51 -24.54
CA CYS D 40 22.11 13.71 -25.00
C CYS D 40 23.43 14.48 -24.90
N SER D 41 24.39 14.11 -25.74
CA SER D 41 25.71 14.74 -25.71
C SER D 41 26.11 15.32 -27.06
N SER D 42 25.29 15.08 -28.08
CA SER D 42 25.57 15.58 -29.43
C SER D 42 24.74 16.81 -29.76
N ASN D 43 25.26 17.63 -30.67
CA ASN D 43 24.56 18.83 -31.13
C ASN D 43 24.15 18.73 -32.59
N ASN D 44 23.95 17.50 -33.06
CA ASN D 44 23.53 17.26 -34.43
C ASN D 44 22.09 16.76 -34.52
N PRO D 45 21.15 17.68 -34.75
CA PRO D 45 19.71 17.37 -34.87
C PRO D 45 19.40 16.61 -36.16
N ALA D 46 20.30 15.73 -36.56
CA ALA D 46 20.08 14.89 -37.74
C ALA D 46 20.24 13.43 -37.37
N GLU D 47 20.87 13.18 -36.22
CA GLU D 47 21.04 11.83 -35.71
C GLU D 47 20.51 11.74 -34.29
N THR D 48 20.42 12.88 -33.62
CA THR D 48 19.90 12.94 -32.26
C THR D 48 18.43 12.60 -32.23
N GLU D 49 17.98 12.02 -31.12
CA GLU D 49 16.58 11.62 -30.97
C GLU D 49 16.04 11.94 -29.58
N LEU D 50 14.78 12.35 -29.53
CA LEU D 50 14.13 12.65 -28.25
C LEU D 50 12.99 11.67 -27.98
N PHE D 51 13.07 10.98 -26.84
CA PHE D 51 12.03 10.03 -26.46
C PHE D 51 11.04 10.63 -25.47
N ILE D 52 9.78 10.73 -25.90
CA ILE D 52 8.72 11.22 -25.02
C ILE D 52 8.02 10.04 -24.35
N VAL D 53 8.44 9.75 -23.12
CA VAL D 53 7.89 8.63 -22.37
C VAL D 53 6.99 9.15 -21.25
N GLU D 54 6.02 8.35 -20.84
CA GLU D 54 5.07 8.76 -19.80
C GLU D 54 5.53 8.40 -18.40
N GLY D 55 5.62 9.40 -17.53
CA GLY D 55 5.99 9.19 -16.15
C GLY D 55 7.49 9.08 -15.92
N ASP D 56 7.93 9.44 -14.71
CA ASP D 56 9.33 9.35 -14.35
C ASP D 56 9.71 7.90 -14.03
N SER D 57 8.69 7.08 -13.79
CA SER D 57 8.91 5.66 -13.54
C SER D 57 9.45 4.99 -14.80
N ALA D 58 8.93 5.41 -15.94
CA ALA D 58 9.39 4.91 -17.23
C ALA D 58 10.63 5.68 -17.67
N GLY D 59 10.74 6.93 -17.22
CA GLY D 59 11.86 7.79 -17.57
C GLY D 59 13.19 7.28 -17.03
N GLY D 60 13.16 6.77 -15.80
CA GLY D 60 14.35 6.25 -15.17
C GLY D 60 14.92 5.06 -15.91
N SER D 61 14.05 4.13 -16.29
CA SER D 61 14.46 2.93 -17.01
C SER D 61 15.00 3.27 -18.40
N ALA D 62 14.37 4.24 -19.04
CA ALA D 62 14.78 4.66 -20.38
C ALA D 62 16.06 5.49 -20.36
N LYS D 63 16.25 6.25 -19.28
CA LYS D 63 17.42 7.11 -19.15
C LYS D 63 18.65 6.32 -18.71
N SER D 64 18.43 5.17 -18.08
CA SER D 64 19.52 4.34 -17.58
C SER D 64 20.09 3.43 -18.66
N GLY D 65 19.69 3.67 -19.91
CA GLY D 65 20.16 2.89 -21.03
C GLY D 65 19.65 3.46 -22.35
N ARG D 66 20.14 4.64 -22.70
CA ARG D 66 19.64 5.36 -23.86
C ARG D 66 20.77 5.79 -24.79
N ASN D 67 22.01 5.49 -24.40
CA ASN D 67 23.17 5.95 -25.13
C ASN D 67 23.22 7.48 -25.14
N ARG D 68 23.71 8.06 -24.04
CA ARG D 68 23.73 9.51 -23.87
C ARG D 68 24.62 10.20 -24.90
N GLU D 69 24.24 10.08 -26.17
CA GLU D 69 24.99 10.70 -27.25
C GLU D 69 24.05 11.31 -28.28
N PHE D 70 23.14 10.49 -28.81
CA PHE D 70 22.17 10.97 -29.80
C PHE D 70 20.74 10.64 -29.41
N GLN D 71 20.52 10.33 -28.13
CA GLN D 71 19.19 10.01 -27.64
C GLN D 71 18.90 10.70 -26.31
N ALA D 72 17.88 11.55 -26.31
CA ALA D 72 17.46 12.24 -25.09
C ALA D 72 16.05 11.82 -24.71
N ILE D 73 15.77 11.80 -23.42
CA ILE D 73 14.45 11.40 -22.92
C ILE D 73 13.73 12.56 -22.24
N LEU D 74 12.40 12.55 -22.32
CA LEU D 74 11.59 13.60 -21.71
C LEU D 74 10.26 13.05 -21.20
N PRO D 75 10.11 12.96 -19.88
CA PRO D 75 8.91 12.43 -19.22
C PRO D 75 7.73 13.38 -19.36
N ILE D 76 6.58 12.84 -19.75
CA ILE D 76 5.34 13.61 -19.80
C ILE D 76 4.47 13.24 -18.61
N ARG D 77 4.57 14.02 -17.53
CA ARG D 77 3.86 13.72 -16.30
C ARG D 77 2.35 13.88 -16.45
N GLY D 78 1.63 12.79 -16.20
CA GLY D 78 0.17 12.81 -16.30
C GLY D 78 -0.31 12.73 -17.73
N LYS D 79 -1.61 12.95 -17.92
CA LYS D 79 -2.19 12.91 -19.26
C LYS D 79 -2.07 14.27 -19.95
N ILE D 80 -1.59 14.25 -21.18
CA ILE D 80 -1.44 15.48 -21.96
C ILE D 80 -2.81 16.11 -22.24
N LEU D 81 -2.83 17.42 -22.34
CA LEU D 81 -4.08 18.15 -22.57
C LEU D 81 -4.57 17.99 -24.00
N ASN D 82 -5.85 17.69 -24.16
CA ASN D 82 -6.46 17.58 -25.47
C ASN D 82 -6.62 18.97 -26.09
N VAL D 83 -5.75 19.29 -27.05
CA VAL D 83 -5.74 20.60 -27.66
C VAL D 83 -6.92 20.83 -28.60
N GLU D 84 -7.65 19.76 -28.91
CA GLU D 84 -8.78 19.84 -29.82
C GLU D 84 -10.08 20.17 -29.09
N LYS D 85 -9.98 20.45 -27.79
CA LYS D 85 -11.14 20.79 -26.98
C LYS D 85 -10.79 21.79 -25.90
N ALA D 86 -9.57 22.32 -25.95
CA ALA D 86 -9.09 23.24 -24.93
C ALA D 86 -8.96 24.67 -25.47
N SER D 87 -9.23 25.64 -24.63
CA SER D 87 -9.04 27.04 -24.98
C SER D 87 -7.55 27.31 -25.18
N MET D 88 -7.23 28.08 -26.22
CA MET D 88 -5.85 28.36 -26.57
C MET D 88 -5.10 29.05 -25.44
N ASP D 89 -5.85 29.62 -24.50
CA ASP D 89 -5.27 30.23 -23.31
C ASP D 89 -4.81 29.14 -22.35
N LYS D 90 -5.60 28.09 -22.24
CA LYS D 90 -5.25 26.95 -21.41
C LYS D 90 -4.12 26.15 -22.08
N ILE D 91 -4.13 26.16 -23.41
CA ILE D 91 -3.11 25.47 -24.19
C ILE D 91 -1.73 26.07 -23.97
N LEU D 92 -1.66 27.39 -23.99
CA LEU D 92 -0.40 28.10 -23.78
C LEU D 92 0.00 28.06 -22.30
N ALA D 93 -0.92 27.60 -21.46
CA ALA D 93 -0.70 27.57 -20.01
C ALA D 93 -0.15 26.24 -19.54
N ASN D 94 -0.50 25.17 -20.26
CA ASN D 94 -0.07 23.82 -19.89
C ASN D 94 1.44 23.67 -19.78
N GLU D 95 1.91 23.31 -18.59
CA GLU D 95 3.34 23.15 -18.34
C GLU D 95 3.94 22.01 -19.17
N GLU D 96 3.15 20.97 -19.40
CA GLU D 96 3.64 19.80 -20.13
C GLU D 96 3.93 20.13 -21.59
N ILE D 97 3.02 20.88 -22.22
CA ILE D 97 3.22 21.29 -23.60
C ILE D 97 4.38 22.28 -23.70
N ARG D 98 4.53 23.10 -22.67
CA ARG D 98 5.61 24.08 -22.62
C ARG D 98 6.97 23.39 -22.50
N SER D 99 6.98 22.21 -21.90
CA SER D 99 8.21 21.45 -21.72
C SER D 99 8.63 20.78 -23.03
N LEU D 100 7.65 20.23 -23.75
CA LEU D 100 7.92 19.55 -25.01
C LEU D 100 8.40 20.53 -26.08
N PHE D 101 7.75 21.69 -26.14
CA PHE D 101 8.14 22.72 -27.11
C PHE D 101 9.50 23.33 -26.75
N THR D 102 9.75 23.47 -25.46
CA THR D 102 11.02 24.01 -24.99
C THR D 102 12.16 23.05 -25.32
N ALA D 103 11.84 21.76 -25.35
CA ALA D 103 12.81 20.72 -25.68
C ALA D 103 13.19 20.79 -27.15
N MET D 104 12.18 20.72 -28.02
CA MET D 104 12.39 20.77 -29.46
C MET D 104 13.07 22.07 -29.88
N GLY D 105 12.64 23.17 -29.28
CA GLY D 105 13.20 24.47 -29.60
C GLY D 105 12.70 25.01 -30.93
N THR D 106 11.58 24.45 -31.40
CA THR D 106 10.99 24.85 -32.66
C THR D 106 10.33 26.22 -32.57
N GLY D 107 9.68 26.47 -31.44
CA GLY D 107 8.90 27.68 -31.27
C GLY D 107 7.44 27.34 -31.16
N PHE D 108 6.56 28.31 -31.44
CA PHE D 108 5.13 28.07 -31.39
C PHE D 108 4.37 29.10 -32.22
N GLY D 109 3.44 28.62 -33.03
CA GLY D 109 2.63 29.48 -33.87
C GLY D 109 3.44 30.26 -34.89
N ALA D 110 3.66 31.53 -34.61
CA ALA D 110 4.40 32.41 -35.53
C ALA D 110 5.91 32.20 -35.44
N GLU D 111 6.35 31.56 -34.37
CA GLU D 111 7.77 31.28 -34.19
C GLU D 111 8.12 29.88 -34.69
N PHE D 112 7.17 29.24 -35.35
CA PHE D 112 7.36 27.87 -35.85
C PHE D 112 8.52 27.78 -36.83
N ASP D 113 9.68 27.38 -36.32
CA ASP D 113 10.87 27.24 -37.15
C ASP D 113 11.36 25.80 -37.16
N VAL D 114 10.86 25.02 -38.11
CA VAL D 114 11.24 23.61 -38.23
C VAL D 114 12.70 23.47 -38.61
N SER D 115 13.30 24.57 -39.06
CA SER D 115 14.72 24.58 -39.42
C SER D 115 15.59 24.86 -38.20
N LYS D 116 15.01 24.70 -37.01
CA LYS D 116 15.74 24.93 -35.77
C LYS D 116 15.42 23.86 -34.74
N ALA D 117 14.80 22.77 -35.19
CA ALA D 117 14.47 21.66 -34.30
C ALA D 117 15.74 21.01 -33.76
N ARG D 118 15.77 20.79 -32.45
CA ARG D 118 16.95 20.21 -31.81
C ARG D 118 16.97 18.70 -31.94
N TYR D 119 15.96 18.14 -32.59
CA TYR D 119 15.87 16.70 -32.79
C TYR D 119 15.22 16.35 -34.13
N GLN D 120 15.78 15.36 -34.81
CA GLN D 120 15.23 14.91 -36.09
C GLN D 120 14.43 13.63 -35.91
N LYS D 121 14.21 13.24 -34.67
CA LYS D 121 13.48 12.02 -34.37
C LYS D 121 12.75 12.10 -33.04
N LEU D 122 11.48 12.48 -33.09
CA LEU D 122 10.64 12.55 -31.89
C LEU D 122 9.83 11.27 -31.75
N VAL D 123 10.31 10.35 -30.92
CA VAL D 123 9.65 9.07 -30.74
C VAL D 123 8.66 9.12 -29.56
N LEU D 124 7.43 8.70 -29.82
CA LEU D 124 6.43 8.62 -28.77
C LEU D 124 6.41 7.21 -28.18
N MET D 125 6.81 7.10 -26.92
CA MET D 125 6.92 5.79 -26.28
C MET D 125 5.98 5.66 -25.08
N THR D 126 4.71 5.46 -25.36
CA THR D 126 3.70 5.28 -24.32
C THR D 126 3.60 3.82 -23.92
N ASP D 127 3.03 3.57 -22.73
CA ASP D 127 2.91 2.20 -22.21
C ASP D 127 1.95 1.37 -23.06
N ALA D 128 2.06 0.05 -22.94
CA ALA D 128 1.28 -0.87 -23.75
C ALA D 128 -0.19 -0.94 -23.35
N ASP D 129 -0.48 -0.54 -22.11
CA ASP D 129 -1.86 -0.53 -21.63
C ASP D 129 -2.69 0.51 -22.37
N VAL D 130 -4.00 0.47 -22.16
CA VAL D 130 -4.91 1.37 -22.86
C VAL D 130 -4.64 2.84 -22.56
N ASP D 131 -4.35 3.13 -21.30
CA ASP D 131 -4.08 4.50 -20.86
C ASP D 131 -2.90 5.10 -21.63
N GLY D 132 -1.91 4.26 -21.92
CA GLY D 132 -0.78 4.67 -22.73
C GLY D 132 -1.23 4.92 -24.16
N ALA D 133 -2.15 4.10 -24.63
CA ALA D 133 -2.71 4.26 -25.97
C ALA D 133 -3.46 5.59 -26.07
N HIS D 134 -4.13 5.99 -25.00
CA HIS D 134 -4.85 7.25 -24.96
C HIS D 134 -3.88 8.42 -25.04
N ILE D 135 -2.76 8.32 -24.33
CA ILE D 135 -1.75 9.36 -24.34
C ILE D 135 -1.11 9.48 -25.72
N ARG D 136 -1.15 8.39 -26.47
CA ARG D 136 -0.65 8.40 -27.84
C ARG D 136 -1.53 9.25 -28.73
N THR D 137 -2.85 9.12 -28.56
CA THR D 137 -3.80 9.89 -29.34
C THR D 137 -3.75 11.37 -28.96
N LEU D 138 -3.57 11.65 -27.67
CA LEU D 138 -3.47 13.01 -27.19
C LEU D 138 -2.23 13.70 -27.75
N LEU D 139 -1.09 13.02 -27.64
CA LEU D 139 0.18 13.54 -28.15
C LEU D 139 0.14 13.73 -29.66
N LEU D 140 -0.58 12.87 -30.35
CA LEU D 140 -0.71 12.95 -31.80
C LEU D 140 -1.53 14.18 -32.20
N THR D 141 -2.61 14.43 -31.47
CA THR D 141 -3.46 15.59 -31.72
C THR D 141 -2.67 16.88 -31.48
N LEU D 142 -1.90 16.89 -30.39
CA LEU D 142 -1.05 18.03 -30.07
C LEU D 142 -0.01 18.27 -31.16
N ILE D 143 0.60 17.19 -31.62
CA ILE D 143 1.62 17.29 -32.67
C ILE D 143 1.00 17.67 -34.01
N TYR D 144 -0.16 17.10 -34.32
CA TYR D 144 -0.81 17.34 -35.60
C TYR D 144 -1.35 18.77 -35.71
N ARG D 145 -1.75 19.35 -34.58
CA ARG D 145 -2.39 20.65 -34.57
C ARG D 145 -1.40 21.81 -34.46
N TYR D 146 -0.41 21.66 -33.58
CA TYR D 146 0.50 22.77 -33.28
C TYR D 146 1.97 22.44 -33.60
N MET D 147 2.19 21.34 -34.30
CA MET D 147 3.53 20.96 -34.74
C MET D 147 3.48 20.21 -36.07
N LYS D 148 2.50 20.56 -36.89
CA LYS D 148 2.27 19.89 -38.18
C LYS D 148 3.49 19.86 -39.10
N PRO D 149 4.25 20.98 -39.16
CA PRO D 149 5.46 21.01 -39.97
C PRO D 149 6.45 19.91 -39.57
N ILE D 150 6.37 19.45 -38.33
CA ILE D 150 7.20 18.34 -37.87
C ILE D 150 6.70 17.01 -38.44
N LEU D 151 5.40 16.77 -38.30
CA LEU D 151 4.79 15.55 -38.81
C LEU D 151 4.85 15.50 -40.33
N GLU D 152 4.73 16.67 -40.95
CA GLU D 152 4.76 16.77 -42.41
C GLU D 152 6.16 16.50 -42.94
N ALA D 153 7.16 16.56 -42.06
CA ALA D 153 8.54 16.33 -42.44
C ALA D 153 9.00 14.93 -42.05
N GLY D 154 8.13 14.20 -41.35
CA GLY D 154 8.43 12.85 -40.95
C GLY D 154 9.46 12.75 -39.84
N TYR D 155 9.34 13.63 -38.85
CA TYR D 155 10.25 13.64 -37.70
C TYR D 155 9.66 12.86 -36.53
N VAL D 156 8.37 12.55 -36.62
CA VAL D 156 7.68 11.89 -35.52
C VAL D 156 7.58 10.37 -35.74
N TYR D 157 8.04 9.62 -34.76
CA TYR D 157 7.96 8.16 -34.81
C TYR D 157 7.19 7.62 -33.61
N ILE D 158 6.91 6.32 -33.64
CA ILE D 158 6.23 5.67 -32.53
C ILE D 158 6.95 4.37 -32.15
N ALA D 159 7.38 4.28 -30.90
CA ALA D 159 8.09 3.10 -30.41
C ALA D 159 7.20 1.86 -30.48
N GLN D 160 7.81 0.71 -30.71
CA GLN D 160 7.07 -0.54 -30.85
C GLN D 160 7.54 -1.58 -29.84
N PRO D 161 7.19 -1.39 -28.56
CA PRO D 161 7.53 -2.34 -27.50
C PRO D 161 6.86 -3.69 -27.71
N PRO D 162 7.55 -4.78 -27.34
CA PRO D 162 7.02 -6.15 -27.50
C PRO D 162 6.05 -6.51 -26.39
N MET D 211 10.30 -2.81 -16.40
CA MET D 211 11.34 -3.24 -17.33
C MET D 211 12.71 -2.71 -16.91
N ASP D 212 13.73 -3.53 -17.11
CA ASP D 212 15.09 -3.16 -16.73
C ASP D 212 15.69 -2.15 -17.72
N ASP D 213 16.93 -1.76 -17.47
CA ASP D 213 17.63 -0.81 -18.34
C ASP D 213 18.02 -1.48 -19.65
N HIS D 214 18.64 -2.66 -19.55
CA HIS D 214 19.03 -3.43 -20.72
C HIS D 214 17.81 -4.02 -21.41
N GLN D 215 16.69 -4.05 -20.68
CA GLN D 215 15.44 -4.58 -21.22
C GLN D 215 14.89 -3.66 -22.31
N LEU D 216 14.86 -2.36 -22.03
CA LEU D 216 14.34 -1.39 -22.99
C LEU D 216 15.37 -1.09 -24.08
N TRP D 217 16.64 -1.13 -23.72
CA TRP D 217 17.71 -0.84 -24.65
C TRP D 217 17.82 -1.91 -25.73
N GLU D 218 17.86 -3.17 -25.32
CA GLU D 218 18.02 -4.28 -26.25
C GLU D 218 16.71 -4.68 -26.92
N THR D 219 15.70 -3.83 -26.81
CA THR D 219 14.39 -4.16 -27.35
C THR D 219 13.78 -3.05 -28.21
N THR D 220 13.80 -1.82 -27.68
CA THR D 220 13.12 -0.71 -28.35
C THR D 220 14.01 0.50 -28.61
N MET D 221 15.09 0.62 -27.86
CA MET D 221 15.93 1.82 -27.94
C MET D 221 17.19 1.65 -28.79
N ASP D 222 17.43 0.42 -29.26
CA ASP D 222 18.62 0.14 -30.06
C ASP D 222 18.33 0.28 -31.56
N PRO D 223 19.01 1.23 -32.20
CA PRO D 223 18.84 1.51 -33.65
C PRO D 223 19.17 0.29 -34.50
N GLU D 224 20.20 -0.46 -34.13
CA GLU D 224 20.61 -1.66 -34.87
C GLU D 224 19.49 -2.69 -34.88
N HIS D 225 18.67 -2.67 -33.83
CA HIS D 225 17.51 -3.55 -33.74
C HIS D 225 16.23 -2.72 -33.69
N ARG D 226 15.32 -3.10 -32.81
CA ARG D 226 14.07 -2.38 -32.57
C ARG D 226 13.20 -2.22 -33.81
N LEU D 227 12.05 -1.58 -33.64
CA LEU D 227 11.12 -1.35 -34.74
C LEU D 227 10.38 -0.03 -34.53
N MET D 228 10.52 0.87 -35.50
CA MET D 228 9.88 2.18 -35.42
C MET D 228 8.65 2.27 -36.30
N ALA D 229 7.79 3.25 -36.01
CA ALA D 229 6.58 3.47 -36.80
C ALA D 229 6.50 4.93 -37.24
N ARG D 230 7.01 5.21 -38.44
CA ARG D 230 6.98 6.56 -38.98
C ARG D 230 5.55 7.03 -39.22
N VAL D 231 5.16 8.08 -38.51
CA VAL D 231 3.84 8.66 -38.66
C VAL D 231 3.75 9.47 -39.94
N SER D 232 2.91 9.01 -40.87
CA SER D 232 2.73 9.69 -42.14
C SER D 232 1.25 9.91 -42.45
N VAL D 233 0.91 11.15 -42.80
CA VAL D 233 -0.46 11.50 -43.11
C VAL D 233 -0.72 11.46 -44.60
N ASP D 234 -1.82 10.81 -45.00
CA ASP D 234 -2.19 10.72 -46.41
C ASP D 234 -3.03 11.93 -46.81
N ASP D 235 -4.32 11.85 -46.53
CA ASP D 235 -5.24 12.95 -46.84
C ASP D 235 -5.45 13.82 -45.60
N ALA D 236 -5.07 15.09 -45.70
CA ALA D 236 -5.21 16.02 -44.58
C ALA D 236 -6.67 16.23 -44.21
N ALA D 237 -7.53 16.18 -45.22
CA ALA D 237 -8.98 16.35 -45.00
C ALA D 237 -9.51 15.23 -44.12
N GLU D 238 -9.15 13.99 -44.45
CA GLU D 238 -9.54 12.84 -43.66
C GLU D 238 -8.91 12.92 -42.27
N ALA D 239 -7.67 13.40 -42.23
CA ALA D 239 -6.96 13.58 -40.97
C ALA D 239 -7.67 14.61 -40.09
N ASP D 240 -7.93 15.79 -40.65
CA ASP D 240 -8.62 16.85 -39.93
C ASP D 240 -9.99 16.39 -39.44
N LYS D 241 -10.62 15.51 -40.22
CA LYS D 241 -11.93 14.98 -39.87
C LYS D 241 -11.83 13.99 -38.71
N ILE D 242 -10.82 13.13 -38.76
CA ILE D 242 -10.62 12.10 -37.75
C ILE D 242 -10.43 12.69 -36.36
N PHE D 243 -9.50 13.64 -36.25
CA PHE D 243 -9.25 14.33 -34.99
C PHE D 243 -10.53 15.01 -34.48
N ASP D 244 -11.20 15.73 -35.38
CA ASP D 244 -12.43 16.45 -35.02
C ASP D 244 -13.52 15.50 -34.56
N MET D 245 -13.60 14.33 -35.20
CA MET D 245 -14.61 13.34 -34.85
C MET D 245 -14.31 12.68 -33.51
N LEU D 246 -13.10 12.16 -33.36
CA LEU D 246 -12.72 11.43 -32.16
C LEU D 246 -12.46 12.34 -30.96
N MET D 247 -11.49 13.24 -31.11
CA MET D 247 -11.08 14.11 -30.01
C MET D 247 -11.66 15.52 -30.11
N GLY D 248 -12.76 15.65 -30.85
CA GLY D 248 -13.42 16.93 -31.01
C GLY D 248 -14.36 17.24 -29.87
N ASP D 249 -15.09 18.35 -29.98
CA ASP D 249 -16.03 18.75 -28.95
C ASP D 249 -17.35 17.98 -29.04
N ARG D 250 -17.78 17.72 -30.26
CA ARG D 250 -19.02 16.98 -30.49
C ARG D 250 -18.92 15.56 -29.95
N VAL D 251 -19.76 15.24 -28.98
CA VAL D 251 -19.74 13.93 -28.34
C VAL D 251 -20.54 12.89 -29.10
N GLU D 252 -21.69 13.30 -29.64
CA GLU D 252 -22.57 12.40 -30.37
C GLU D 252 -21.86 11.70 -31.53
N PRO D 253 -21.17 12.47 -32.38
CA PRO D 253 -20.41 11.89 -33.49
C PRO D 253 -19.35 10.89 -33.00
N ARG D 254 -18.90 11.06 -31.76
CA ARG D 254 -17.89 10.18 -31.20
C ARG D 254 -18.50 8.85 -30.76
N ARG D 255 -19.60 8.91 -30.03
CA ARG D 255 -20.26 7.71 -29.53
C ARG D 255 -20.77 6.87 -30.69
N GLU D 256 -21.09 7.52 -31.80
CA GLU D 256 -21.53 6.83 -33.00
C GLU D 256 -20.38 6.00 -33.58
N PHE D 257 -19.19 6.60 -33.61
CA PHE D 257 -18.00 5.91 -34.09
C PHE D 257 -17.69 4.69 -33.23
N ILE D 258 -17.96 4.81 -31.94
CA ILE D 258 -17.77 3.69 -31.01
C ILE D 258 -18.76 2.58 -31.31
N GLU D 259 -20.02 2.97 -31.50
CA GLU D 259 -21.08 2.01 -31.81
C GLU D 259 -20.87 1.36 -33.17
N GLU D 260 -20.16 2.07 -34.05
CA GLU D 260 -19.91 1.57 -35.40
C GLU D 260 -18.70 0.65 -35.46
N ASN D 261 -17.51 1.22 -35.26
CA ASN D 261 -16.27 0.47 -35.34
C ASN D 261 -15.81 -0.07 -33.99
N ALA D 262 -16.48 -1.11 -33.51
CA ALA D 262 -16.13 -1.73 -32.24
C ALA D 262 -16.90 -3.03 -32.02
N VAL D 263 -16.16 -4.13 -31.93
CA VAL D 263 -16.77 -5.44 -31.68
C VAL D 263 -16.52 -5.88 -30.24
N TYR D 264 -17.59 -6.00 -29.47
CA TYR D 264 -17.49 -6.35 -28.06
C TYR D 264 -17.58 -7.85 -27.83
N SER D 265 -18.69 -8.45 -28.23
CA SER D 265 -18.89 -9.89 -28.05
C SER D 265 -19.10 -10.60 -29.38
C01 TR6 I . 3.33 14.64 5.42
C02 TR6 I . 2.40 15.19 6.30
C03 TR6 I . 2.47 14.90 7.65
F04 TR6 I . 1.61 15.42 8.47
C05 TR6 I . 3.46 14.06 8.13
C06 TR6 I . 4.38 13.51 7.26
F07 TR6 I . 5.35 12.69 7.72
C08 TR6 I . 4.32 13.80 5.89
N09 TR6 I . 5.23 13.25 5.04
C10 TR6 I . 6.01 14.12 4.36
N11 TR6 I . 5.89 15.45 4.55
C12 TR6 I . 6.64 16.36 3.90
N13 TR6 I . 6.38 17.75 4.26
C14 TR6 I . 5.51 18.07 5.36
C15 TR6 I . 5.17 19.51 5.11
C16 TR6 I . 6.22 20.51 5.42
N17 TR6 I . 5.80 21.92 5.71
C18 TR6 I . 6.03 20.03 4.01
C19 TR6 I . 6.88 18.89 3.53
C20 TR6 I . 7.60 15.92 3.00
C21 TR6 I . 7.75 14.54 2.78
C22 TR6 I . 6.95 13.64 3.46
C23 TR6 I . 7.07 12.27 3.26
C24 TR6 I . 6.25 11.39 3.98
C25 TR6 I . 5.32 11.93 4.87
C26 TR6 I . 6.30 9.89 3.85
O27 TR6 I . 5.53 9.17 4.52
O28 TR6 I . 7.12 9.37 3.07
O29 TR6 I . 7.92 11.89 2.47
F30 TR6 I . 8.38 16.76 2.33
H011 TR6 I . 3.28 14.84 4.47
H021 TR6 I . 1.70 15.78 5.95
H051 TR6 I . 3.51 13.87 9.06
H141 TR6 I . 6.01 17.99 6.22
H142 TR6 I . 4.72 17.52 5.37
H151 TR6 I . 4.21 19.81 5.02
H161 TR6 I . 6.99 20.16 5.88
H171 TR6 I . 5.91 22.09 6.61
H172 TR6 I . 4.91 22.02 5.49
H181 TR6 I . 5.63 20.68 3.39
H191 TR6 I . 7.82 19.07 3.77
H192 TR6 I . 6.80 18.77 2.54
H211 TR6 I . 8.42 14.22 2.14
H251 TR6 I . 4.73 11.33 5.38
MG MG J . 8.86 10.11 2.39
C01 TR6 K . 1.42 11.80 -11.32
C02 TR6 K . 2.33 11.74 -12.36
C03 TR6 K . 2.01 11.04 -13.52
F04 TR6 K . 2.87 11.00 -14.50
C05 TR6 K . 0.79 10.41 -13.63
C06 TR6 K . -0.12 10.47 -12.58
F07 TR6 K . -1.31 9.84 -12.68
C08 TR6 K . 0.20 11.17 -11.42
N09 TR6 K . -0.70 11.22 -10.40
C10 TR6 K . -1.16 12.45 -10.09
N11 TR6 K . -0.73 13.53 -10.76
C12 TR6 K . -1.13 14.79 -10.50
N13 TR6 K . -0.53 15.81 -11.37
C14 TR6 K . 0.65 15.46 -12.11
C15 TR6 K . 1.44 16.72 -12.18
C16 TR6 K . 0.95 17.79 -13.09
N17 TR6 K . 1.92 18.81 -13.57
C18 TR6 K . 0.60 17.83 -11.63
C19 TR6 K . -0.70 17.24 -11.18
C20 TR6 K . -2.05 14.99 -9.48
C21 TR6 K . -2.53 13.89 -8.76
C22 TR6 K . -2.07 12.61 -9.06
C23 TR6 K . -2.52 11.49 -8.36
C24 TR6 K . -2.03 10.22 -8.71
C25 TR6 K . -1.10 10.13 -9.75
C26 TR6 K . -2.43 8.95 -8.01
O27 TR6 K . -3.26 8.98 -7.09
O28 TR6 K . -1.97 7.84 -8.39
O29 TR6 K . -3.32 11.68 -7.46
F30 TR6 K . -2.52 16.19 -9.16
H011 TR6 K . 1.64 12.30 -10.50
H021 TR6 K . 3.19 12.20 -12.29
H051 TR6 K . 0.57 9.93 -14.43
H141 TR6 K . 0.41 15.18 -13.04
H142 TR6 K . 1.15 14.76 -11.67
H151 TR6 K . 2.38 16.77 -11.84
H161 TR6 K . 0.23 17.51 -13.68
H171 TR6 K . 1.58 19.22 -14.33
H172 TR6 K . 2.72 18.40 -13.78
H181 TR6 K . 1.06 18.54 -11.11
H191 TR6 K . -1.43 17.57 -11.74
H192 TR6 K . -0.89 17.44 -10.22
H211 TR6 K . -3.17 14.02 -8.03
H251 TR6 K . -0.74 9.25 -10.01
MG MG L . -4.65 10.37 -6.69
#